data_9HPJ
#
_entry.id   9HPJ
#
_cell.length_a   1.00
_cell.length_b   1.00
_cell.length_c   1.00
_cell.angle_alpha   90.00
_cell.angle_beta   90.00
_cell.angle_gamma   90.00
#
_symmetry.space_group_name_H-M   'P 1'
#
loop_
_entity.id
_entity.type
_entity.pdbx_description
1 polymer 'DNA damage-binding protein 1'
2 polymer 'Protein cereblon'
3 non-polymer 'ZINC ION'
4 non-polymer (3~{S})-3-[3-oxidanylidene-5-[8-(phenylcarbonyl)-2,8-diazaspiro[4.5]decan-2-yl]-1~{H}-isoindol-2-yl]piperidine-2,6-dione
#
loop_
_entity_poly.entity_id
_entity_poly.type
_entity_poly.pdbx_seq_one_letter_code
_entity_poly.pdbx_strand_id
1 'polypeptide(L)'
;MSYNYVVTAQKPTAVNGCVTGHFTSAEDLNLLIAKNTRLEIYVVTAEGLRPVKEVGMYGKIAVMELFRPKGESKDLLFIL
TAKYNACILEYKQSGESIDIITRAHGNVQDRIGRPSETGIIGIIDPECRMIGLRLYDGLFKVIPLDRDNKELKAFNIRLE
ELHVIDVKFLYGCQAPTICFVYQDPQGRHVKTYEVSLREKEFNKGPWKQENVEAEASMVIAVPEPFGGAIIIGQESITYH
NGDKYLAIAPPIIKQSTIVCHNRVDPNGSRYLLGDMEGRLFMLLLEKEEQMDGTVTLKDLRVELLGETSIAECLTYLDNG
VVFVGSRLGDSQLVKLNVDSNEQGSYVVAMETFTNLGPIVDMCVVDLERQGQGQLVTCSGAFKEGSLRIIRNGIGGNGNS
GEIQKLHIRTVPLYESPRKICYQEVSQCFGVLSSRIEVQDTSGGTTALRPSASTQALSSSVSSSKLFSSSTAPHETSFGE
EVEVHNLLIIDQHTFEVLHAHQFLQNEYALSLVSCKLGKDPNTYFIVGTAMVYPEEAEPKQGRIVVFQYSDGKLQTVAEK
EVKGAVYSMVEFNGKLLASINSTVRLYEWTTEKELRTECNHYNNIMALYLKTKGDFILVGDLMRSVLLLAYKPMEGNFEE
IARDFNPNWMSAVEILDDDNFLGAENAFNLFVCQKDSAATTDEERQHLQEVGLFHLGEFVNVFCHGSLVMQNLGETSTPT
QGSVLFGTVNGMIGLVTSLSESWYNLLLDMQNRLNKVIKSVGKIEHSFWRSFHTERKTEPATGFIDGDLIESFLDISRPK
MQEVVANLQYDDGSGMKREATADDLIKVVEELTRIH
;
A
2 'polypeptide(L)'
;GAKKPNIINFDTSLPTSHTYLGADMEEFHGRTLHDDDSCQVIPVLPQVMMILIPGQTLPLQLFHPQEVSMVRNLIQKDRT
FAVLAYSNVQEREAQFGTTAEIYAYREEQDFGIEIVKVKAIGRQRFKVLELRTQSDGIQQAKVQILPECVLPSTMSAVQL
ESLNKCQIFPSKPVSREDQCSYKWWQKYQKRKFHCANLTSWPRWLYSLYDAETLMDRIKKQLREWDENLKDDSLPSNPID
FSYRVAACLPIDDVLRIQLLKIGSAIQRLRCELDIMNKCTSLCCKQCQETEITTKNEIFSLSLCGPMAAYVNPHGYVHET
LTVYKACNLNLIGRPSTEHSWFPGYAWTVAQCKICASHIGWKFTATKKDMSPQKFWGLTRSALLPTIPDTEDEISPDKVI
LCL
;
B,C
#
loop_
_chem_comp.id
_chem_comp.type
_chem_comp.name
_chem_comp.formula
A1IW1 non-polymer (3~{S})-3-[3-oxidanylidene-5-[8-(phenylcarbonyl)-2,8-diazaspiro[4.5]decan-2-yl]-1~{H}-isoindol-2-yl]piperidine-2,6-dione 'C28 H30 N4 O4'
ZN non-polymer 'ZINC ION' 'Zn 2'
#
# COMPACT_ATOMS: atom_id res chain seq x y z
N SER A 2 -31.10 3.50 12.52
CA SER A 2 -31.27 2.87 13.82
C SER A 2 -31.37 3.92 14.92
N TYR A 3 -32.04 3.57 16.01
CA TYR A 3 -32.25 4.47 17.13
C TYR A 3 -31.77 3.76 18.39
N ASN A 4 -30.65 4.21 18.94
CA ASN A 4 -30.03 3.58 20.10
C ASN A 4 -30.02 4.54 21.27
N TYR A 5 -29.88 3.97 22.46
CA TYR A 5 -29.84 4.72 23.71
C TYR A 5 -28.70 4.16 24.56
N VAL A 6 -27.72 5.01 24.84
CA VAL A 6 -26.53 4.64 25.59
C VAL A 6 -26.59 5.31 26.96
N VAL A 7 -26.26 4.55 28.00
CA VAL A 7 -26.21 5.08 29.36
C VAL A 7 -25.02 4.45 30.07
N THR A 8 -24.59 5.09 31.16
CA THR A 8 -23.47 4.64 31.95
C THR A 8 -23.97 3.93 33.20
N ALA A 9 -23.70 2.63 33.33
CA ALA A 9 -24.06 1.91 34.53
C ALA A 9 -23.00 2.04 35.61
N GLN A 10 -21.73 2.13 35.22
CA GLN A 10 -20.62 2.34 36.14
C GLN A 10 -19.76 3.47 35.59
N LYS A 11 -19.53 4.50 36.40
CA LYS A 11 -18.70 5.61 35.98
C LYS A 11 -17.24 5.17 35.93
N PRO A 12 -16.40 5.89 35.17
CA PRO A 12 -14.98 5.50 35.10
C PRO A 12 -14.34 5.49 36.47
N THR A 13 -13.45 4.54 36.68
CA THR A 13 -12.74 4.38 37.94
C THR A 13 -11.24 4.58 37.84
N ALA A 14 -10.67 4.54 36.64
CA ALA A 14 -9.23 4.68 36.49
C ALA A 14 -8.82 6.14 36.66
N VAL A 15 -7.79 6.38 37.46
CA VAL A 15 -7.32 7.73 37.76
C VAL A 15 -6.28 8.11 36.71
N ASN A 16 -6.63 9.04 35.84
CA ASN A 16 -5.69 9.53 34.82
C ASN A 16 -4.95 10.78 35.25
N GLY A 17 -5.32 11.39 36.37
CA GLY A 17 -4.54 12.50 36.90
C GLY A 17 -4.99 12.92 38.29
N CYS A 18 -4.09 13.55 39.05
CA CYS A 18 -4.44 14.01 40.38
C CYS A 18 -3.49 15.13 40.78
N VAL A 19 -4.03 16.13 41.48
CA VAL A 19 -3.25 17.25 41.99
C VAL A 19 -3.76 17.58 43.39
N THR A 20 -2.98 18.41 44.10
CA THR A 20 -3.34 18.82 45.45
C THR A 20 -3.06 20.31 45.61
N GLY A 21 -3.96 21.01 46.29
CA GLY A 21 -3.81 22.43 46.45
C GLY A 21 -4.83 23.01 47.38
N HIS A 22 -5.05 24.32 47.25
CA HIS A 22 -6.06 25.05 48.02
C HIS A 22 -7.12 25.54 47.04
N PHE A 23 -8.10 24.67 46.77
CA PHE A 23 -9.12 24.94 45.77
C PHE A 23 -10.46 25.31 46.39
N THR A 24 -10.97 24.50 47.32
CA THR A 24 -12.27 24.76 47.91
C THR A 24 -12.23 25.98 48.83
N SER A 25 -11.17 26.13 49.62
CA SER A 25 -11.03 27.27 50.51
C SER A 25 -9.56 27.68 50.54
N ALA A 26 -9.25 28.72 51.32
CA ALA A 26 -7.89 29.19 51.47
C ALA A 26 -7.14 28.46 52.58
N GLU A 27 -7.83 27.67 53.41
CA GLU A 27 -7.21 26.95 54.50
C GLU A 27 -7.32 25.44 54.38
N ASP A 28 -8.42 24.92 53.85
CA ASP A 28 -8.55 23.49 53.65
C ASP A 28 -7.59 23.01 52.58
N LEU A 29 -7.05 21.80 52.77
CA LEU A 29 -6.20 21.17 51.77
C LEU A 29 -7.05 20.22 50.94
N ASN A 30 -6.95 20.35 49.62
CA ASN A 30 -7.85 19.69 48.69
C ASN A 30 -7.08 18.79 47.75
N LEU A 31 -7.68 17.65 47.44
CA LEU A 31 -7.15 16.69 46.47
C LEU A 31 -8.13 16.57 45.33
N LEU A 32 -7.67 16.88 44.12
CA LEU A 32 -8.50 16.86 42.92
C LEU A 32 -8.06 15.70 42.03
N ILE A 33 -9.01 14.86 41.64
CA ILE A 33 -8.73 13.64 40.88
C ILE A 33 -9.54 13.69 39.60
N ALA A 34 -8.86 13.62 38.46
CA ALA A 34 -9.50 13.45 37.16
C ALA A 34 -9.38 11.99 36.78
N LYS A 35 -10.51 11.29 36.70
CA LYS A 35 -10.50 9.88 36.36
C LYS A 35 -10.49 9.67 34.84
N ASN A 36 -11.60 9.95 34.18
CA ASN A 36 -11.57 10.16 32.73
C ASN A 36 -12.27 11.46 32.36
N THR A 37 -13.54 11.55 32.76
CA THR A 37 -14.35 12.74 32.57
C THR A 37 -14.93 13.24 33.87
N ARG A 38 -14.72 12.53 34.97
CA ARG A 38 -15.20 12.93 36.28
C ARG A 38 -14.10 13.67 37.02
N LEU A 39 -14.44 14.83 37.57
CA LEU A 39 -13.57 15.58 38.46
C LEU A 39 -14.08 15.35 39.88
N GLU A 40 -13.19 14.89 40.76
CA GLU A 40 -13.54 14.62 42.15
C GLU A 40 -12.71 15.51 43.06
N ILE A 41 -13.38 16.34 43.85
CA ILE A 41 -12.72 17.22 44.82
C ILE A 41 -12.98 16.64 46.20
N TYR A 42 -11.91 16.27 46.89
CA TYR A 42 -11.94 15.83 48.28
C TYR A 42 -11.19 16.85 49.13
N VAL A 43 -11.52 16.88 50.42
CA VAL A 43 -10.78 17.67 51.40
C VAL A 43 -9.89 16.73 52.20
N VAL A 44 -8.61 17.06 52.28
CA VAL A 44 -7.66 16.25 53.04
C VAL A 44 -7.86 16.53 54.53
N THR A 45 -8.09 15.48 55.30
CA THR A 45 -8.35 15.60 56.73
C THR A 45 -7.51 14.58 57.47
N ALA A 46 -7.41 14.79 58.79
CA ALA A 46 -6.65 13.85 59.62
C ALA A 46 -7.23 12.44 59.55
N GLU A 47 -8.54 12.33 59.33
CA GLU A 47 -9.20 11.03 59.27
C GLU A 47 -9.06 10.35 57.91
N GLY A 48 -8.50 11.04 56.92
CA GLY A 48 -8.44 10.51 55.57
C GLY A 48 -8.87 11.54 54.54
N LEU A 49 -9.93 11.23 53.80
CA LEU A 49 -10.47 12.13 52.78
C LEU A 49 -11.95 12.33 53.03
N ARG A 50 -12.44 13.54 52.75
CA ARG A 50 -13.85 13.88 52.86
C ARG A 50 -14.34 14.43 51.53
N PRO A 51 -15.04 13.62 50.71
CA PRO A 51 -15.41 14.09 49.37
C PRO A 51 -16.39 15.25 49.43
N VAL A 52 -15.98 16.40 48.91
CA VAL A 52 -16.83 17.57 48.88
C VAL A 52 -17.65 17.64 47.60
N LYS A 53 -17.08 17.28 46.45
CA LYS A 53 -17.89 17.36 45.24
C LYS A 53 -17.38 16.43 44.15
N GLU A 54 -18.30 16.10 43.24
CA GLU A 54 -17.99 15.34 42.04
C GLU A 54 -18.72 16.00 40.88
N VAL A 55 -18.01 16.22 39.78
CA VAL A 55 -18.53 16.94 38.63
C VAL A 55 -18.22 16.11 37.38
N GLY A 56 -19.06 16.27 36.36
CA GLY A 56 -18.85 15.63 35.08
C GLY A 56 -18.47 16.67 34.04
N MET A 57 -17.44 16.35 33.26
CA MET A 57 -16.99 17.21 32.18
C MET A 57 -17.48 16.68 30.84
N TYR A 58 -17.64 17.59 29.88
CA TYR A 58 -17.94 17.23 28.51
C TYR A 58 -16.64 17.07 27.71
N GLY A 59 -15.78 16.20 28.22
CA GLY A 59 -14.51 15.94 27.58
C GLY A 59 -13.57 15.12 28.44
N LYS A 60 -12.56 14.53 27.80
CA LYS A 60 -11.57 13.73 28.52
C LYS A 60 -10.51 14.67 29.08
N ILE A 61 -10.43 14.76 30.41
CA ILE A 61 -9.43 15.62 31.02
C ILE A 61 -8.05 15.12 30.65
N ALA A 62 -7.31 15.92 29.88
CA ALA A 62 -5.94 15.62 29.52
C ALA A 62 -4.91 16.40 30.32
N VAL A 63 -5.23 17.64 30.69
CA VAL A 63 -4.36 18.48 31.51
C VAL A 63 -5.18 19.03 32.66
N MET A 64 -4.59 19.04 33.85
CA MET A 64 -5.25 19.59 35.03
C MET A 64 -4.17 20.13 35.95
N GLU A 65 -4.24 21.42 36.27
CA GLU A 65 -3.25 22.04 37.13
C GLU A 65 -3.92 23.17 37.90
N LEU A 66 -3.52 23.33 39.16
CA LEU A 66 -3.99 24.43 39.99
C LEU A 66 -2.97 25.56 39.96
N PHE A 67 -3.46 26.79 40.08
CA PHE A 67 -2.59 27.96 40.09
C PHE A 67 -3.32 29.09 40.80
N ARG A 68 -2.54 30.05 41.29
CA ARG A 68 -3.08 31.18 42.04
C ARG A 68 -2.46 32.48 41.53
N PRO A 69 -3.09 33.13 40.57
CA PRO A 69 -2.58 34.42 40.10
C PRO A 69 -2.73 35.47 41.20
N LYS A 70 -1.92 36.52 41.09
CA LYS A 70 -1.92 37.56 42.11
C LYS A 70 -3.31 38.15 42.28
N GLY A 71 -3.73 38.30 43.53
CA GLY A 71 -5.03 38.86 43.86
C GLY A 71 -6.13 37.84 44.04
N GLU A 72 -5.87 36.56 43.75
CA GLU A 72 -6.88 35.51 43.89
C GLU A 72 -6.74 34.87 45.27
N SER A 73 -7.84 34.87 46.04
CA SER A 73 -7.79 34.35 47.40
C SER A 73 -7.46 32.87 47.43
N LYS A 74 -8.03 32.08 46.51
CA LYS A 74 -7.84 30.65 46.48
C LYS A 74 -7.57 30.21 45.05
N ASP A 75 -7.07 28.98 44.92
CA ASP A 75 -6.58 28.51 43.62
C ASP A 75 -7.71 28.42 42.60
N LEU A 76 -7.38 28.72 41.35
CA LEU A 76 -8.20 28.39 40.21
C LEU A 76 -7.70 27.07 39.61
N LEU A 77 -8.55 26.44 38.79
CA LEU A 77 -8.23 25.17 38.17
C LEU A 77 -8.27 25.32 36.66
N PHE A 78 -7.14 25.05 36.01
CA PHE A 78 -7.09 25.01 34.55
C PHE A 78 -7.26 23.57 34.10
N ILE A 79 -8.15 23.36 33.14
CA ILE A 79 -8.40 22.04 32.59
C ILE A 79 -8.37 22.14 31.07
N LEU A 80 -7.75 21.16 30.43
CA LEU A 80 -7.79 21.00 29.00
C LEU A 80 -8.35 19.61 28.70
N THR A 81 -9.16 19.51 27.65
CA THR A 81 -9.77 18.24 27.29
C THR A 81 -9.14 17.69 26.01
N ALA A 82 -9.38 16.42 25.75
CA ALA A 82 -8.75 15.75 24.62
C ALA A 82 -9.21 16.33 23.29
N LYS A 83 -10.31 17.08 23.27
CA LYS A 83 -10.75 17.82 22.09
C LYS A 83 -10.27 19.26 22.13
N TYR A 84 -9.39 19.61 23.06
CA TYR A 84 -8.74 20.92 23.13
C TYR A 84 -9.67 22.00 23.65
N ASN A 85 -10.67 21.64 24.45
CA ASN A 85 -11.44 22.63 25.19
C ASN A 85 -10.65 23.00 26.44
N ALA A 86 -10.33 24.28 26.58
CA ALA A 86 -9.57 24.78 27.71
C ALA A 86 -10.48 25.66 28.57
N CYS A 87 -10.36 25.52 29.88
CA CYS A 87 -11.21 26.26 30.79
C CYS A 87 -10.45 26.57 32.07
N ILE A 88 -10.75 27.72 32.65
CA ILE A 88 -10.27 28.12 33.97
C ILE A 88 -11.51 28.23 34.86
N LEU A 89 -11.52 27.49 35.96
CA LEU A 89 -12.69 27.30 36.79
C LEU A 89 -12.39 27.69 38.22
N GLU A 90 -13.44 28.14 38.92
CA GLU A 90 -13.34 28.56 40.30
C GLU A 90 -14.38 27.82 41.13
N TYR A 91 -14.06 27.59 42.41
CA TYR A 91 -14.95 26.88 43.32
C TYR A 91 -15.72 27.92 44.13
N LYS A 92 -16.99 28.09 43.81
CA LYS A 92 -17.87 29.05 44.47
C LYS A 92 -18.85 28.29 45.36
N GLN A 93 -18.93 28.71 46.63
CA GLN A 93 -19.83 28.09 47.59
C GLN A 93 -20.67 29.16 48.28
N SER A 94 -21.88 28.77 48.67
CA SER A 94 -22.73 29.60 49.50
C SER A 94 -23.68 28.67 50.25
N GLY A 95 -23.42 28.44 51.53
CA GLY A 95 -24.22 27.51 52.30
C GLY A 95 -24.01 26.08 51.84
N GLU A 96 -25.08 25.28 51.92
CA GLU A 96 -25.00 23.90 51.47
C GLU A 96 -24.93 23.78 49.95
N SER A 97 -25.10 24.89 49.22
CA SER A 97 -24.96 24.88 47.77
C SER A 97 -23.50 24.99 47.38
N ILE A 98 -23.10 24.20 46.39
CA ILE A 98 -21.77 24.28 45.80
C ILE A 98 -21.92 24.18 44.29
N ASP A 99 -21.16 25.00 43.56
CA ASP A 99 -21.12 24.94 42.12
C ASP A 99 -19.78 25.49 41.64
N ILE A 100 -19.47 25.20 40.38
CA ILE A 100 -18.19 25.54 39.79
C ILE A 100 -18.40 26.68 38.80
N ILE A 101 -17.79 27.82 39.08
CA ILE A 101 -17.81 28.96 38.16
C ILE A 101 -16.75 28.75 37.10
N THR A 102 -17.11 29.03 35.85
CA THR A 102 -16.14 29.01 34.75
C THR A 102 -15.60 30.43 34.59
N ARG A 103 -14.39 30.66 35.10
CA ARG A 103 -13.79 31.99 35.01
C ARG A 103 -13.40 32.33 33.58
N ALA A 104 -13.04 31.32 32.78
CA ALA A 104 -12.73 31.56 31.39
C ALA A 104 -12.81 30.25 30.64
N HIS A 105 -12.92 30.34 29.31
CA HIS A 105 -13.00 29.12 28.50
C HIS A 105 -12.74 29.45 27.04
N GLY A 106 -12.46 28.41 26.28
CA GLY A 106 -12.20 28.54 24.86
C GLY A 106 -11.80 27.21 24.27
N ASN A 107 -11.52 27.23 22.98
CA ASN A 107 -10.97 26.08 22.27
C ASN A 107 -9.64 26.50 21.66
N VAL A 108 -8.60 25.71 21.92
CA VAL A 108 -7.23 26.10 21.61
C VAL A 108 -6.63 25.16 20.58
N GLN A 109 -7.46 24.67 19.66
CA GLN A 109 -6.99 23.82 18.58
C GLN A 109 -6.42 24.65 17.45
N ASP A 110 -5.53 24.05 16.66
CA ASP A 110 -5.01 24.62 15.45
C ASP A 110 -5.57 23.86 14.26
N ARG A 111 -6.11 24.59 13.28
CA ARG A 111 -6.79 23.95 12.15
C ARG A 111 -5.83 23.09 11.31
N ILE A 112 -4.53 23.38 11.35
CA ILE A 112 -3.54 22.56 10.68
C ILE A 112 -2.42 22.25 11.66
N GLY A 113 -1.67 21.19 11.35
CA GLY A 113 -0.62 20.73 12.21
C GLY A 113 -0.82 19.29 12.65
N ARG A 114 0.22 18.68 13.19
CA ARG A 114 0.18 17.28 13.57
C ARG A 114 0.27 17.14 15.08
N PRO A 115 -0.64 16.40 15.73
CA PRO A 115 -0.49 16.18 17.16
C PRO A 115 0.81 15.45 17.46
N SER A 116 1.44 15.83 18.58
CA SER A 116 2.70 15.23 18.95
C SER A 116 2.56 13.71 19.07
N GLU A 117 3.70 13.03 18.99
CA GLU A 117 3.77 11.62 19.33
C GLU A 117 4.14 11.40 20.79
N THR A 118 4.51 12.45 21.51
CA THR A 118 4.69 12.41 22.95
C THR A 118 3.45 12.88 23.69
N GLY A 119 2.47 13.44 23.00
CA GLY A 119 1.20 13.77 23.61
C GLY A 119 1.11 15.20 24.10
N ILE A 120 -0.09 15.55 24.55
CA ILE A 120 -0.36 16.90 25.05
C ILE A 120 0.45 17.15 26.31
N ILE A 121 1.17 18.26 26.34
CA ILE A 121 1.90 18.68 27.54
C ILE A 121 1.41 20.06 27.94
N GLY A 122 1.13 20.24 29.22
CA GLY A 122 0.66 21.52 29.71
C GLY A 122 1.36 21.94 30.98
N ILE A 123 1.68 23.22 31.10
CA ILE A 123 2.44 23.74 32.24
C ILE A 123 1.99 25.16 32.53
N ILE A 124 2.26 25.61 33.75
CA ILE A 124 1.91 26.96 34.20
C ILE A 124 3.14 27.60 34.83
N ASP A 125 3.44 28.82 34.42
CA ASP A 125 4.59 29.54 34.98
C ASP A 125 4.37 29.76 36.47
N PRO A 126 5.42 29.62 37.30
CA PRO A 126 5.22 29.81 38.74
C PRO A 126 4.64 31.16 39.11
N GLU A 127 4.97 32.21 38.37
CA GLU A 127 4.41 33.53 38.60
C GLU A 127 3.09 33.74 37.86
N CYS A 128 2.56 32.70 37.23
CA CYS A 128 1.24 32.74 36.60
C CYS A 128 1.15 33.79 35.50
N ARG A 129 2.28 34.11 34.88
CA ARG A 129 2.30 35.06 33.78
C ARG A 129 1.78 34.47 32.48
N MET A 130 1.64 33.15 32.38
CA MET A 130 1.04 32.54 31.19
C MET A 130 0.84 31.06 31.45
N ILE A 131 0.23 30.39 30.47
CA ILE A 131 0.05 28.94 30.46
C ILE A 131 0.63 28.42 29.16
N GLY A 132 1.49 27.42 29.25
CA GLY A 132 2.17 26.91 28.07
C GLY A 132 1.75 25.50 27.70
N LEU A 133 1.39 25.31 26.44
CA LEU A 133 0.94 24.02 25.95
C LEU A 133 1.80 23.56 24.77
N ARG A 134 1.93 22.25 24.65
CA ARG A 134 2.64 21.60 23.55
C ARG A 134 1.69 20.54 23.03
N LEU A 135 1.06 20.84 21.89
CA LEU A 135 0.05 20.00 21.28
C LEU A 135 0.47 19.45 19.93
N TYR A 136 1.16 20.25 19.11
CA TYR A 136 1.61 19.84 17.80
C TYR A 136 3.12 20.03 17.69
N ASP A 137 3.73 19.27 16.78
CA ASP A 137 5.17 19.33 16.63
C ASP A 137 5.61 20.69 16.09
N GLY A 138 6.60 21.30 16.74
CA GLY A 138 7.17 22.53 16.29
C GLY A 138 6.48 23.80 16.74
N LEU A 139 5.34 23.69 17.41
CA LEU A 139 4.58 24.85 17.86
C LEU A 139 4.39 24.79 19.36
N PHE A 140 4.71 25.89 20.04
CA PHE A 140 4.52 26.03 21.48
C PHE A 140 3.46 27.10 21.70
N LYS A 141 2.33 26.72 22.27
CA LYS A 141 1.18 27.61 22.38
C LYS A 141 1.20 28.30 23.74
N VAL A 142 1.20 29.63 23.72
CA VAL A 142 1.20 30.44 24.94
C VAL A 142 -0.18 31.06 25.09
N ILE A 143 -0.76 30.92 26.28
CA ILE A 143 -2.01 31.57 26.66
C ILE A 143 -1.65 32.63 27.71
N PRO A 144 -1.66 33.92 27.37
CA PRO A 144 -1.49 34.94 28.40
C PRO A 144 -2.59 34.85 29.45
N LEU A 145 -2.21 35.12 30.69
CA LEU A 145 -3.09 34.90 31.83
C LEU A 145 -3.58 36.20 32.45
N ASP A 146 -3.55 37.31 31.71
CA ASP A 146 -4.16 38.54 32.19
C ASP A 146 -5.67 38.37 32.27
N ARG A 147 -6.29 39.10 33.20
CA ARG A 147 -7.70 38.86 33.49
C ARG A 147 -8.62 39.23 32.34
N ASP A 148 -8.12 39.95 31.34
CA ASP A 148 -8.95 40.28 30.18
C ASP A 148 -8.99 39.17 29.14
N ASN A 149 -8.28 38.07 29.36
CA ASN A 149 -8.24 36.95 28.41
C ASN A 149 -9.32 35.92 28.73
N LYS A 150 -10.57 36.37 28.87
CA LYS A 150 -11.66 35.45 29.17
C LYS A 150 -11.96 34.49 28.02
N GLU A 151 -11.43 34.75 26.83
CA GLU A 151 -11.60 33.85 25.69
C GLU A 151 -10.39 32.96 25.47
N LEU A 152 -9.41 32.99 26.37
CA LEU A 152 -8.16 32.23 26.25
C LEU A 152 -7.60 32.35 24.83
N LYS A 153 -7.32 33.58 24.44
CA LYS A 153 -6.60 33.82 23.20
C LYS A 153 -5.15 33.38 23.36
N ALA A 154 -4.68 32.56 22.43
CA ALA A 154 -3.38 31.92 22.52
C ALA A 154 -2.63 32.09 21.21
N PHE A 155 -1.31 32.28 21.31
CA PHE A 155 -0.47 32.43 20.14
C PHE A 155 0.62 31.36 20.12
N ASN A 156 0.95 30.90 18.93
CA ASN A 156 1.98 29.89 18.76
C ASN A 156 3.36 30.53 18.63
N ILE A 157 4.38 29.75 18.94
CA ILE A 157 5.77 30.11 18.70
C ILE A 157 6.44 28.92 18.05
N ARG A 158 7.27 29.19 17.04
CA ARG A 158 7.93 28.10 16.34
C ARG A 158 9.06 27.53 17.19
N LEU A 159 9.01 26.22 17.42
CA LEU A 159 10.09 25.51 18.09
C LEU A 159 10.97 24.86 17.02
N GLU A 160 12.26 25.21 17.04
CA GLU A 160 13.17 24.65 16.05
C GLU A 160 13.44 23.18 16.29
N GLU A 161 13.32 22.73 17.54
CA GLU A 161 13.49 21.32 17.88
C GLU A 161 12.13 20.64 17.79
N LEU A 162 11.97 19.77 16.79
CA LEU A 162 10.69 19.10 16.61
C LEU A 162 10.41 18.12 17.75
N HIS A 163 11.37 17.26 18.06
CA HIS A 163 11.14 16.15 18.98
C HIS A 163 11.45 16.60 20.41
N VAL A 164 10.44 17.19 21.03
CA VAL A 164 10.54 17.60 22.43
C VAL A 164 10.02 16.46 23.30
N ILE A 165 10.76 16.12 24.35
CA ILE A 165 10.40 15.02 25.23
C ILE A 165 9.55 15.54 26.38
N ASP A 166 10.14 16.42 27.20
CA ASP A 166 9.45 17.01 28.33
C ASP A 166 9.85 18.47 28.43
N VAL A 167 9.01 19.26 29.09
CA VAL A 167 9.24 20.69 29.25
C VAL A 167 8.69 21.12 30.60
N LYS A 168 9.31 22.14 31.17
CA LYS A 168 8.87 22.68 32.45
C LYS A 168 9.20 24.17 32.48
N PHE A 169 8.54 24.88 33.40
CA PHE A 169 8.85 26.27 33.69
C PHE A 169 9.80 26.32 34.87
N LEU A 170 10.92 27.03 34.72
CA LEU A 170 11.92 27.09 35.76
C LEU A 170 11.55 28.11 36.83
N TYR A 171 11.83 27.78 38.08
CA TYR A 171 11.65 28.70 39.19
C TYR A 171 12.81 29.68 39.27
N GLY A 172 12.62 30.72 40.08
CA GLY A 172 13.68 31.69 40.32
C GLY A 172 14.15 32.38 39.05
N CYS A 173 13.25 32.68 38.14
CA CYS A 173 13.57 33.38 36.90
C CYS A 173 12.70 34.63 36.80
N GLN A 174 13.35 35.77 36.58
CA GLN A 174 12.61 37.02 36.39
C GLN A 174 11.97 37.07 35.01
N ALA A 175 12.44 36.27 34.06
CA ALA A 175 11.84 36.17 32.75
C ALA A 175 11.30 34.75 32.56
N PRO A 176 10.02 34.59 32.21
CA PRO A 176 9.46 33.23 32.06
C PRO A 176 10.32 32.32 31.21
N THR A 177 10.88 31.28 31.83
CA THR A 177 11.86 30.41 31.20
C THR A 177 11.31 28.99 31.13
N ILE A 178 11.45 28.36 29.97
CA ILE A 178 11.10 26.96 29.79
C ILE A 178 12.37 26.15 29.58
N CYS A 179 12.53 25.10 30.36
CA CYS A 179 13.61 24.13 30.21
C CYS A 179 13.02 22.83 29.66
N PHE A 180 13.56 22.35 28.55
CA PHE A 180 12.98 21.19 27.89
C PHE A 180 14.08 20.27 27.37
N VAL A 181 13.72 19.00 27.24
CA VAL A 181 14.62 17.95 26.75
C VAL A 181 14.14 17.53 25.37
N TYR A 182 15.04 17.48 24.40
CA TYR A 182 14.68 17.15 23.04
C TYR A 182 15.71 16.19 22.44
N GLN A 183 15.29 15.51 21.37
CA GLN A 183 16.10 14.47 20.75
C GLN A 183 16.35 14.82 19.28
N ASP A 184 17.58 14.55 18.85
CA ASP A 184 18.05 14.82 17.49
C ASP A 184 18.97 13.65 17.12
N PRO A 185 19.45 13.54 15.87
CA PRO A 185 20.39 12.46 15.58
C PRO A 185 21.68 12.56 16.38
N GLN A 186 21.98 13.72 16.96
CA GLN A 186 23.13 13.85 17.84
C GLN A 186 22.91 13.19 19.20
N GLY A 187 21.66 12.94 19.59
CA GLY A 187 21.36 12.38 20.89
C GLY A 187 20.19 13.08 21.57
N ARG A 188 20.34 13.39 22.85
CA ARG A 188 19.31 14.09 23.62
C ARG A 188 19.96 15.22 24.39
N HIS A 189 19.34 16.41 24.34
CA HIS A 189 19.89 17.61 24.92
C HIS A 189 18.85 18.35 25.73
N VAL A 190 19.30 18.99 26.80
CA VAL A 190 18.52 19.96 27.54
C VAL A 190 18.75 21.33 26.92
N LYS A 191 17.70 22.14 26.88
CA LYS A 191 17.78 23.46 26.29
C LYS A 191 16.77 24.36 26.99
N THR A 192 17.15 25.60 27.24
CA THR A 192 16.28 26.55 27.91
C THR A 192 16.02 27.75 27.01
N TYR A 193 14.78 28.20 27.00
CA TYR A 193 14.35 29.40 26.31
C TYR A 193 13.72 30.34 27.31
N GLU A 194 13.64 31.61 26.95
CA GLU A 194 12.81 32.58 27.65
C GLU A 194 11.65 32.98 26.75
N VAL A 195 10.52 33.31 27.37
CA VAL A 195 9.29 33.61 26.64
C VAL A 195 8.98 35.09 26.82
N SER A 196 8.74 35.79 25.72
CA SER A 196 8.37 37.20 25.75
C SER A 196 6.95 37.34 25.21
N LEU A 197 6.03 37.75 26.08
CA LEU A 197 4.66 38.05 25.64
C LEU A 197 4.61 39.35 24.87
N ARG A 198 5.42 40.34 25.25
CA ARG A 198 5.44 41.60 24.53
C ARG A 198 5.86 41.41 23.09
N GLU A 199 6.97 40.71 22.87
CA GLU A 199 7.45 40.40 21.52
C GLU A 199 6.88 39.10 20.99
N LYS A 200 6.14 38.34 21.81
CA LYS A 200 5.51 37.11 21.40
C LYS A 200 6.50 36.14 20.75
N GLU A 201 7.60 35.86 21.45
CA GLU A 201 8.57 34.92 20.87
C GLU A 201 9.59 34.51 21.92
N PHE A 202 10.47 33.60 21.50
CA PHE A 202 11.50 33.01 22.34
C PHE A 202 12.77 33.86 22.32
N ASN A 203 13.52 33.74 23.41
CA ASN A 203 14.85 34.32 23.55
C ASN A 203 15.78 33.28 24.14
N LYS A 204 17.08 33.53 24.04
CA LYS A 204 18.06 32.62 24.60
C LYS A 204 17.85 32.47 26.10
N GLY A 205 17.91 31.23 26.57
CA GLY A 205 17.69 30.93 27.98
C GLY A 205 18.88 31.31 28.83
N PRO A 206 18.72 31.16 30.14
CA PRO A 206 19.76 31.65 31.07
C PRO A 206 21.01 30.80 31.09
N TRP A 207 20.91 29.49 30.90
CA TRP A 207 22.09 28.63 30.87
C TRP A 207 22.07 27.75 29.63
N LYS A 208 23.27 27.29 29.27
CA LYS A 208 23.53 26.76 27.94
C LYS A 208 22.90 25.38 27.73
N GLN A 209 22.83 25.00 26.46
CA GLN A 209 22.43 23.64 26.10
C GLN A 209 23.48 22.64 26.58
N GLU A 210 23.00 21.49 27.04
CA GLU A 210 23.87 20.43 27.51
C GLU A 210 23.38 19.09 26.99
N ASN A 211 24.29 18.14 26.90
CA ASN A 211 23.94 16.77 26.53
C ASN A 211 23.69 15.95 27.80
N VAL A 212 22.68 15.08 27.71
CA VAL A 212 22.26 14.25 28.83
C VAL A 212 22.13 12.81 28.34
N GLU A 213 21.69 11.93 29.23
CA GLU A 213 21.58 10.52 28.91
C GLU A 213 20.81 10.32 27.61
N ALA A 214 21.08 9.20 26.94
CA ALA A 214 20.40 8.92 25.68
C ALA A 214 18.90 8.76 25.88
N GLU A 215 18.49 8.10 26.97
CA GLU A 215 17.09 7.86 27.26
C GLU A 215 16.54 8.79 28.34
N ALA A 216 17.24 9.87 28.64
CA ALA A 216 16.69 10.85 29.58
C ALA A 216 15.35 11.35 29.06
N SER A 217 14.33 11.30 29.93
CA SER A 217 12.98 11.59 29.48
C SER A 217 12.14 12.39 30.45
N MET A 218 12.61 12.70 31.65
CA MET A 218 11.80 13.41 32.63
C MET A 218 12.53 14.65 33.12
N VAL A 219 11.78 15.73 33.32
CA VAL A 219 12.32 17.01 33.75
C VAL A 219 11.56 17.46 34.99
N ILE A 220 12.30 17.89 36.02
CA ILE A 220 11.71 18.41 37.25
C ILE A 220 12.26 19.82 37.45
N ALA A 221 11.38 20.77 37.74
CA ALA A 221 11.77 22.15 37.99
C ALA A 221 11.88 22.35 39.50
N VAL A 222 13.10 22.47 39.99
CA VAL A 222 13.33 22.55 41.43
C VAL A 222 13.04 23.97 41.91
N PRO A 223 12.25 24.15 42.97
CA PRO A 223 11.98 25.51 43.46
C PRO A 223 13.19 26.14 44.13
N GLU A 224 13.01 27.35 44.66
CA GLU A 224 14.07 28.01 45.40
C GLU A 224 14.34 27.27 46.71
N PRO A 225 15.54 27.41 47.28
CA PRO A 225 16.68 28.20 46.79
C PRO A 225 17.54 27.44 45.79
N PHE A 226 17.20 26.18 45.49
CA PHE A 226 17.98 25.41 44.53
C PHE A 226 17.84 25.97 43.12
N GLY A 227 16.62 26.00 42.61
CA GLY A 227 16.42 26.39 41.23
C GLY A 227 16.97 25.32 40.30
N GLY A 228 17.18 25.72 39.05
CA GLY A 228 17.70 24.77 38.10
C GLY A 228 16.68 23.72 37.73
N ALA A 229 17.17 22.53 37.40
CA ALA A 229 16.30 21.44 36.97
C ALA A 229 16.99 20.11 37.24
N ILE A 230 16.18 19.06 37.26
CA ILE A 230 16.64 17.69 37.45
C ILE A 230 16.17 16.87 36.26
N ILE A 231 17.11 16.34 35.50
CA ILE A 231 16.82 15.47 34.37
C ILE A 231 16.97 14.02 34.81
N ILE A 232 15.95 13.22 34.54
CA ILE A 232 15.88 11.84 35.00
C ILE A 232 15.67 10.94 33.79
N GLY A 233 16.48 9.88 33.70
CA GLY A 233 16.42 8.91 32.64
C GLY A 233 16.35 7.50 33.21
N GLN A 234 16.94 6.56 32.45
CA GLN A 234 16.95 5.16 32.86
C GLN A 234 18.17 4.77 33.68
N GLU A 235 19.27 5.51 33.56
CA GLU A 235 20.52 5.19 34.23
C GLU A 235 20.91 6.18 35.30
N SER A 236 20.75 7.48 35.05
CA SER A 236 21.30 8.51 35.92
C SER A 236 20.26 9.58 36.20
N ILE A 237 20.44 10.23 37.34
CA ILE A 237 19.70 11.42 37.71
C ILE A 237 20.70 12.57 37.77
N THR A 238 20.46 13.61 36.96
CA THR A 238 21.37 14.73 36.84
C THR A 238 20.67 16.01 37.25
N TYR A 239 21.45 16.99 37.71
CA TYR A 239 20.94 18.27 38.15
C TYR A 239 21.74 19.38 37.49
N HIS A 240 21.05 20.29 36.82
CA HIS A 240 21.67 21.39 36.08
C HIS A 240 21.17 22.71 36.64
N ASN A 241 22.09 23.62 36.99
CA ASN A 241 21.71 24.98 37.33
C ASN A 241 22.87 25.89 36.96
N GLY A 242 22.83 26.44 35.74
CA GLY A 242 23.90 27.28 35.27
C GLY A 242 25.25 26.61 35.37
N ASP A 243 26.10 27.10 36.28
CA ASP A 243 27.40 26.49 36.48
C ASP A 243 27.27 25.13 37.19
N LYS A 244 26.43 25.06 38.22
CA LYS A 244 26.37 23.85 39.03
C LYS A 244 25.82 22.67 38.23
N TYR A 245 26.44 21.51 38.43
CA TYR A 245 26.09 20.31 37.68
C TYR A 245 26.42 19.09 38.53
N LEU A 246 25.41 18.33 38.87
CA LEU A 246 25.59 17.10 39.64
C LEU A 246 25.01 15.93 38.85
N ALA A 247 25.49 14.73 39.16
CA ALA A 247 25.00 13.53 38.50
C ALA A 247 25.22 12.33 39.40
N ILE A 248 24.25 11.43 39.43
CA ILE A 248 24.39 10.15 40.11
C ILE A 248 23.82 9.06 39.22
N ALA A 249 24.28 7.84 39.43
CA ALA A 249 23.82 6.67 38.68
C ALA A 249 23.51 5.54 39.66
N PRO A 250 22.50 5.71 40.51
CA PRO A 250 22.22 4.70 41.52
C PRO A 250 21.84 3.38 40.87
N PRO A 251 22.21 2.25 41.48
CA PRO A 251 21.86 0.94 40.90
C PRO A 251 20.45 0.47 41.23
N ILE A 252 19.71 1.20 42.06
CA ILE A 252 18.38 0.74 42.46
C ILE A 252 17.31 1.12 41.44
N ILE A 253 17.59 2.07 40.55
CA ILE A 253 16.60 2.51 39.56
C ILE A 253 16.87 1.90 38.19
N LYS A 254 17.88 1.05 38.07
CA LYS A 254 18.29 0.55 36.76
C LYS A 254 17.36 -0.51 36.20
N GLN A 255 16.45 -1.06 37.01
CA GLN A 255 15.58 -2.13 36.55
C GLN A 255 14.39 -1.63 35.75
N SER A 256 13.79 -0.51 36.14
CA SER A 256 12.57 -0.04 35.52
C SER A 256 12.64 1.46 35.31
N THR A 257 11.82 1.95 34.37
CA THR A 257 11.75 3.37 34.09
C THR A 257 10.92 4.08 35.15
N ILE A 258 11.27 5.35 35.41
CA ILE A 258 10.55 6.19 36.36
C ILE A 258 9.60 7.07 35.56
N VAL A 259 8.31 6.96 35.83
CA VAL A 259 7.28 7.56 34.98
C VAL A 259 6.46 8.62 35.69
N CYS A 260 6.68 8.85 36.98
CA CYS A 260 5.96 9.90 37.68
C CYS A 260 6.79 10.40 38.83
N HIS A 261 6.46 11.59 39.30
CA HIS A 261 7.15 12.18 40.44
C HIS A 261 6.19 13.13 41.15
N ASN A 262 6.64 13.63 42.30
CA ASN A 262 5.88 14.65 43.03
C ASN A 262 6.78 15.23 44.11
N ARG A 263 6.78 16.55 44.21
CA ARG A 263 7.54 17.23 45.25
C ARG A 263 6.85 17.06 46.59
N VAL A 264 7.64 16.75 47.62
CA VAL A 264 7.10 16.53 48.96
C VAL A 264 7.18 17.81 49.79
N ASP A 265 8.36 18.41 49.89
CA ASP A 265 8.53 19.64 50.64
C ASP A 265 8.41 20.85 49.73
N PRO A 266 7.76 21.93 50.18
CA PRO A 266 7.65 23.11 49.31
C PRO A 266 8.99 23.71 48.95
N ASN A 267 10.04 23.47 49.75
CA ASN A 267 11.37 23.97 49.41
C ASN A 267 12.12 23.07 48.43
N GLY A 268 11.58 21.90 48.11
CA GLY A 268 12.16 21.06 47.09
C GLY A 268 13.24 20.12 47.55
N SER A 269 13.33 19.83 48.84
CA SER A 269 14.38 18.95 49.35
C SER A 269 14.08 17.48 49.15
N ARG A 270 12.81 17.10 49.00
CA ARG A 270 12.43 15.70 48.85
C ARG A 270 11.43 15.54 47.72
N TYR A 271 11.58 14.46 46.97
CA TYR A 271 10.67 14.10 45.89
C TYR A 271 10.30 12.64 46.01
N LEU A 272 9.10 12.29 45.57
CA LEU A 272 8.69 10.91 45.44
C LEU A 272 8.73 10.52 43.97
N LEU A 273 9.30 9.36 43.68
CA LEU A 273 9.39 8.86 42.31
C LEU A 273 8.73 7.50 42.22
N GLY A 274 8.06 7.25 41.10
CA GLY A 274 7.39 5.99 40.88
C GLY A 274 7.80 5.32 39.60
N ASP A 275 8.21 4.05 39.68
CA ASP A 275 8.65 3.34 38.50
C ASP A 275 7.46 2.67 37.80
N MET A 276 7.74 2.00 36.69
CA MET A 276 6.69 1.35 35.94
C MET A 276 6.11 0.13 36.65
N GLU A 277 6.91 -0.54 37.48
CA GLU A 277 6.52 -1.82 38.05
C GLU A 277 5.77 -1.69 39.38
N GLY A 278 5.84 -0.55 40.06
CA GLY A 278 5.22 -0.37 41.35
C GLY A 278 6.17 -0.02 42.46
N ARG A 279 7.45 0.22 42.17
CA ARG A 279 8.40 0.65 43.18
C ARG A 279 8.29 2.15 43.40
N LEU A 280 8.38 2.55 44.66
CA LEU A 280 8.31 3.95 45.07
C LEU A 280 9.62 4.31 45.75
N PHE A 281 10.31 5.31 45.20
CA PHE A 281 11.59 5.81 45.68
C PHE A 281 11.43 7.21 46.25
N MET A 282 12.38 7.59 47.09
CA MET A 282 12.52 8.96 47.57
C MET A 282 13.83 9.53 47.05
N LEU A 283 13.75 10.69 46.41
CA LEU A 283 14.92 11.41 45.93
C LEU A 283 15.16 12.59 46.86
N LEU A 284 16.39 12.71 47.35
CA LEU A 284 16.72 13.68 48.39
C LEU A 284 17.79 14.64 47.88
N LEU A 285 17.54 15.94 48.05
CA LEU A 285 18.49 16.98 47.67
C LEU A 285 19.18 17.47 48.93
N GLU A 286 20.51 17.37 48.95
CA GLU A 286 21.30 17.74 50.11
C GLU A 286 21.77 19.18 49.99
N LYS A 287 21.58 19.94 51.05
CA LYS A 287 21.70 21.40 51.02
C LYS A 287 22.94 21.86 51.78
N GLU A 288 23.70 22.78 51.17
CA GLU A 288 24.85 23.39 51.81
C GLU A 288 24.72 24.90 51.75
N GLU A 289 25.06 25.57 52.85
CA GLU A 289 24.98 27.02 52.95
C GLU A 289 26.34 27.63 52.63
N GLN A 290 26.33 28.77 51.95
CA GLN A 290 27.58 29.45 51.59
C GLN A 290 27.83 30.63 52.53
N THR A 294 24.46 32.55 49.99
CA THR A 294 23.84 31.72 48.95
C THR A 294 23.77 30.27 49.40
N VAL A 295 22.80 29.53 48.87
CA VAL A 295 22.57 28.14 49.20
C VAL A 295 22.66 27.32 47.92
N THR A 296 23.54 26.31 47.93
CA THR A 296 23.78 25.48 46.76
C THR A 296 23.54 24.01 47.09
N LEU A 297 23.16 23.26 46.07
CA LEU A 297 22.90 21.83 46.23
C LEU A 297 24.22 21.08 46.45
N LYS A 298 24.23 20.21 47.46
CA LYS A 298 25.44 19.50 47.85
C LYS A 298 25.56 18.14 47.17
N ASP A 299 24.49 17.34 47.20
CA ASP A 299 24.54 15.98 46.68
C ASP A 299 23.13 15.47 46.47
N LEU A 300 23.02 14.36 45.74
CA LEU A 300 21.76 13.68 45.50
C LEU A 300 21.85 12.24 46.01
N ARG A 301 20.71 11.66 46.34
CA ARG A 301 20.66 10.26 46.75
C ARG A 301 19.24 9.74 46.62
N VAL A 302 19.13 8.44 46.35
CA VAL A 302 17.86 7.78 46.13
C VAL A 302 17.72 6.65 47.14
N GLU A 303 16.53 6.55 47.74
CA GLU A 303 16.23 5.51 48.72
C GLU A 303 14.94 4.81 48.32
N LEU A 304 15.01 3.50 48.14
CA LEU A 304 13.83 2.71 47.78
C LEU A 304 12.88 2.70 48.98
N LEU A 305 11.77 3.43 48.86
CA LEU A 305 10.84 3.54 49.97
C LEU A 305 9.96 2.30 50.09
N GLY A 306 9.55 1.73 48.96
CA GLY A 306 8.76 0.50 49.03
C GLY A 306 8.13 0.14 47.72
N GLU A 307 7.02 -0.59 47.82
CA GLU A 307 6.25 -1.02 46.65
C GLU A 307 4.78 -0.65 46.84
N THR A 308 4.21 0.01 45.84
CA THR A 308 2.80 0.37 45.78
C THR A 308 2.17 -0.32 44.57
N SER A 309 0.93 0.04 44.28
CA SER A 309 0.33 -0.38 43.02
C SER A 309 1.00 0.36 41.87
N ILE A 310 0.83 -0.16 40.66
CA ILE A 310 1.46 0.46 39.50
C ILE A 310 0.88 1.86 39.37
N ALA A 311 1.71 2.87 39.64
CA ALA A 311 1.24 4.23 39.86
C ALA A 311 1.19 4.99 38.54
N GLU A 312 0.00 5.47 38.18
CA GLU A 312 -0.11 6.42 37.08
C GLU A 312 0.37 7.80 37.53
N CYS A 313 0.10 8.17 38.77
CA CYS A 313 0.55 9.45 39.31
C CYS A 313 0.63 9.33 40.83
N LEU A 314 1.33 10.28 41.44
CA LEU A 314 1.47 10.35 42.88
C LEU A 314 1.12 11.75 43.35
N THR A 315 0.73 11.85 44.62
CA THR A 315 0.61 13.16 45.24
C THR A 315 0.72 13.02 46.75
N TYR A 316 1.66 13.77 47.33
CA TYR A 316 1.89 13.76 48.77
C TYR A 316 0.89 14.71 49.42
N LEU A 317 0.00 14.17 50.26
CA LEU A 317 -1.04 15.00 50.85
C LEU A 317 -0.52 15.78 52.06
N ASP A 318 -0.12 15.06 53.11
CA ASP A 318 0.58 15.63 54.26
C ASP A 318 0.75 14.53 55.30
N ASN A 319 1.58 14.81 56.30
CA ASN A 319 1.80 13.89 57.42
C ASN A 319 2.18 12.50 56.92
N GLY A 320 3.08 12.45 55.95
CA GLY A 320 3.54 11.17 55.43
C GLY A 320 2.45 10.34 54.81
N VAL A 321 1.45 10.98 54.20
CA VAL A 321 0.34 10.30 53.54
C VAL A 321 0.42 10.63 52.05
N VAL A 322 0.41 9.59 51.22
CA VAL A 322 0.60 9.73 49.78
C VAL A 322 -0.53 9.01 49.06
N PHE A 323 -1.14 9.69 48.10
CA PHE A 323 -2.15 9.09 47.25
C PHE A 323 -1.50 8.64 45.95
N VAL A 324 -1.72 7.38 45.61
CA VAL A 324 -1.17 6.75 44.41
C VAL A 324 -2.33 6.49 43.47
N GLY A 325 -2.40 7.24 42.38
CA GLY A 325 -3.41 7.03 41.36
C GLY A 325 -2.92 6.03 40.34
N SER A 326 -3.71 4.99 40.11
CA SER A 326 -3.32 3.87 39.28
C SER A 326 -4.33 3.67 38.17
N ARG A 327 -3.84 3.38 36.97
CA ARG A 327 -4.70 3.03 35.85
C ARG A 327 -4.89 1.52 35.74
N LEU A 328 -3.87 0.74 36.07
CA LEU A 328 -3.92 -0.71 35.96
C LEU A 328 -4.49 -1.39 37.20
N GLY A 329 -4.60 -0.70 38.32
CA GLY A 329 -5.09 -1.31 39.53
C GLY A 329 -5.84 -0.36 40.43
N ASP A 330 -6.21 -0.83 41.62
CA ASP A 330 -6.92 0.03 42.56
C ASP A 330 -6.02 1.16 43.02
N SER A 331 -6.58 2.37 43.14
CA SER A 331 -5.81 3.48 43.66
C SER A 331 -5.61 3.31 45.16
N GLN A 332 -4.61 3.98 45.70
CA GLN A 332 -4.21 3.75 47.08
C GLN A 332 -4.02 5.05 47.84
N LEU A 333 -4.26 4.98 49.13
CA LEU A 333 -3.75 5.92 50.11
C LEU A 333 -2.81 5.15 51.03
N VAL A 334 -1.54 5.55 51.04
CA VAL A 334 -0.50 4.83 51.76
C VAL A 334 0.17 5.77 52.76
N LYS A 335 0.60 5.20 53.88
CA LYS A 335 1.33 5.94 54.91
C LYS A 335 2.83 5.78 54.69
N LEU A 336 3.58 6.78 55.11
CA LEU A 336 5.03 6.80 54.94
C LEU A 336 5.66 6.91 56.32
N ASN A 337 6.41 5.89 56.71
CA ASN A 337 6.99 5.83 58.04
C ASN A 337 8.43 6.34 58.02
N VAL A 338 8.99 6.52 59.22
CA VAL A 338 10.37 6.96 59.36
C VAL A 338 11.34 5.78 59.45
N ASP A 339 10.86 4.60 59.83
CA ASP A 339 11.69 3.41 59.90
C ASP A 339 10.96 2.25 59.23
N SER A 340 11.74 1.37 58.60
CA SER A 340 11.20 0.27 57.82
C SER A 340 10.72 -0.86 58.72
N ASN A 341 9.77 -1.63 58.21
CA ASN A 341 9.28 -2.81 58.93
C ASN A 341 10.32 -3.92 58.86
N GLU A 342 9.96 -5.08 59.40
CA GLU A 342 10.84 -6.24 59.33
C GLU A 342 11.10 -6.67 57.90
N GLN A 343 10.24 -6.28 56.96
CA GLN A 343 10.41 -6.60 55.54
C GLN A 343 11.22 -5.56 54.79
N GLY A 344 11.73 -4.54 55.48
CA GLY A 344 12.53 -3.52 54.83
C GLY A 344 11.76 -2.57 53.94
N SER A 345 10.47 -2.36 54.21
CA SER A 345 9.62 -1.49 53.41
C SER A 345 9.05 -0.39 54.29
N TYR A 346 9.20 0.86 53.84
CA TYR A 346 8.70 2.02 54.58
C TYR A 346 7.23 2.31 54.30
N VAL A 347 6.62 1.65 53.33
CA VAL A 347 5.28 1.99 52.85
C VAL A 347 4.27 1.06 53.49
N VAL A 348 3.22 1.64 54.07
CA VAL A 348 2.08 0.90 54.57
C VAL A 348 0.83 1.38 53.85
N ALA A 349 0.02 0.45 53.37
CA ALA A 349 -1.24 0.79 52.73
C ALA A 349 -2.29 1.11 53.78
N MET A 350 -3.04 2.19 53.54
CA MET A 350 -4.12 2.60 54.44
C MET A 350 -5.49 2.35 53.82
N GLU A 351 -5.74 2.88 52.63
CA GLU A 351 -7.06 2.74 52.01
C GLU A 351 -6.90 2.41 50.54
N THR A 352 -7.91 1.73 49.99
CA THR A 352 -7.91 1.30 48.60
C THR A 352 -9.19 1.78 47.93
N PHE A 353 -9.04 2.38 46.75
CA PHE A 353 -10.16 2.87 45.95
C PHE A 353 -10.32 1.97 44.74
N THR A 354 -11.50 1.38 44.61
CA THR A 354 -11.71 0.33 43.61
C THR A 354 -11.54 0.87 42.20
N ASN A 355 -10.92 0.06 41.35
CA ASN A 355 -10.73 0.38 39.94
C ASN A 355 -11.02 -0.87 39.13
N LEU A 356 -12.08 -0.85 38.33
CA LEU A 356 -12.42 -1.99 37.48
C LEU A 356 -11.59 -2.06 36.21
N GLY A 357 -10.86 -1.01 35.86
CA GLY A 357 -10.19 -0.94 34.60
C GLY A 357 -8.76 -1.46 34.65
N PRO A 358 -8.25 -1.92 33.50
CA PRO A 358 -8.96 -2.08 32.23
C PRO A 358 -9.83 -3.33 32.22
N ILE A 359 -11.05 -3.23 31.71
CA ILE A 359 -11.89 -4.40 31.50
C ILE A 359 -11.56 -4.93 30.11
N VAL A 360 -10.84 -6.06 30.06
CA VAL A 360 -10.47 -6.63 28.77
C VAL A 360 -11.46 -7.69 28.31
N ASP A 361 -12.16 -8.34 29.24
CA ASP A 361 -13.19 -9.31 28.90
C ASP A 361 -14.17 -9.39 30.06
N MET A 362 -15.35 -9.93 29.77
CA MET A 362 -16.37 -10.08 30.80
C MET A 362 -17.46 -11.00 30.28
N CYS A 363 -18.34 -11.40 31.20
CA CYS A 363 -19.45 -12.29 30.88
C CYS A 363 -20.59 -12.05 31.87
N VAL A 364 -21.81 -12.31 31.41
CA VAL A 364 -23.02 -12.17 32.22
C VAL A 364 -23.46 -13.55 32.65
N VAL A 365 -23.63 -13.74 33.96
CA VAL A 365 -24.00 -15.02 34.55
C VAL A 365 -25.02 -14.80 35.64
N ASP A 366 -26.02 -15.68 35.71
CA ASP A 366 -27.02 -15.66 36.77
C ASP A 366 -26.60 -16.70 37.81
N LEU A 367 -25.60 -16.34 38.61
CA LEU A 367 -25.00 -17.30 39.53
C LEU A 367 -26.02 -17.80 40.55
N GLU A 368 -26.85 -16.90 41.08
CA GLU A 368 -27.76 -17.22 42.17
C GLU A 368 -29.12 -17.71 41.69
N ARG A 369 -29.29 -17.95 40.40
CA ARG A 369 -30.54 -18.45 39.84
C ARG A 369 -31.71 -17.58 40.32
N GLN A 370 -31.58 -16.28 40.10
CA GLN A 370 -32.48 -15.29 40.69
C GLN A 370 -33.13 -14.37 39.66
N GLY A 371 -32.80 -14.51 38.38
CA GLY A 371 -33.31 -13.61 37.38
C GLY A 371 -32.60 -12.27 37.29
N GLN A 372 -31.56 -12.06 38.10
CA GLN A 372 -30.76 -10.84 38.08
C GLN A 372 -29.37 -11.19 37.58
N GLY A 373 -29.01 -10.66 36.41
CA GLY A 373 -27.69 -10.92 35.87
C GLY A 373 -26.60 -10.32 36.73
N GLN A 374 -25.47 -11.01 36.78
CA GLN A 374 -24.26 -10.52 37.40
C GLN A 374 -23.16 -10.49 36.36
N LEU A 375 -22.23 -9.54 36.49
CA LEU A 375 -21.19 -9.34 35.49
C LEU A 375 -19.86 -9.72 36.10
N VAL A 376 -19.16 -10.67 35.47
CA VAL A 376 -17.83 -11.09 35.89
C VAL A 376 -16.85 -10.56 34.86
N THR A 377 -15.91 -9.73 35.32
CA THR A 377 -14.97 -9.05 34.44
C THR A 377 -13.54 -9.39 34.81
N CYS A 378 -12.68 -9.37 33.79
CA CYS A 378 -11.23 -9.52 33.95
C CYS A 378 -10.62 -8.14 33.95
N SER A 379 -10.05 -7.74 35.08
CA SER A 379 -9.58 -6.37 35.27
C SER A 379 -8.09 -6.37 35.58
N GLY A 380 -7.48 -5.20 35.37
CA GLY A 380 -6.10 -4.99 35.75
C GLY A 380 -5.12 -5.64 34.79
N ALA A 381 -3.86 -5.58 35.18
CA ALA A 381 -2.77 -6.19 34.42
C ALA A 381 -1.58 -6.37 35.34
N PHE A 382 -0.68 -7.27 34.93
CA PHE A 382 0.54 -7.56 35.71
C PHE A 382 0.10 -7.99 37.11
N LYS A 383 0.79 -7.59 38.17
CA LYS A 383 0.45 -8.01 39.52
C LYS A 383 -0.90 -7.49 39.97
N GLU A 384 -1.48 -6.52 39.28
CA GLU A 384 -2.76 -5.94 39.66
C GLU A 384 -3.96 -6.68 39.04
N GLY A 385 -3.72 -7.76 38.31
CA GLY A 385 -4.82 -8.47 37.69
C GLY A 385 -5.80 -9.00 38.70
N SER A 386 -7.08 -9.01 38.32
CA SER A 386 -8.14 -9.38 39.24
C SER A 386 -9.35 -9.85 38.46
N LEU A 387 -10.23 -10.56 39.17
CA LEU A 387 -11.59 -10.82 38.72
C LEU A 387 -12.55 -9.95 39.53
N ARG A 388 -13.53 -9.37 38.87
CA ARG A 388 -14.52 -8.55 39.55
C ARG A 388 -15.91 -9.11 39.30
N ILE A 389 -16.69 -9.21 40.37
CA ILE A 389 -18.09 -9.61 40.29
C ILE A 389 -18.93 -8.39 40.64
N ILE A 390 -19.76 -7.96 39.69
CA ILE A 390 -20.52 -6.72 39.78
C ILE A 390 -21.98 -7.08 39.75
N ARG A 391 -22.74 -6.52 40.70
CA ARG A 391 -24.17 -6.80 40.80
C ARG A 391 -24.89 -5.55 41.25
N ASN A 392 -26.22 -5.56 41.09
CA ASN A 392 -27.07 -4.50 41.61
C ASN A 392 -27.41 -4.76 43.07
N LEU A 406 -24.49 -0.23 43.20
CA LEU A 406 -23.68 -1.23 42.49
C LEU A 406 -22.62 -1.79 43.42
N HIS A 407 -22.60 -3.12 43.56
CA HIS A 407 -21.73 -3.82 44.50
C HIS A 407 -20.69 -4.61 43.74
N ILE A 408 -19.43 -4.49 44.17
CA ILE A 408 -18.28 -5.06 43.47
C ILE A 408 -17.50 -5.93 44.44
N ARG A 409 -17.19 -7.16 44.02
CA ARG A 409 -16.38 -8.08 44.80
C ARG A 409 -15.12 -8.43 44.01
N THR A 410 -13.97 -8.31 44.66
CA THR A 410 -12.67 -8.47 44.01
C THR A 410 -12.06 -9.83 44.36
N VAL A 411 -11.41 -10.44 43.37
CA VAL A 411 -10.66 -11.68 43.55
C VAL A 411 -9.30 -11.49 42.91
N PRO A 412 -8.24 -11.22 43.69
CA PRO A 412 -6.93 -10.95 43.07
C PRO A 412 -6.27 -12.21 42.53
N LEU A 413 -5.77 -12.11 41.30
CA LEU A 413 -5.00 -13.19 40.68
C LEU A 413 -3.49 -12.96 40.74
N TYR A 414 -3.05 -11.70 40.74
CA TYR A 414 -1.63 -11.36 40.69
C TYR A 414 -1.01 -11.77 39.35
N GLU A 415 -1.82 -11.79 38.30
CA GLU A 415 -1.35 -11.98 36.94
C GLU A 415 -2.43 -11.46 36.01
N SER A 416 -2.09 -11.33 34.73
CA SER A 416 -3.02 -10.73 33.78
C SER A 416 -4.13 -11.72 33.42
N PRO A 417 -5.40 -11.42 33.69
CA PRO A 417 -6.47 -12.21 33.10
C PRO A 417 -6.86 -11.64 31.74
N ARG A 418 -7.11 -12.54 30.78
CA ARG A 418 -7.35 -12.14 29.40
C ARG A 418 -8.75 -12.49 28.93
N LYS A 419 -9.16 -13.75 29.06
CA LYS A 419 -10.48 -14.19 28.63
C LYS A 419 -11.17 -14.89 29.79
N ILE A 420 -12.50 -14.92 29.74
CA ILE A 420 -13.29 -15.59 30.77
C ILE A 420 -14.56 -16.13 30.14
N CYS A 421 -14.97 -17.31 30.59
CA CYS A 421 -16.22 -17.93 30.20
C CYS A 421 -16.76 -18.69 31.39
N TYR A 422 -18.03 -19.10 31.29
CA TYR A 422 -18.72 -19.74 32.40
C TYR A 422 -19.32 -21.06 31.94
N GLN A 423 -19.15 -22.09 32.76
CA GLN A 423 -19.68 -23.43 32.50
C GLN A 423 -20.64 -23.79 33.63
N GLU A 424 -21.92 -23.93 33.29
CA GLU A 424 -22.92 -24.24 34.32
C GLU A 424 -22.88 -25.72 34.73
N VAL A 425 -22.62 -26.60 33.77
CA VAL A 425 -22.64 -28.03 34.07
C VAL A 425 -21.55 -28.38 35.09
N SER A 426 -20.47 -27.60 35.13
CA SER A 426 -19.36 -27.83 36.04
C SER A 426 -19.24 -26.74 37.10
N GLN A 427 -20.03 -25.68 37.02
CA GLN A 427 -20.08 -24.66 38.07
C GLN A 427 -18.74 -23.99 38.28
N CYS A 428 -18.04 -23.69 37.18
CA CYS A 428 -16.73 -23.08 37.28
C CYS A 428 -16.53 -22.09 36.14
N PHE A 429 -15.62 -21.15 36.36
CA PHE A 429 -15.19 -20.20 35.34
C PHE A 429 -13.88 -20.67 34.74
N GLY A 430 -13.79 -20.63 33.41
CA GLY A 430 -12.55 -20.85 32.71
C GLY A 430 -11.94 -19.51 32.33
N VAL A 431 -10.76 -19.23 32.86
CA VAL A 431 -10.10 -17.94 32.68
C VAL A 431 -8.76 -18.19 32.02
N LEU A 432 -8.50 -17.51 30.91
CA LEU A 432 -7.16 -17.46 30.37
C LEU A 432 -6.36 -16.41 31.13
N SER A 433 -5.10 -16.72 31.40
CA SER A 433 -4.25 -15.78 32.12
C SER A 433 -2.84 -15.86 31.57
N SER A 434 -2.08 -14.79 31.82
CA SER A 434 -0.68 -14.72 31.45
C SER A 434 0.11 -14.15 32.62
N ARG A 435 1.30 -14.70 32.83
CA ARG A 435 2.23 -14.22 33.84
C ARG A 435 3.62 -14.08 33.23
N ILE A 436 4.37 -13.11 33.74
CA ILE A 436 5.69 -12.78 33.20
C ILE A 436 6.76 -13.41 34.10
N GLU A 437 7.59 -14.25 33.51
CA GLU A 437 8.72 -14.88 34.17
C GLU A 437 10.01 -14.34 33.59
N VAL A 438 11.13 -14.60 34.28
CA VAL A 438 12.43 -14.10 33.86
C VAL A 438 13.35 -15.28 33.61
N GLN A 439 14.01 -15.27 32.44
CA GLN A 439 14.96 -16.32 32.08
C GLN A 439 16.17 -16.27 33.00
N ASP A 440 16.33 -17.30 33.83
CA ASP A 440 17.46 -17.38 34.75
C ASP A 440 17.85 -18.83 35.00
N GLY A 444 16.60 -22.14 32.07
CA GLY A 444 15.20 -22.16 32.48
C GLY A 444 14.65 -20.77 32.72
N THR A 445 13.50 -20.69 33.38
CA THR A 445 12.82 -19.44 33.64
C THR A 445 12.33 -19.42 35.07
N THR A 446 12.23 -18.22 35.65
CA THR A 446 11.84 -18.04 37.03
C THR A 446 10.72 -17.02 37.14
N ALA A 447 9.86 -17.20 38.14
CA ALA A 447 8.75 -16.30 38.36
C ALA A 447 9.18 -15.08 39.16
N LEU A 448 8.33 -14.05 39.15
CA LEU A 448 8.58 -12.83 39.91
C LEU A 448 7.76 -12.75 41.19
N ARG A 449 6.64 -13.46 41.26
CA ARG A 449 5.79 -13.46 42.45
C ARG A 449 4.91 -14.69 42.40
N PRO A 450 4.38 -15.12 43.55
CA PRO A 450 3.35 -16.16 43.53
C PRO A 450 2.02 -15.59 43.02
N SER A 451 1.35 -16.37 42.18
CA SER A 451 0.12 -15.94 41.55
C SER A 451 -0.86 -17.10 41.51
N ALA A 452 -2.01 -16.88 40.86
CA ALA A 452 -3.03 -17.91 40.80
C ALA A 452 -2.53 -19.15 40.06
N SER A 453 -1.78 -18.96 38.98
CA SER A 453 -1.32 -20.08 38.17
C SER A 453 -0.29 -20.93 38.90
N THR A 454 0.30 -20.43 39.99
CA THR A 454 1.27 -21.19 40.77
C THR A 454 0.78 -21.56 42.15
N GLN A 455 -0.38 -21.06 42.57
CA GLN A 455 -0.97 -21.38 43.87
C GLN A 455 -2.27 -22.17 43.70
N ALA A 456 -2.42 -22.86 42.58
CA ALA A 456 -3.62 -23.65 42.33
C ALA A 456 -3.61 -24.92 43.15
N LEU A 457 -4.81 -25.44 43.42
CA LEU A 457 -4.91 -26.70 44.15
C LEU A 457 -4.30 -27.84 43.35
N SER A 458 -4.54 -27.87 42.06
CA SER A 458 -3.96 -28.87 41.16
C SER A 458 -3.50 -28.15 39.90
N SER A 459 -2.50 -28.73 39.24
CA SER A 459 -1.91 -28.09 38.07
C SER A 459 -1.47 -29.14 37.08
N SER A 460 -1.28 -28.69 35.84
CA SER A 460 -0.82 -29.55 34.75
C SER A 460 -0.04 -28.69 33.76
N VAL A 461 0.71 -29.36 32.91
CA VAL A 461 1.48 -28.69 31.85
C VAL A 461 1.15 -29.39 30.53
N SER A 462 1.02 -28.60 29.48
CA SER A 462 0.81 -29.16 28.15
C SER A 462 1.95 -30.11 27.81
N SER A 463 1.60 -31.30 27.33
CA SER A 463 2.58 -32.31 26.95
C SER A 463 2.46 -32.68 25.48
N SER A 464 1.93 -31.79 24.66
CA SER A 464 1.76 -32.07 23.24
C SER A 464 3.11 -32.27 22.57
N LYS A 465 3.19 -33.29 21.72
CA LYS A 465 4.40 -33.59 20.96
C LYS A 465 4.49 -32.79 19.66
N LEU A 466 3.48 -31.98 19.34
CA LEU A 466 3.50 -31.24 18.10
C LEU A 466 4.57 -30.15 18.13
N PHE A 467 4.95 -29.70 16.94
CA PHE A 467 5.94 -28.64 16.81
C PHE A 467 7.29 -29.09 17.35
N THR A 476 16.87 -16.64 22.86
CA THR A 476 16.66 -16.16 24.22
C THR A 476 17.94 -15.54 24.77
N SER A 477 17.83 -14.98 25.98
CA SER A 477 18.99 -14.36 26.62
C SER A 477 18.72 -14.23 28.11
N PHE A 478 19.78 -14.03 28.87
CA PHE A 478 19.65 -13.91 30.32
C PHE A 478 18.83 -12.69 30.69
N GLY A 479 18.00 -12.84 31.73
CA GLY A 479 17.29 -11.72 32.32
C GLY A 479 16.07 -11.24 31.57
N GLU A 480 15.77 -11.82 30.41
CA GLU A 480 14.64 -11.35 29.62
C GLU A 480 13.33 -11.84 30.20
N GLU A 481 12.26 -11.10 29.89
CA GLU A 481 10.92 -11.46 30.30
C GLU A 481 10.27 -12.37 29.26
N VAL A 482 9.53 -13.36 29.73
CA VAL A 482 8.82 -14.31 28.87
C VAL A 482 7.41 -14.49 29.42
N GLU A 483 6.44 -14.61 28.51
CA GLU A 483 5.05 -14.76 28.88
C GLU A 483 4.68 -16.24 28.97
N VAL A 484 4.08 -16.62 30.08
CA VAL A 484 3.58 -17.98 30.29
C VAL A 484 2.07 -17.90 30.39
N HIS A 485 1.38 -18.68 29.56
CA HIS A 485 -0.07 -18.63 29.45
C HIS A 485 -0.68 -19.85 30.12
N ASN A 486 -1.84 -19.65 30.74
CA ASN A 486 -2.47 -20.70 31.53
C ASN A 486 -3.98 -20.62 31.37
N LEU A 487 -4.62 -21.78 31.52
CA LEU A 487 -6.07 -21.89 31.67
C LEU A 487 -6.36 -22.23 33.12
N LEU A 488 -7.12 -21.38 33.79
CA LEU A 488 -7.44 -21.54 35.20
C LEU A 488 -8.92 -21.88 35.33
N ILE A 489 -9.19 -22.96 36.04
CA ILE A 489 -10.55 -23.34 36.41
C ILE A 489 -10.77 -22.86 37.83
N ILE A 490 -11.71 -21.94 37.99
CA ILE A 490 -11.97 -21.22 39.24
C ILE A 490 -13.38 -21.53 39.69
N ASP A 491 -13.54 -21.92 40.95
CA ASP A 491 -14.85 -22.23 41.48
C ASP A 491 -15.71 -20.97 41.55
N GLN A 492 -17.03 -21.15 41.40
CA GLN A 492 -17.93 -20.01 41.31
C GLN A 492 -18.43 -19.51 42.65
N HIS A 493 -18.20 -20.23 43.74
CA HIS A 493 -18.68 -19.82 45.06
C HIS A 493 -17.57 -19.15 45.88
N THR A 494 -16.46 -19.86 46.10
CA THR A 494 -15.32 -19.32 46.81
C THR A 494 -14.32 -18.63 45.89
N PHE A 495 -14.39 -18.90 44.58
CA PHE A 495 -13.43 -18.37 43.62
C PHE A 495 -12.02 -18.83 43.94
N GLU A 496 -11.89 -20.08 44.39
CA GLU A 496 -10.59 -20.72 44.53
C GLU A 496 -10.16 -21.27 43.18
N VAL A 497 -8.86 -21.24 42.93
CA VAL A 497 -8.31 -21.71 41.66
C VAL A 497 -8.26 -23.23 41.72
N LEU A 498 -9.29 -23.89 41.20
CA LEU A 498 -9.35 -25.34 41.26
C LEU A 498 -8.24 -25.97 40.42
N HIS A 499 -7.98 -25.42 39.24
CA HIS A 499 -7.00 -26.06 38.37
C HIS A 499 -6.26 -25.01 37.55
N ALA A 500 -5.03 -25.35 37.15
CA ALA A 500 -4.18 -24.45 36.37
C ALA A 500 -3.40 -25.29 35.36
N HIS A 501 -3.72 -25.11 34.08
CA HIS A 501 -3.06 -25.83 33.00
C HIS A 501 -2.16 -24.87 32.25
N GLN A 502 -0.87 -25.16 32.20
CA GLN A 502 0.10 -24.30 31.53
C GLN A 502 0.35 -24.80 30.11
N PHE A 503 0.29 -23.89 29.15
CA PHE A 503 0.41 -24.25 27.74
C PHE A 503 1.89 -24.43 27.38
N LEU A 504 2.14 -24.64 26.09
CA LEU A 504 3.50 -24.89 25.62
C LEU A 504 4.35 -23.63 25.74
N GLN A 505 5.66 -23.81 25.68
CA GLN A 505 6.55 -22.67 25.62
C GLN A 505 6.33 -21.91 24.33
N ASN A 506 6.30 -20.58 24.43
CA ASN A 506 6.10 -19.70 23.27
C ASN A 506 4.73 -19.91 22.64
N GLU A 507 3.73 -20.26 23.45
CA GLU A 507 2.37 -20.45 22.98
C GLU A 507 1.47 -19.38 23.59
N TYR A 508 0.80 -18.62 22.74
CA TYR A 508 -0.13 -17.59 23.15
C TYR A 508 -1.55 -18.12 23.02
N ALA A 509 -2.29 -18.13 24.14
CA ALA A 509 -3.69 -18.56 24.15
C ALA A 509 -4.57 -17.36 23.84
N LEU A 510 -5.27 -17.40 22.72
CA LEU A 510 -5.99 -16.23 22.21
C LEU A 510 -7.47 -16.26 22.58
N SER A 511 -8.15 -17.38 22.35
CA SER A 511 -9.59 -17.47 22.48
C SER A 511 -9.96 -18.53 23.50
N LEU A 512 -11.23 -18.48 23.93
CA LEU A 512 -11.74 -19.41 24.92
C LEU A 512 -13.25 -19.42 24.84
N VAL A 513 -13.83 -20.56 24.48
CA VAL A 513 -15.27 -20.74 24.47
C VAL A 513 -15.62 -21.99 25.26
N SER A 514 -16.79 -21.99 25.87
CA SER A 514 -17.34 -23.15 26.55
C SER A 514 -18.65 -23.51 25.86
N CYS A 515 -18.72 -24.74 25.33
CA CYS A 515 -19.84 -25.10 24.49
C CYS A 515 -19.98 -26.61 24.40
N LYS A 516 -21.17 -27.04 24.00
CA LYS A 516 -21.41 -28.42 23.56
C LYS A 516 -21.28 -28.46 22.04
N LEU A 517 -20.67 -29.53 21.54
CA LEU A 517 -20.53 -29.73 20.11
C LEU A 517 -21.18 -31.04 19.69
N GLY A 518 -21.71 -31.05 18.48
CA GLY A 518 -22.31 -32.24 17.92
C GLY A 518 -23.28 -32.95 18.84
N LYS A 519 -23.46 -34.25 18.63
CA LYS A 519 -24.39 -35.03 19.44
C LYS A 519 -23.87 -35.31 20.84
N ASP A 520 -22.59 -35.06 21.10
CA ASP A 520 -22.03 -35.37 22.41
C ASP A 520 -22.76 -34.56 23.49
N PRO A 521 -23.05 -35.16 24.65
CA PRO A 521 -23.72 -34.40 25.72
C PRO A 521 -22.79 -33.62 26.62
N ASN A 522 -21.48 -33.80 26.50
CA ASN A 522 -20.53 -33.19 27.42
C ASN A 522 -20.18 -31.76 27.00
N THR A 523 -19.93 -30.93 27.99
CA THR A 523 -19.47 -29.56 27.79
C THR A 523 -17.96 -29.49 27.91
N TYR A 524 -17.35 -28.61 27.12
CA TYR A 524 -15.90 -28.52 27.02
C TYR A 524 -15.45 -27.08 27.15
N PHE A 525 -14.16 -26.92 27.43
CA PHE A 525 -13.45 -25.65 27.27
C PHE A 525 -12.59 -25.77 26.04
N ILE A 526 -12.84 -24.94 25.03
CA ILE A 526 -12.08 -24.97 23.79
C ILE A 526 -11.17 -23.76 23.78
N VAL A 527 -9.86 -23.99 23.63
CA VAL A 527 -8.86 -22.93 23.62
C VAL A 527 -8.18 -22.92 22.27
N GLY A 528 -8.17 -21.76 21.62
CA GLY A 528 -7.40 -21.54 20.42
C GLY A 528 -6.10 -20.84 20.79
N THR A 529 -5.02 -21.24 20.12
CA THR A 529 -3.70 -20.74 20.46
C THR A 529 -2.95 -20.36 19.19
N ALA A 530 -1.75 -19.83 19.39
CA ALA A 530 -0.82 -19.55 18.31
C ALA A 530 0.59 -19.77 18.84
N MET A 531 1.51 -20.11 17.95
CA MET A 531 2.91 -20.32 18.31
C MET A 531 3.69 -19.10 17.82
N VAL A 532 4.13 -18.26 18.75
CA VAL A 532 4.73 -16.97 18.44
C VAL A 532 6.22 -17.07 18.73
N TYR A 533 7.03 -16.75 17.72
CA TYR A 533 8.47 -16.71 17.85
C TYR A 533 8.98 -15.35 17.41
N PRO A 534 9.90 -14.73 18.15
CA PRO A 534 10.35 -13.39 17.78
C PRO A 534 10.90 -13.29 16.36
N GLU A 535 11.51 -14.35 15.85
CA GLU A 535 12.08 -14.33 14.51
C GLU A 535 11.03 -14.33 13.42
N GLU A 536 9.79 -14.70 13.73
CA GLU A 536 8.70 -14.73 12.77
C GLU A 536 7.74 -13.59 13.04
N ALA A 537 7.17 -13.03 11.97
CA ALA A 537 6.27 -11.90 12.10
C ALA A 537 4.83 -12.34 12.29
N GLU A 538 4.36 -13.23 11.44
CA GLU A 538 2.98 -13.71 11.48
C GLU A 538 2.96 -15.16 11.90
N PRO A 539 2.26 -15.54 12.96
CA PRO A 539 2.24 -16.96 13.36
C PRO A 539 1.81 -17.85 12.23
N LYS A 540 2.51 -18.97 12.07
CA LYS A 540 2.17 -19.98 11.08
C LYS A 540 1.59 -21.24 11.71
N GLN A 541 1.79 -21.45 13.00
CA GLN A 541 1.29 -22.63 13.69
C GLN A 541 0.39 -22.21 14.85
N GLY A 542 -0.62 -23.04 15.10
CA GLY A 542 -1.53 -22.83 16.22
C GLY A 542 -2.26 -24.11 16.50
N ARG A 543 -3.07 -24.10 17.57
CA ARG A 543 -3.80 -25.27 17.99
C ARG A 543 -5.21 -24.90 18.39
N ILE A 544 -6.11 -25.89 18.29
CA ILE A 544 -7.40 -25.85 18.95
C ILE A 544 -7.42 -27.04 19.90
N VAL A 545 -7.42 -26.77 21.20
CA VAL A 545 -7.38 -27.79 22.24
C VAL A 545 -8.74 -27.85 22.90
N VAL A 546 -9.16 -29.06 23.25
CA VAL A 546 -10.47 -29.30 23.86
C VAL A 546 -10.24 -29.95 25.22
N PHE A 547 -10.70 -29.28 26.28
CA PHE A 547 -10.52 -29.74 27.64
C PHE A 547 -11.87 -30.11 28.24
N GLN A 548 -11.88 -31.14 29.07
CA GLN A 548 -13.06 -31.49 29.85
C GLN A 548 -12.69 -31.47 31.33
N TYR A 549 -13.40 -30.68 32.11
CA TYR A 549 -13.19 -30.59 33.55
C TYR A 549 -14.12 -31.59 34.22
N SER A 550 -13.56 -32.72 34.65
CA SER A 550 -14.33 -33.81 35.23
C SER A 550 -13.74 -34.22 36.55
N ASP A 551 -14.60 -34.46 37.53
CA ASP A 551 -14.22 -34.96 38.85
C ASP A 551 -12.98 -34.27 39.40
N GLY A 552 -12.90 -32.95 39.24
CA GLY A 552 -11.87 -32.17 39.89
C GLY A 552 -10.61 -31.95 39.07
N LYS A 553 -10.46 -32.62 37.93
CA LYS A 553 -9.26 -32.50 37.11
C LYS A 553 -9.64 -32.14 35.69
N LEU A 554 -8.64 -31.66 34.95
CA LEU A 554 -8.80 -31.22 33.57
C LEU A 554 -8.09 -32.20 32.66
N GLN A 555 -8.65 -32.42 31.46
CA GLN A 555 -8.15 -33.43 30.55
C GLN A 555 -8.31 -32.97 29.11
N THR A 556 -7.24 -33.10 28.33
CA THR A 556 -7.30 -32.81 26.90
C THR A 556 -8.04 -33.96 26.21
N VAL A 557 -9.10 -33.61 25.48
CA VAL A 557 -9.93 -34.61 24.82
C VAL A 557 -9.60 -34.64 23.34
N ALA A 558 -9.16 -33.50 22.79
CA ALA A 558 -8.75 -33.44 21.40
C ALA A 558 -7.82 -32.26 21.22
N GLU A 559 -7.08 -32.28 20.12
CA GLU A 559 -6.10 -31.23 19.83
C GLU A 559 -5.85 -31.24 18.33
N LYS A 560 -6.23 -30.16 17.67
CA LYS A 560 -6.15 -30.05 16.22
C LYS A 560 -5.16 -28.95 15.87
N GLU A 561 -4.09 -29.32 15.18
CA GLU A 561 -3.13 -28.34 14.71
C GLU A 561 -3.73 -27.54 13.56
N VAL A 562 -3.25 -26.31 13.40
CA VAL A 562 -3.74 -25.42 12.34
C VAL A 562 -2.60 -24.54 11.87
N LYS A 563 -2.60 -24.23 10.58
CA LYS A 563 -1.55 -23.41 9.98
C LYS A 563 -1.94 -21.94 10.06
N GLY A 564 -1.94 -21.43 11.29
CA GLY A 564 -2.28 -20.05 11.56
C GLY A 564 -2.76 -19.87 12.97
N ALA A 565 -2.82 -18.60 13.39
CA ALA A 565 -3.28 -18.27 14.73
C ALA A 565 -4.80 -18.33 14.80
N VAL A 566 -5.32 -18.96 15.84
CA VAL A 566 -6.76 -19.05 16.06
C VAL A 566 -7.16 -17.78 16.81
N TYR A 567 -7.52 -16.74 16.04
CA TYR A 567 -7.75 -15.42 16.61
C TYR A 567 -9.05 -15.38 17.42
N SER A 568 -10.09 -16.05 16.95
CA SER A 568 -11.36 -16.08 17.65
C SER A 568 -12.08 -17.38 17.34
N MET A 569 -13.05 -17.71 18.20
CA MET A 569 -13.86 -18.90 18.01
C MET A 569 -15.24 -18.67 18.60
N VAL A 570 -16.25 -19.29 18.00
CA VAL A 570 -17.61 -19.26 18.50
C VAL A 570 -18.26 -20.62 18.25
N GLU A 571 -19.34 -20.88 18.97
CA GLU A 571 -20.19 -22.02 18.70
C GLU A 571 -21.26 -21.62 17.70
N PHE A 572 -21.47 -22.46 16.69
CA PHE A 572 -22.32 -22.13 15.55
C PHE A 572 -23.23 -23.33 15.28
N ASN A 573 -24.42 -23.30 15.87
CA ASN A 573 -25.44 -24.33 15.61
C ASN A 573 -24.91 -25.72 15.94
N GLY A 574 -24.14 -25.83 17.02
CA GLY A 574 -23.57 -27.10 17.42
C GLY A 574 -22.26 -27.45 16.75
N LYS A 575 -21.73 -26.59 15.90
CA LYS A 575 -20.42 -26.74 15.31
C LYS A 575 -19.49 -25.68 15.90
N LEU A 576 -18.25 -25.67 15.46
CA LEU A 576 -17.25 -24.74 15.97
C LEU A 576 -16.73 -23.89 14.83
N LEU A 577 -16.94 -22.59 14.90
CA LEU A 577 -16.42 -21.66 13.90
C LEU A 577 -15.17 -21.01 14.45
N ALA A 578 -14.07 -21.09 13.71
CA ALA A 578 -12.79 -20.58 14.18
C ALA A 578 -12.13 -19.74 13.10
N SER A 579 -11.47 -18.67 13.52
CA SER A 579 -10.77 -17.75 12.63
C SER A 579 -9.29 -18.04 12.67
N ILE A 580 -8.74 -18.53 11.57
CA ILE A 580 -7.34 -18.91 11.45
C ILE A 580 -6.70 -17.95 10.45
N ASN A 581 -5.96 -16.96 10.96
CA ASN A 581 -5.36 -15.93 10.11
C ASN A 581 -6.43 -15.28 9.23
N SER A 582 -6.29 -15.40 7.91
CA SER A 582 -7.21 -14.79 6.98
C SER A 582 -8.31 -15.75 6.51
N THR A 583 -8.60 -16.79 7.30
CA THR A 583 -9.56 -17.81 6.93
C THR A 583 -10.56 -18.01 8.05
N VAL A 584 -11.78 -18.41 7.69
CA VAL A 584 -12.82 -18.80 8.63
C VAL A 584 -13.16 -20.25 8.35
N ARG A 585 -13.17 -21.08 9.38
CA ARG A 585 -13.30 -22.52 9.21
C ARG A 585 -14.39 -23.07 10.11
N LEU A 586 -15.21 -23.94 9.55
CA LEU A 586 -16.27 -24.61 10.29
C LEU A 586 -15.84 -26.04 10.60
N TYR A 587 -15.91 -26.42 11.87
CA TYR A 587 -15.48 -27.71 12.36
C TYR A 587 -16.68 -28.44 12.95
N GLU A 588 -16.70 -29.76 12.78
CA GLU A 588 -17.72 -30.61 13.33
C GLU A 588 -17.11 -31.60 14.31
N TRP A 589 -17.84 -31.89 15.38
CA TRP A 589 -17.38 -32.78 16.44
C TRP A 589 -17.77 -34.21 16.07
N THR A 590 -16.80 -34.99 15.61
CA THR A 590 -17.07 -36.33 15.10
C THR A 590 -17.24 -37.31 16.26
N THR A 591 -17.86 -38.46 15.96
CA THR A 591 -18.09 -39.48 16.98
C THR A 591 -16.78 -39.96 17.58
N GLU A 592 -15.70 -40.01 16.79
CA GLU A 592 -14.39 -40.35 17.32
C GLU A 592 -13.78 -39.23 18.16
N LYS A 593 -14.51 -38.13 18.34
CA LYS A 593 -14.06 -37.00 19.15
C LYS A 593 -12.82 -36.35 18.54
N GLU A 594 -12.97 -35.93 17.29
CA GLU A 594 -11.97 -35.14 16.59
C GLU A 594 -12.70 -34.07 15.80
N LEU A 595 -12.01 -32.96 15.54
CA LEU A 595 -12.61 -31.83 14.85
C LEU A 595 -12.42 -32.01 13.34
N ARG A 596 -13.54 -32.18 12.63
CA ARG A 596 -13.54 -32.44 11.20
C ARG A 596 -13.97 -31.19 10.45
N THR A 597 -13.18 -30.78 9.46
CA THR A 597 -13.51 -29.59 8.69
C THR A 597 -14.82 -29.77 7.95
N GLU A 598 -15.56 -28.67 7.81
CA GLU A 598 -16.81 -28.63 7.07
C GLU A 598 -16.75 -27.68 5.89
N CYS A 599 -16.27 -26.45 6.10
CA CYS A 599 -16.13 -25.49 5.00
C CYS A 599 -15.16 -24.40 5.43
N ASN A 600 -14.55 -23.78 4.42
CA ASN A 600 -13.64 -22.65 4.61
C ASN A 600 -14.15 -21.46 3.81
N HIS A 601 -13.93 -20.27 4.37
CA HIS A 601 -14.15 -19.02 3.67
C HIS A 601 -12.91 -18.16 3.79
N TYR A 602 -12.46 -17.61 2.68
CA TYR A 602 -11.25 -16.81 2.64
C TYR A 602 -11.62 -15.34 2.51
N ASN A 603 -10.90 -14.49 3.24
CA ASN A 603 -11.14 -13.05 3.24
C ASN A 603 -9.84 -12.32 2.98
N ASN A 604 -9.96 -11.09 2.51
CA ASN A 604 -8.83 -10.19 2.41
C ASN A 604 -8.35 -9.71 3.78
N ILE A 605 -9.10 -10.01 4.85
CA ILE A 605 -8.91 -9.41 6.16
C ILE A 605 -8.77 -10.50 7.21
N MET A 606 -7.88 -10.27 8.18
CA MET A 606 -7.83 -11.13 9.35
C MET A 606 -9.13 -11.02 10.13
N ALA A 607 -9.71 -12.16 10.51
CA ALA A 607 -10.98 -12.17 11.22
C ALA A 607 -10.72 -12.16 12.72
N LEU A 608 -10.25 -11.00 13.21
CA LEU A 608 -10.06 -10.84 14.64
C LEU A 608 -11.38 -10.95 15.39
N TYR A 609 -12.43 -10.31 14.86
CA TYR A 609 -13.72 -10.29 15.50
C TYR A 609 -14.66 -11.22 14.75
N LEU A 610 -15.33 -12.09 15.50
CA LEU A 610 -16.16 -13.15 14.94
C LEU A 610 -17.41 -13.26 15.78
N LYS A 611 -18.53 -12.76 15.27
CA LYS A 611 -19.79 -12.76 16.00
C LYS A 611 -20.82 -13.54 15.22
N THR A 612 -21.76 -14.17 15.94
CA THR A 612 -22.73 -15.05 15.31
C THR A 612 -24.12 -14.77 15.87
N LYS A 613 -25.09 -14.70 14.95
CA LYS A 613 -26.49 -14.63 15.36
C LYS A 613 -27.31 -15.41 14.32
N GLY A 614 -28.06 -16.40 14.79
CA GLY A 614 -28.80 -17.24 13.86
C GLY A 614 -27.83 -17.97 12.96
N ASP A 615 -27.96 -17.76 11.65
CA ASP A 615 -27.03 -18.31 10.68
C ASP A 615 -26.11 -17.25 10.09
N PHE A 616 -26.09 -16.06 10.67
CA PHE A 616 -25.33 -14.93 10.16
C PHE A 616 -24.06 -14.75 10.96
N ILE A 617 -22.96 -14.48 10.24
CA ILE A 617 -21.62 -14.39 10.82
C ILE A 617 -21.05 -13.03 10.46
N LEU A 618 -20.69 -12.27 11.49
CA LEU A 618 -20.07 -10.96 11.32
C LEU A 618 -18.57 -11.09 11.56
N VAL A 619 -17.78 -10.63 10.60
CA VAL A 619 -16.33 -10.78 10.60
C VAL A 619 -15.70 -9.40 10.50
N GLY A 620 -14.89 -9.06 11.49
CA GLY A 620 -14.21 -7.78 11.49
C GLY A 620 -12.73 -7.96 11.74
N ASP A 621 -11.97 -6.97 11.30
CA ASP A 621 -10.53 -6.91 11.55
C ASP A 621 -10.22 -5.60 12.27
N LEU A 622 -8.93 -5.38 12.54
CA LEU A 622 -8.53 -4.22 13.33
C LEU A 622 -8.67 -2.91 12.58
N MET A 623 -8.95 -2.94 11.28
CA MET A 623 -8.97 -1.74 10.44
C MET A 623 -10.39 -1.35 10.04
N ARG A 624 -11.37 -1.64 10.89
CA ARG A 624 -12.76 -1.23 10.75
C ARG A 624 -13.46 -1.95 9.59
N SER A 625 -12.75 -2.79 8.84
CA SER A 625 -13.39 -3.54 7.76
C SER A 625 -14.39 -4.53 8.33
N VAL A 626 -15.65 -4.39 7.93
CA VAL A 626 -16.73 -5.25 8.41
C VAL A 626 -17.22 -6.10 7.24
N LEU A 627 -17.55 -7.35 7.53
CA LEU A 627 -18.04 -8.28 6.52
C LEU A 627 -19.14 -9.10 7.15
N LEU A 628 -20.16 -9.45 6.36
CA LEU A 628 -21.31 -10.20 6.84
C LEU A 628 -21.54 -11.38 5.92
N LEU A 629 -21.22 -12.58 6.40
CA LEU A 629 -21.45 -13.84 5.72
C LEU A 629 -22.70 -14.50 6.27
N ALA A 630 -23.21 -15.47 5.50
CA ALA A 630 -24.31 -16.31 5.95
C ALA A 630 -23.99 -17.75 5.61
N TYR A 631 -24.64 -18.66 6.32
CA TYR A 631 -24.42 -20.09 6.17
C TYR A 631 -25.58 -20.69 5.40
N LYS A 632 -25.27 -21.47 4.37
CA LYS A 632 -26.26 -22.18 3.56
C LYS A 632 -26.22 -23.65 3.95
N PRO A 633 -27.03 -24.09 4.92
CA PRO A 633 -26.87 -25.46 5.42
C PRO A 633 -26.98 -26.52 4.34
N MET A 634 -27.88 -26.35 3.37
CA MET A 634 -28.00 -27.32 2.29
C MET A 634 -26.74 -27.34 1.44
N GLU A 635 -26.27 -26.16 1.03
CA GLU A 635 -25.02 -26.08 0.26
C GLU A 635 -23.81 -26.33 1.16
N GLY A 636 -23.92 -25.99 2.44
CA GLY A 636 -22.84 -26.21 3.38
C GLY A 636 -21.59 -25.39 3.10
N ASN A 637 -21.74 -24.09 2.93
CA ASN A 637 -20.60 -23.20 2.74
C ASN A 637 -21.00 -21.78 3.14
N PHE A 638 -20.09 -20.83 2.94
CA PHE A 638 -20.28 -19.45 3.32
C PHE A 638 -20.23 -18.56 2.09
N GLU A 639 -21.13 -17.58 2.04
CA GLU A 639 -21.13 -16.58 0.97
C GLU A 639 -21.30 -15.20 1.59
N GLU A 640 -20.78 -14.19 0.89
CA GLU A 640 -20.71 -12.83 1.44
C GLU A 640 -22.03 -12.11 1.20
N ILE A 641 -22.80 -11.95 2.28
CA ILE A 641 -24.05 -11.20 2.18
C ILE A 641 -23.77 -9.71 1.99
N ALA A 642 -22.88 -9.14 2.81
CA ALA A 642 -22.69 -7.70 2.80
C ALA A 642 -21.27 -7.36 3.23
N ARG A 643 -20.88 -6.11 2.99
CA ARG A 643 -19.50 -5.69 3.21
C ARG A 643 -19.47 -4.19 3.42
N ASP A 644 -18.53 -3.74 4.26
CA ASP A 644 -18.32 -2.31 4.47
C ASP A 644 -16.88 -2.12 4.97
N PHE A 645 -16.00 -1.72 4.05
CA PHE A 645 -14.60 -1.47 4.36
C PHE A 645 -14.36 0.04 4.41
N ASN A 646 -13.76 0.50 5.50
CA ASN A 646 -13.39 1.91 5.65
C ASN A 646 -12.25 2.03 6.67
N PRO A 647 -11.06 2.48 6.25
CA PRO A 647 -9.92 2.49 7.18
C PRO A 647 -10.15 3.25 8.47
N ASN A 648 -10.14 2.52 9.59
CA ASN A 648 -10.12 3.12 10.92
C ASN A 648 -9.92 1.99 11.92
N TRP A 649 -9.22 2.28 13.00
CA TRP A 649 -8.98 1.26 14.01
C TRP A 649 -10.27 0.93 14.73
N MET A 650 -10.63 -0.35 14.74
CA MET A 650 -11.85 -0.84 15.38
C MET A 650 -11.46 -1.74 16.54
N SER A 651 -12.06 -1.50 17.70
CA SER A 651 -11.68 -2.20 18.92
C SER A 651 -12.67 -3.27 19.35
N ALA A 652 -13.90 -3.26 18.83
CA ALA A 652 -14.87 -4.30 19.17
C ALA A 652 -16.04 -4.19 18.21
N VAL A 653 -16.81 -5.27 18.14
CA VAL A 653 -18.03 -5.31 17.34
C VAL A 653 -19.08 -6.12 18.09
N GLU A 654 -20.34 -5.90 17.72
CA GLU A 654 -21.45 -6.62 18.29
C GLU A 654 -22.57 -6.65 17.27
N ILE A 655 -23.49 -7.60 17.43
CA ILE A 655 -24.68 -7.71 16.61
C ILE A 655 -25.85 -7.24 17.45
N LEU A 656 -26.44 -6.10 17.10
CA LEU A 656 -27.61 -5.61 17.82
C LEU A 656 -28.84 -6.42 17.47
N ASP A 657 -29.01 -6.74 16.20
CA ASP A 657 -30.09 -7.60 15.72
C ASP A 657 -29.71 -8.07 14.33
N ASP A 658 -30.67 -8.68 13.63
CA ASP A 658 -30.39 -9.23 12.30
C ASP A 658 -29.83 -8.15 11.37
N ASP A 659 -30.23 -6.90 11.56
CA ASP A 659 -29.95 -5.84 10.59
C ASP A 659 -28.89 -4.85 11.05
N ASN A 660 -28.72 -4.64 12.34
CA ASN A 660 -27.89 -3.57 12.87
C ASN A 660 -26.68 -4.14 13.59
N PHE A 661 -25.50 -3.57 13.32
CA PHE A 661 -24.24 -4.03 13.90
C PHE A 661 -23.55 -2.86 14.58
N LEU A 662 -23.21 -3.05 15.84
CA LEU A 662 -22.59 -2.03 16.69
C LEU A 662 -21.08 -2.25 16.75
N GLY A 663 -20.33 -1.16 16.85
CA GLY A 663 -18.88 -1.26 16.90
C GLY A 663 -18.26 -0.06 17.56
N ALA A 664 -17.05 -0.27 18.06
CA ALA A 664 -16.26 0.77 18.72
C ALA A 664 -15.09 1.14 17.82
N GLU A 665 -14.92 2.45 17.60
CA GLU A 665 -14.03 2.98 16.59
C GLU A 665 -13.06 3.98 17.21
N ASN A 666 -11.97 4.22 16.49
CA ASN A 666 -10.86 5.00 17.01
C ASN A 666 -11.31 6.43 17.33
N ALA A 667 -10.64 7.01 18.32
CA ALA A 667 -10.99 8.28 18.95
C ALA A 667 -12.18 8.13 19.88
N PHE A 668 -12.45 6.91 20.36
CA PHE A 668 -13.47 6.67 21.38
C PHE A 668 -14.88 6.91 20.84
N ASN A 669 -15.17 6.36 19.67
CA ASN A 669 -16.47 6.52 19.04
C ASN A 669 -17.24 5.21 19.05
N LEU A 670 -18.56 5.32 18.94
CA LEU A 670 -19.44 4.20 18.64
C LEU A 670 -20.06 4.42 17.27
N PHE A 671 -20.12 3.36 16.47
CA PHE A 671 -20.80 3.40 15.19
C PHE A 671 -21.80 2.26 15.12
N VAL A 672 -22.86 2.49 14.36
CA VAL A 672 -23.88 1.48 14.09
C VAL A 672 -24.10 1.44 12.59
N CYS A 673 -23.83 0.29 11.99
CA CYS A 673 -24.01 0.03 10.56
C CYS A 673 -25.26 -0.82 10.36
N GLN A 674 -25.84 -0.70 9.17
CA GLN A 674 -27.15 -1.28 8.90
C GLN A 674 -27.13 -2.04 7.58
N LYS A 675 -27.87 -3.15 7.53
CA LYS A 675 -27.99 -3.93 6.31
C LYS A 675 -29.17 -3.45 5.48
N ALA A 679 -33.19 -1.19 -1.86
CA ALA A 679 -32.84 -0.66 -3.18
C ALA A 679 -33.11 -1.70 -4.26
N THR A 680 -33.11 -2.98 -3.88
CA THR A 680 -33.34 -4.08 -4.80
C THR A 680 -32.17 -4.26 -5.77
N THR A 681 -31.16 -3.41 -5.67
CA THR A 681 -29.98 -3.50 -6.52
C THR A 681 -28.92 -4.32 -5.80
N ASP A 682 -28.30 -5.25 -6.54
CA ASP A 682 -27.31 -6.14 -5.92
C ASP A 682 -26.19 -5.33 -5.29
N GLU A 683 -25.64 -4.36 -6.02
CA GLU A 683 -24.52 -3.59 -5.49
C GLU A 683 -24.91 -2.80 -4.25
N GLU A 684 -26.09 -2.17 -4.28
CA GLU A 684 -26.55 -1.43 -3.11
C GLU A 684 -26.87 -2.38 -1.95
N ARG A 685 -27.49 -3.52 -2.24
CA ARG A 685 -27.85 -4.47 -1.19
C ARG A 685 -26.62 -5.05 -0.51
N GLN A 686 -25.49 -5.13 -1.20
CA GLN A 686 -24.28 -5.72 -0.65
C GLN A 686 -23.48 -4.73 0.19
N HIS A 687 -23.96 -3.51 0.37
CA HIS A 687 -23.24 -2.48 1.09
C HIS A 687 -23.96 -2.14 2.39
N LEU A 688 -23.23 -2.19 3.50
CA LEU A 688 -23.75 -1.70 4.77
C LEU A 688 -23.66 -0.18 4.81
N GLN A 689 -24.69 0.45 5.36
CA GLN A 689 -24.74 1.90 5.48
C GLN A 689 -24.69 2.29 6.94
N GLU A 690 -23.72 3.14 7.29
CA GLU A 690 -23.59 3.60 8.67
C GLU A 690 -24.77 4.48 9.02
N VAL A 691 -25.56 4.06 10.00
CA VAL A 691 -26.76 4.78 10.40
C VAL A 691 -26.63 5.45 11.75
N GLY A 692 -25.56 5.19 12.50
CA GLY A 692 -25.39 5.87 13.76
C GLY A 692 -23.94 6.17 14.09
N LEU A 693 -23.67 7.38 14.58
CA LEU A 693 -22.34 7.79 15.01
C LEU A 693 -22.45 8.48 16.36
N PHE A 694 -21.45 8.26 17.21
CA PHE A 694 -21.47 8.79 18.56
C PHE A 694 -20.03 8.89 19.04
N HIS A 695 -19.77 9.84 19.93
CA HIS A 695 -18.49 9.94 20.60
C HIS A 695 -18.69 9.55 22.05
N LEU A 696 -18.18 8.38 22.42
CA LEU A 696 -18.36 7.86 23.77
C LEU A 696 -17.35 8.44 24.75
N GLY A 697 -16.16 8.81 24.28
CA GLY A 697 -15.12 9.26 25.19
C GLY A 697 -14.48 8.14 25.96
N GLU A 698 -14.68 6.90 25.53
CA GLU A 698 -14.12 5.73 26.19
C GLU A 698 -13.63 4.76 25.12
N PHE A 699 -12.68 3.92 25.52
CA PHE A 699 -12.13 2.87 24.65
C PHE A 699 -12.82 1.57 25.03
N VAL A 700 -13.79 1.16 24.24
CA VAL A 700 -14.58 -0.03 24.56
C VAL A 700 -13.76 -1.26 24.19
N ASN A 701 -13.56 -2.14 25.18
CA ASN A 701 -12.85 -3.39 24.97
C ASN A 701 -13.76 -4.55 24.62
N VAL A 702 -14.95 -4.62 25.21
CA VAL A 702 -15.78 -5.81 25.04
C VAL A 702 -17.25 -5.41 25.02
N PHE A 703 -18.02 -6.05 24.13
CA PHE A 703 -19.48 -6.02 24.12
C PHE A 703 -20.00 -7.39 24.54
N CYS A 704 -21.16 -7.41 25.20
CA CYS A 704 -21.77 -8.68 25.55
C CYS A 704 -23.25 -8.45 25.89
N HIS A 705 -24.10 -9.36 25.42
CA HIS A 705 -25.53 -9.24 25.66
C HIS A 705 -25.88 -9.63 27.09
N GLY A 706 -26.69 -8.80 27.73
CA GLY A 706 -27.11 -9.08 29.09
C GLY A 706 -27.65 -7.83 29.76
N SER A 707 -27.97 -8.00 31.04
CA SER A 707 -28.46 -6.90 31.85
C SER A 707 -28.20 -7.21 33.31
N LEU A 708 -28.27 -6.16 34.14
CA LEU A 708 -28.07 -6.27 35.57
C LEU A 708 -29.36 -6.04 36.36
N VAL A 709 -30.50 -6.00 35.69
CA VAL A 709 -31.77 -5.69 36.33
C VAL A 709 -32.68 -6.92 36.25
N MET A 710 -33.65 -6.97 37.16
CA MET A 710 -34.57 -8.09 37.21
C MET A 710 -35.30 -8.23 35.88
N GLN A 711 -35.15 -9.39 35.25
CA GLN A 711 -35.84 -9.64 33.99
C GLN A 711 -37.35 -9.66 34.22
N ASN A 712 -38.08 -8.98 33.34
CA ASN A 712 -39.53 -8.91 33.44
C ASN A 712 -39.96 -8.33 34.77
N THR A 718 -41.30 -3.66 26.81
CA THR A 718 -40.66 -2.46 27.34
C THR A 718 -40.56 -1.37 26.27
N PRO A 719 -40.37 -0.12 26.70
CA PRO A 719 -40.08 0.94 25.73
C PRO A 719 -38.77 0.75 24.99
N THR A 720 -37.88 -0.08 25.51
CA THR A 720 -36.58 -0.36 24.90
C THR A 720 -36.49 -1.85 24.58
N GLN A 721 -35.77 -2.16 23.51
CA GLN A 721 -35.58 -3.54 23.07
C GLN A 721 -34.09 -3.85 23.02
N GLY A 722 -33.68 -4.89 23.74
CA GLY A 722 -32.31 -5.31 23.76
C GLY A 722 -31.52 -4.69 24.91
N SER A 723 -30.35 -5.27 25.17
CA SER A 723 -29.49 -4.78 26.23
C SER A 723 -28.08 -5.31 25.97
N VAL A 724 -27.15 -4.42 25.66
CA VAL A 724 -25.76 -4.78 25.42
C VAL A 724 -24.91 -4.03 26.43
N LEU A 725 -24.23 -4.77 27.31
CA LEU A 725 -23.27 -4.19 28.22
C LEU A 725 -21.90 -4.15 27.57
N PHE A 726 -21.20 -3.03 27.71
CA PHE A 726 -19.86 -2.93 27.17
C PHE A 726 -18.91 -2.43 28.25
N GLY A 727 -17.68 -2.93 28.18
CA GLY A 727 -16.65 -2.59 29.13
C GLY A 727 -15.43 -2.03 28.42
N THR A 728 -14.81 -1.05 29.08
CA THR A 728 -13.83 -0.14 28.50
C THR A 728 -12.52 -0.18 29.28
N VAL A 729 -11.53 0.55 28.76
CA VAL A 729 -10.20 0.55 29.36
C VAL A 729 -10.17 1.29 30.68
N ASN A 730 -11.03 2.29 30.87
CA ASN A 730 -11.02 3.13 32.06
C ASN A 730 -11.90 2.59 33.17
N GLY A 731 -12.51 1.43 33.00
CA GLY A 731 -13.34 0.84 34.03
C GLY A 731 -14.79 1.26 34.01
N MET A 732 -15.23 1.92 32.95
CA MET A 732 -16.61 2.36 32.82
C MET A 732 -17.41 1.27 32.11
N ILE A 733 -18.51 0.85 32.72
CA ILE A 733 -19.43 -0.10 32.12
C ILE A 733 -20.63 0.67 31.58
N GLY A 734 -20.98 0.42 30.32
CA GLY A 734 -22.10 1.10 29.71
C GLY A 734 -23.14 0.16 29.17
N LEU A 735 -24.33 0.67 28.92
CA LEU A 735 -25.45 -0.11 28.42
C LEU A 735 -25.96 0.55 27.14
N VAL A 736 -26.19 -0.26 26.11
CA VAL A 736 -26.78 0.18 24.85
C VAL A 736 -28.07 -0.60 24.64
N THR A 737 -29.16 0.12 24.39
CA THR A 737 -30.42 -0.48 24.01
C THR A 737 -30.92 0.19 22.76
N SER A 738 -32.05 -0.29 22.23
CA SER A 738 -32.64 0.24 21.02
C SER A 738 -34.01 0.83 21.31
N LEU A 739 -34.35 1.89 20.59
CA LEU A 739 -35.56 2.66 20.81
C LEU A 739 -36.47 2.59 19.59
N SER A 740 -37.70 3.03 19.78
CA SER A 740 -38.64 3.24 18.69
C SER A 740 -38.49 4.65 18.15
N GLU A 741 -38.99 4.87 16.93
CA GLU A 741 -38.87 6.18 16.30
C GLU A 741 -39.58 7.25 17.13
N SER A 742 -40.75 6.93 17.68
CA SER A 742 -41.45 7.88 18.52
C SER A 742 -40.61 8.25 19.74
N TRP A 743 -40.09 7.24 20.44
CA TRP A 743 -39.26 7.50 21.61
C TRP A 743 -37.97 8.21 21.23
N TYR A 744 -37.36 7.82 20.11
CA TYR A 744 -36.14 8.47 19.68
C TYR A 744 -36.37 9.95 19.42
N ASN A 745 -37.44 10.28 18.71
CA ASN A 745 -37.73 11.68 18.42
C ASN A 745 -38.05 12.45 19.69
N LEU A 746 -38.85 11.85 20.59
CA LEU A 746 -39.17 12.53 21.84
C LEU A 746 -37.90 12.83 22.63
N LEU A 747 -37.01 11.85 22.75
CA LEU A 747 -35.82 12.04 23.56
C LEU A 747 -34.82 12.96 22.88
N LEU A 748 -34.76 12.96 21.54
CA LEU A 748 -33.91 13.90 20.85
C LEU A 748 -34.38 15.34 21.06
N ASP A 749 -35.70 15.57 21.00
CA ASP A 749 -36.21 16.90 21.30
C ASP A 749 -35.94 17.28 22.75
N MET A 750 -36.09 16.34 23.68
CA MET A 750 -35.69 16.60 25.06
C MET A 750 -34.23 16.99 25.14
N GLN A 751 -33.37 16.31 24.41
CA GLN A 751 -31.94 16.64 24.43
C GLN A 751 -31.72 18.07 23.99
N ASN A 752 -32.30 18.44 22.84
CA ASN A 752 -32.12 19.79 22.35
C ASN A 752 -32.68 20.82 23.33
N ARG A 753 -33.72 20.47 24.07
CA ARG A 753 -34.27 21.40 25.05
C ARG A 753 -33.41 21.48 26.31
N LEU A 754 -32.77 20.38 26.71
CA LEU A 754 -31.94 20.38 27.91
C LEU A 754 -30.60 21.06 27.68
N ASN A 755 -30.03 20.89 26.48
CA ASN A 755 -28.78 21.56 26.16
C ASN A 755 -28.90 23.08 26.23
N LYS A 756 -30.11 23.61 26.42
CA LYS A 756 -30.31 25.05 26.59
C LYS A 756 -30.53 25.45 28.04
N VAL A 757 -30.72 24.50 28.95
CA VAL A 757 -30.96 24.79 30.35
C VAL A 757 -29.77 24.38 31.22
N ILE A 758 -29.15 23.25 30.94
CA ILE A 758 -28.05 22.76 31.75
C ILE A 758 -26.81 23.62 31.51
N LYS A 759 -26.15 24.02 32.58
CA LYS A 759 -24.93 24.83 32.51
C LYS A 759 -23.74 23.87 32.57
N SER A 760 -23.15 23.59 31.41
CA SER A 760 -22.03 22.67 31.36
C SER A 760 -20.78 23.28 31.97
N VAL A 761 -20.08 22.50 32.79
CA VAL A 761 -18.85 22.98 33.40
C VAL A 761 -17.79 23.18 32.32
N GLY A 762 -17.13 24.33 32.35
CA GLY A 762 -16.25 24.72 31.26
C GLY A 762 -16.99 25.24 30.05
N LYS A 763 -18.31 25.23 30.06
CA LYS A 763 -19.13 25.75 28.97
C LYS A 763 -18.79 25.09 27.65
N ILE A 764 -18.77 23.76 27.66
CA ILE A 764 -18.59 22.96 26.46
C ILE A 764 -19.95 22.57 25.92
N GLU A 765 -20.10 22.63 24.60
CA GLU A 765 -21.37 22.23 23.98
C GLU A 765 -21.51 20.72 24.00
N HIS A 766 -22.68 20.24 24.45
CA HIS A 766 -22.94 18.81 24.44
C HIS A 766 -22.89 18.26 23.03
N SER A 767 -23.44 19.01 22.06
CA SER A 767 -23.42 18.56 20.68
C SER A 767 -21.99 18.52 20.15
N PHE A 768 -21.12 19.40 20.65
CA PHE A 768 -19.71 19.31 20.32
C PHE A 768 -19.05 18.14 21.02
N TRP A 769 -19.43 17.90 22.28
CA TRP A 769 -18.87 16.81 23.05
C TRP A 769 -19.13 15.47 22.38
N ARG A 770 -20.36 15.25 21.91
CA ARG A 770 -20.77 13.95 21.38
C ARG A 770 -20.56 13.82 19.87
N SER A 771 -20.02 14.85 19.21
CA SER A 771 -19.76 14.74 17.79
C SER A 771 -18.76 13.62 17.51
N PHE A 772 -19.10 12.76 16.55
CA PHE A 772 -18.16 11.74 16.11
C PHE A 772 -16.87 12.41 15.67
N HIS A 773 -15.75 11.92 16.22
CA HIS A 773 -14.45 12.56 16.05
C HIS A 773 -13.44 11.55 15.53
N THR A 774 -12.57 12.02 14.65
CA THR A 774 -11.53 11.22 14.03
C THR A 774 -10.48 12.20 13.52
N GLU A 775 -9.30 11.68 13.20
CA GLU A 775 -8.24 12.54 12.68
C GLU A 775 -8.76 13.39 11.53
N ARG A 776 -8.81 14.70 11.75
CA ARG A 776 -9.29 15.66 10.75
C ARG A 776 -10.61 15.21 10.13
N LYS A 777 -11.51 14.68 10.96
CA LYS A 777 -12.87 14.38 10.55
C LYS A 777 -13.77 14.57 11.76
N THR A 778 -14.87 15.31 11.59
CA THR A 778 -15.80 15.58 12.67
C THR A 778 -17.20 15.64 12.10
N GLU A 779 -18.11 14.83 12.67
CA GLU A 779 -19.48 14.78 12.22
C GLU A 779 -20.40 14.93 13.41
N PRO A 780 -21.60 15.48 13.22
CA PRO A 780 -22.57 15.53 14.32
C PRO A 780 -22.99 14.12 14.73
N ALA A 781 -23.36 14.00 16.00
CA ALA A 781 -23.87 12.72 16.49
C ALA A 781 -25.20 12.39 15.84
N THR A 782 -25.38 11.12 15.50
CA THR A 782 -26.61 10.67 14.86
C THR A 782 -26.95 9.27 15.35
N GLY A 783 -28.24 8.98 15.42
CA GLY A 783 -28.72 7.65 15.73
C GLY A 783 -28.58 7.24 17.18
N PHE A 784 -28.04 8.11 18.03
CA PHE A 784 -27.80 7.79 19.43
C PHE A 784 -28.42 8.85 20.31
N ILE A 785 -28.87 8.43 21.49
CA ILE A 785 -29.35 9.34 22.53
C ILE A 785 -28.40 9.21 23.72
N ASP A 786 -27.91 10.34 24.21
CA ASP A 786 -27.09 10.35 25.40
C ASP A 786 -28.01 10.13 26.60
N GLY A 787 -27.98 8.91 27.15
CA GLY A 787 -28.86 8.60 28.26
C GLY A 787 -28.50 9.32 29.54
N ASP A 788 -27.23 9.70 29.69
CA ASP A 788 -26.83 10.46 30.87
C ASP A 788 -27.43 11.85 30.88
N LEU A 789 -27.39 12.54 29.73
CA LEU A 789 -28.02 13.84 29.62
C LEU A 789 -29.51 13.75 29.95
N ILE A 790 -30.19 12.76 29.37
CA ILE A 790 -31.62 12.60 29.61
C ILE A 790 -31.89 12.34 31.09
N GLU A 791 -31.17 11.38 31.66
CA GLU A 791 -31.38 11.01 33.06
C GLU A 791 -31.02 12.15 34.02
N SER A 792 -30.23 13.13 33.56
CA SER A 792 -30.01 14.33 34.36
C SER A 792 -31.22 15.23 34.44
N PHE A 793 -32.28 14.93 33.67
CA PHE A 793 -33.47 15.78 33.69
C PHE A 793 -34.13 15.82 35.06
N LEU A 794 -33.98 14.75 35.85
CA LEU A 794 -34.60 14.74 37.17
C LEU A 794 -33.89 15.67 38.14
N ASP A 795 -32.58 15.87 37.97
CA ASP A 795 -31.81 16.64 38.94
C ASP A 795 -32.17 18.12 38.91
N ILE A 796 -32.60 18.64 37.75
CA ILE A 796 -32.89 20.07 37.65
C ILE A 796 -34.19 20.39 38.39
N SER A 797 -34.23 21.58 38.97
CA SER A 797 -35.38 21.99 39.77
C SER A 797 -36.63 22.10 38.90
N ARG A 798 -37.78 22.12 39.57
CA ARG A 798 -39.05 22.13 38.84
C ARG A 798 -39.21 23.34 37.92
N PRO A 799 -38.84 24.56 38.30
CA PRO A 799 -38.93 25.66 37.32
C PRO A 799 -38.16 25.39 36.04
N LYS A 800 -36.98 24.79 36.15
CA LYS A 800 -36.21 24.45 34.95
C LYS A 800 -36.91 23.35 34.16
N MET A 801 -37.59 22.43 34.85
CA MET A 801 -38.40 21.44 34.15
C MET A 801 -39.51 22.10 33.35
N GLN A 802 -40.18 23.08 33.96
CA GLN A 802 -41.21 23.84 33.25
C GLN A 802 -40.63 24.51 32.03
N GLU A 803 -39.43 25.10 32.17
CA GLU A 803 -38.77 25.71 31.02
C GLU A 803 -38.51 24.69 29.93
N VAL A 804 -38.04 23.50 30.31
CA VAL A 804 -37.65 22.49 29.32
C VAL A 804 -38.86 22.00 28.56
N VAL A 805 -39.95 21.69 29.27
CA VAL A 805 -41.07 20.95 28.67
C VAL A 805 -42.01 21.82 27.86
N ALA A 806 -41.80 23.12 27.80
CA ALA A 806 -42.75 24.01 27.14
C ALA A 806 -42.94 23.64 25.68
N ASN A 807 -44.20 23.57 25.25
CA ASN A 807 -44.57 23.38 23.85
C ASN A 807 -44.06 22.06 23.27
N LEU A 808 -43.75 21.09 24.12
CA LEU A 808 -43.35 19.77 23.66
C LEU A 808 -44.59 18.89 23.52
N GLN A 809 -44.71 18.22 22.38
CA GLN A 809 -45.91 17.45 22.06
C GLN A 809 -45.75 16.00 22.48
N TYR A 810 -46.64 15.53 23.34
CA TYR A 810 -46.61 14.16 23.83
C TYR A 810 -47.27 13.23 22.81
N LYS A 817 -50.67 12.95 20.76
CA LYS A 817 -50.52 14.26 20.12
C LYS A 817 -50.88 15.38 21.09
N ARG A 818 -50.99 15.05 22.37
CA ARG A 818 -51.23 16.05 23.39
C ARG A 818 -49.96 16.83 23.66
N GLU A 819 -50.13 18.04 24.20
CA GLU A 819 -48.98 18.80 24.68
C GLU A 819 -48.46 18.18 25.97
N ALA A 820 -47.15 17.96 26.03
CA ALA A 820 -46.56 17.24 27.15
C ALA A 820 -46.52 18.13 28.40
N THR A 821 -46.29 17.48 29.53
CA THR A 821 -46.15 18.17 30.81
C THR A 821 -45.02 17.51 31.58
N ALA A 822 -44.42 18.29 32.49
CA ALA A 822 -43.28 17.78 33.26
C ALA A 822 -43.63 16.50 34.02
N ASP A 823 -44.89 16.38 34.47
CA ASP A 823 -45.26 15.18 35.22
C ASP A 823 -45.29 13.94 34.34
N ASP A 824 -45.40 14.12 33.01
CA ASP A 824 -45.33 12.99 32.10
C ASP A 824 -43.89 12.67 31.72
N LEU A 825 -43.07 13.70 31.54
CA LEU A 825 -41.66 13.46 31.23
C LEU A 825 -40.93 12.86 32.42
N ILE A 826 -41.38 13.17 33.63
CA ILE A 826 -40.86 12.47 34.81
C ILE A 826 -41.10 10.97 34.68
N LYS A 827 -42.32 10.59 34.29
CA LYS A 827 -42.63 9.18 34.11
C LYS A 827 -41.74 8.57 33.03
N VAL A 828 -41.58 9.28 31.92
CA VAL A 828 -40.76 8.77 30.82
C VAL A 828 -39.33 8.53 31.31
N VAL A 829 -38.76 9.51 32.01
CA VAL A 829 -37.36 9.41 32.40
C VAL A 829 -37.17 8.35 33.49
N GLU A 830 -38.13 8.22 34.40
CA GLU A 830 -38.03 7.14 35.39
C GLU A 830 -38.09 5.78 34.72
N GLU A 831 -38.98 5.61 33.76
CA GLU A 831 -39.07 4.34 33.05
C GLU A 831 -37.80 4.06 32.25
N LEU A 832 -37.14 5.11 31.77
CA LEU A 832 -35.86 4.91 31.08
C LEU A 832 -34.75 4.60 32.08
N THR A 833 -34.79 5.20 33.26
CA THR A 833 -33.75 5.00 34.26
C THR A 833 -33.83 3.60 34.86
N ARG A 834 -35.00 2.99 34.85
CA ARG A 834 -35.17 1.68 35.45
C ARG A 834 -34.68 0.53 34.55
N ILE A 835 -33.87 0.81 33.53
CA ILE A 835 -33.29 -0.26 32.71
C ILE A 835 -31.93 -0.70 33.20
N HIS A 836 -31.35 -0.04 34.20
CA HIS A 836 -30.09 -0.49 34.77
C HIS A 836 -30.10 -0.30 36.28
N ILE B 7 -0.25 9.86 -63.81
CA ILE B 7 0.74 10.92 -63.90
C ILE B 7 1.66 10.87 -62.69
N ILE B 8 2.96 10.75 -62.96
CA ILE B 8 3.98 10.66 -61.91
C ILE B 8 5.04 11.71 -62.18
N ASN B 9 5.31 12.56 -61.19
CA ASN B 9 6.45 13.45 -61.22
C ASN B 9 7.61 12.93 -60.37
N PHE B 10 7.38 11.89 -59.57
CA PHE B 10 8.41 11.33 -58.71
C PHE B 10 9.50 10.69 -59.57
N ASP B 11 10.75 11.06 -59.29
CA ASP B 11 11.88 10.53 -60.05
C ASP B 11 11.99 9.03 -59.79
N THR B 12 11.69 8.23 -60.80
CA THR B 12 11.62 6.78 -60.64
C THR B 12 13.01 6.13 -60.56
N SER B 13 14.09 6.89 -60.74
CA SER B 13 15.43 6.36 -60.63
C SER B 13 15.99 6.43 -59.22
N LEU B 14 15.21 6.90 -58.25
CA LEU B 14 15.69 7.02 -56.88
C LEU B 14 15.64 5.67 -56.16
N PRO B 15 14.53 4.93 -56.23
CA PRO B 15 14.50 3.62 -55.55
C PRO B 15 15.55 2.65 -56.05
N THR B 16 15.87 2.69 -57.34
CA THR B 16 16.83 1.75 -57.91
C THR B 16 18.25 1.98 -57.40
N SER B 17 18.52 3.14 -56.81
CA SER B 17 19.85 3.49 -56.34
C SER B 17 20.05 3.22 -54.86
N HIS B 18 18.99 2.95 -54.10
CA HIS B 18 19.08 2.65 -52.68
C HIS B 18 19.86 3.75 -51.95
N THR B 19 19.27 4.94 -51.96
CA THR B 19 19.87 6.08 -51.28
C THR B 19 19.63 6.06 -49.78
N TYR B 20 18.89 5.07 -49.27
CA TYR B 20 18.67 4.95 -47.84
C TYR B 20 19.85 4.28 -47.14
N LEU B 21 20.77 3.68 -47.88
CA LEU B 21 21.96 3.06 -47.31
C LEU B 21 23.09 4.06 -47.11
N GLY B 22 22.89 5.33 -47.41
CA GLY B 22 23.86 6.36 -47.14
C GLY B 22 24.68 6.74 -48.36
N ALA B 23 25.54 7.73 -48.16
CA ALA B 23 26.40 8.26 -49.22
C ALA B 23 27.85 7.84 -48.98
N ASP B 24 28.69 8.18 -49.94
CA ASP B 24 30.12 7.88 -49.90
C ASP B 24 30.41 6.39 -49.92
N MET B 25 29.44 5.58 -50.35
CA MET B 25 29.68 4.15 -50.48
C MET B 25 30.65 3.90 -51.64
N GLU B 26 31.69 3.10 -51.37
CA GLU B 26 32.66 2.78 -52.40
C GLU B 26 32.05 1.84 -53.43
N GLU B 27 32.34 2.11 -54.70
CA GLU B 27 31.83 1.32 -55.81
C GLU B 27 32.98 0.62 -56.52
N PHE B 28 32.69 -0.55 -57.08
CA PHE B 28 33.68 -1.39 -57.76
C PHE B 28 33.26 -1.53 -59.21
N HIS B 29 33.91 -0.76 -60.10
CA HIS B 29 33.68 -0.88 -61.52
C HIS B 29 34.42 -2.09 -62.08
N GLY B 30 33.82 -2.72 -63.08
CA GLY B 30 34.38 -3.90 -63.69
C GLY B 30 33.58 -5.14 -63.36
N ARG B 31 33.48 -6.04 -64.33
CA ARG B 31 32.69 -7.26 -64.20
C ARG B 31 33.61 -8.47 -64.15
N THR B 32 33.19 -9.47 -63.36
CA THR B 32 33.88 -10.75 -63.27
C THR B 32 32.86 -11.85 -63.53
N LEU B 33 33.15 -12.74 -64.47
CA LEU B 33 32.22 -13.78 -64.86
C LEU B 33 32.98 -15.10 -65.02
N HIS B 34 32.34 -16.19 -64.58
CA HIS B 34 32.93 -17.51 -64.76
C HIS B 34 32.67 -18.03 -66.17
N ASP B 35 33.27 -19.17 -66.48
CA ASP B 35 33.10 -19.76 -67.79
C ASP B 35 31.70 -20.37 -67.92
N ASP B 36 31.30 -20.61 -69.17
CA ASP B 36 29.92 -21.02 -69.44
C ASP B 36 29.59 -22.33 -68.74
N ASP B 37 30.50 -23.30 -68.78
CA ASP B 37 30.24 -24.62 -68.24
C ASP B 37 31.15 -24.96 -67.06
N SER B 38 32.10 -24.11 -66.72
CA SER B 38 33.05 -24.42 -65.67
C SER B 38 32.35 -24.55 -64.32
N CYS B 39 32.94 -25.33 -63.44
CA CYS B 39 32.41 -25.60 -62.10
C CYS B 39 33.33 -24.95 -61.07
N GLN B 40 32.74 -24.18 -60.15
CA GLN B 40 33.51 -23.43 -59.17
C GLN B 40 32.87 -23.59 -57.80
N VAL B 41 33.65 -23.24 -56.77
CA VAL B 41 33.20 -23.29 -55.38
C VAL B 41 33.09 -21.87 -54.86
N ILE B 42 31.95 -21.54 -54.27
CA ILE B 42 31.61 -20.15 -53.96
C ILE B 42 31.11 -20.04 -52.53
N PRO B 43 31.42 -18.95 -51.82
CA PRO B 43 30.84 -18.76 -50.48
C PRO B 43 29.35 -18.50 -50.54
N VAL B 44 28.68 -18.79 -49.43
CA VAL B 44 27.23 -18.67 -49.32
C VAL B 44 26.90 -17.72 -48.19
N LEU B 45 25.99 -16.78 -48.43
CA LEU B 45 25.44 -15.99 -47.34
C LEU B 45 24.58 -16.92 -46.49
N PRO B 46 24.87 -17.08 -45.19
CA PRO B 46 24.18 -18.12 -44.42
C PRO B 46 22.73 -17.82 -44.10
N GLN B 47 22.34 -16.54 -44.02
CA GLN B 47 21.03 -16.17 -43.49
C GLN B 47 20.03 -15.75 -44.54
N VAL B 48 20.45 -15.05 -45.59
CA VAL B 48 19.49 -14.47 -46.53
C VAL B 48 18.81 -15.58 -47.31
N MET B 49 17.49 -15.70 -47.14
CA MET B 49 16.68 -16.61 -47.94
C MET B 49 15.98 -15.80 -49.02
N MET B 50 16.28 -16.11 -50.27
CA MET B 50 15.73 -15.35 -51.39
C MET B 50 16.12 -16.04 -52.68
N ILE B 51 15.18 -16.15 -53.62
CA ILE B 51 15.48 -16.68 -54.95
C ILE B 51 15.96 -15.49 -55.77
N LEU B 52 17.25 -15.18 -55.64
CA LEU B 52 17.84 -14.11 -56.41
C LEU B 52 17.89 -14.50 -57.88
N ILE B 53 17.41 -13.61 -58.75
CA ILE B 53 17.40 -13.87 -60.19
C ILE B 53 18.53 -13.04 -60.81
N PRO B 54 19.20 -13.53 -61.84
CA PRO B 54 20.30 -12.76 -62.43
C PRO B 54 19.85 -11.38 -62.87
N GLY B 55 20.72 -10.40 -62.65
CA GLY B 55 20.43 -9.01 -62.94
C GLY B 55 19.78 -8.25 -61.81
N GLN B 56 19.22 -8.96 -60.83
CA GLN B 56 18.49 -8.31 -59.75
C GLN B 56 19.45 -7.71 -58.73
N THR B 57 19.08 -6.55 -58.19
CA THR B 57 19.87 -5.88 -57.17
C THR B 57 19.40 -6.32 -55.79
N LEU B 58 20.37 -6.65 -54.94
CA LEU B 58 20.10 -7.12 -53.57
C LEU B 58 20.89 -6.23 -52.62
N PRO B 59 20.24 -5.36 -51.85
CA PRO B 59 20.97 -4.59 -50.83
C PRO B 59 21.03 -5.35 -49.51
N LEU B 60 22.19 -5.31 -48.88
CA LEU B 60 22.45 -6.11 -47.69
C LEU B 60 23.10 -5.25 -46.62
N GLN B 61 22.84 -5.62 -45.35
CA GLN B 61 23.47 -5.04 -44.18
C GLN B 61 23.86 -6.19 -43.25
N LEU B 62 25.10 -6.65 -43.38
CA LEU B 62 25.57 -7.76 -42.57
C LEU B 62 26.21 -7.24 -41.29
N PHE B 63 25.92 -7.90 -40.17
CA PHE B 63 26.41 -7.47 -38.87
C PHE B 63 27.12 -8.60 -38.15
N HIS B 64 26.82 -9.84 -38.50
CA HIS B 64 27.47 -10.97 -37.85
C HIS B 64 28.99 -10.89 -38.08
N PRO B 65 29.80 -11.24 -37.08
CA PRO B 65 31.26 -11.16 -37.29
C PRO B 65 31.74 -12.03 -38.45
N GLN B 66 31.17 -13.23 -38.59
CA GLN B 66 31.61 -14.14 -39.64
C GLN B 66 31.30 -13.55 -41.02
N GLU B 67 30.09 -13.04 -41.21
CA GLU B 67 29.72 -12.49 -42.50
C GLU B 67 30.54 -11.26 -42.86
N VAL B 68 30.76 -10.37 -41.88
CA VAL B 68 31.57 -9.19 -42.15
C VAL B 68 32.99 -9.60 -42.51
N SER B 69 33.55 -10.57 -41.78
CA SER B 69 34.89 -11.05 -42.10
C SER B 69 34.95 -11.61 -43.52
N MET B 70 33.97 -12.43 -43.88
CA MET B 70 33.99 -13.03 -45.21
C MET B 70 33.83 -11.98 -46.30
N VAL B 71 32.94 -11.01 -46.12
CA VAL B 71 32.83 -9.94 -47.11
C VAL B 71 34.15 -9.20 -47.21
N ARG B 72 34.81 -8.96 -46.09
CA ARG B 72 36.11 -8.29 -46.14
C ARG B 72 37.13 -9.11 -46.93
N ASN B 73 37.08 -10.43 -46.83
CA ASN B 73 37.96 -11.27 -47.64
C ASN B 73 37.44 -11.52 -49.05
N LEU B 74 36.24 -11.04 -49.38
CA LEU B 74 35.73 -11.15 -50.74
C LEU B 74 36.22 -10.01 -51.61
N ILE B 75 36.23 -8.80 -51.08
CA ILE B 75 36.71 -7.65 -51.84
C ILE B 75 38.15 -7.87 -52.30
N GLN B 76 38.91 -8.69 -51.58
CA GLN B 76 40.26 -9.04 -52.04
C GLN B 76 40.20 -9.95 -53.25
N LYS B 77 39.41 -11.02 -53.17
CA LYS B 77 39.24 -11.95 -54.27
C LYS B 77 38.22 -11.39 -55.25
N ASP B 78 37.72 -12.22 -56.15
CA ASP B 78 36.53 -11.85 -56.91
C ASP B 78 35.43 -11.42 -55.96
N ARG B 79 34.57 -10.53 -56.43
CA ARG B 79 33.55 -9.90 -55.59
C ARG B 79 32.23 -10.68 -55.61
N THR B 80 32.29 -12.00 -55.78
CA THR B 80 31.11 -12.82 -55.93
C THR B 80 30.87 -13.67 -54.69
N PHE B 81 29.61 -14.03 -54.48
CA PHE B 81 29.20 -15.03 -53.50
C PHE B 81 27.96 -15.72 -54.05
N ALA B 82 27.26 -16.49 -53.21
CA ALA B 82 26.15 -17.30 -53.67
C ALA B 82 24.91 -17.06 -52.83
N VAL B 83 23.74 -17.24 -53.44
CA VAL B 83 22.46 -17.26 -52.76
C VAL B 83 21.68 -18.46 -53.25
N LEU B 84 21.28 -19.32 -52.33
CA LEU B 84 20.59 -20.56 -52.66
C LEU B 84 19.09 -20.35 -52.72
N ALA B 85 18.41 -21.20 -53.50
CA ALA B 85 16.98 -21.06 -53.68
C ALA B 85 16.20 -21.44 -52.43
N TYR B 86 16.55 -22.56 -51.81
CA TYR B 86 15.84 -23.06 -50.63
C TYR B 86 14.35 -23.19 -50.94
N GLU B 93 17.51 -27.34 -47.74
CA GLU B 93 17.90 -28.02 -48.97
C GLU B 93 17.90 -27.03 -50.14
N ALA B 94 18.86 -27.18 -51.03
CA ALA B 94 18.98 -26.29 -52.19
C ALA B 94 19.66 -27.03 -53.33
N GLN B 95 18.94 -27.16 -54.45
CA GLN B 95 19.50 -27.76 -55.65
C GLN B 95 19.93 -26.72 -56.67
N PHE B 96 19.37 -25.52 -56.63
CA PHE B 96 19.70 -24.44 -57.54
C PHE B 96 20.04 -23.19 -56.75
N GLY B 97 20.74 -22.27 -57.41
CA GLY B 97 21.04 -20.99 -56.78
C GLY B 97 21.54 -20.00 -57.82
N THR B 98 21.87 -18.82 -57.34
CA THR B 98 22.40 -17.76 -58.21
C THR B 98 23.56 -17.08 -57.51
N THR B 99 24.63 -16.85 -58.25
CA THR B 99 25.74 -16.08 -57.73
C THR B 99 25.43 -14.60 -57.79
N ALA B 100 25.94 -13.86 -56.82
CA ALA B 100 25.72 -12.42 -56.70
C ALA B 100 27.05 -11.71 -56.62
N GLU B 101 27.21 -10.66 -57.41
CA GLU B 101 28.47 -9.92 -57.53
C GLU B 101 28.31 -8.56 -56.88
N ILE B 102 29.18 -8.28 -55.90
CA ILE B 102 29.15 -6.98 -55.23
C ILE B 102 29.64 -5.90 -56.19
N TYR B 103 29.05 -4.71 -56.10
CA TYR B 103 29.52 -3.56 -56.85
C TYR B 103 29.52 -2.27 -56.04
N ALA B 104 29.04 -2.29 -54.80
CA ALA B 104 29.08 -1.12 -53.94
C ALA B 104 29.14 -1.61 -52.50
N TYR B 105 29.89 -0.90 -51.66
CA TYR B 105 30.34 -1.47 -50.40
C TYR B 105 30.66 -0.35 -49.42
N ARG B 106 30.41 -0.61 -48.12
CA ARG B 106 30.83 0.31 -47.08
C ARG B 106 30.78 -0.41 -45.73
N GLU B 107 31.64 0.02 -44.81
CA GLU B 107 31.66 -0.47 -43.44
C GLU B 107 31.49 0.68 -42.47
N GLU B 108 30.81 0.45 -41.36
CA GLU B 108 30.55 1.51 -40.41
C GLU B 108 30.46 0.92 -39.00
N GLN B 109 30.55 1.80 -38.01
CA GLN B 109 30.51 1.45 -36.60
C GLN B 109 29.21 1.86 -35.93
N ASP B 110 28.15 2.09 -36.71
CA ASP B 110 26.98 2.76 -36.16
C ASP B 110 26.32 1.93 -35.06
N PHE B 111 25.96 2.61 -33.98
CA PHE B 111 25.15 2.04 -32.90
C PHE B 111 25.76 0.75 -32.34
N GLY B 112 27.07 0.81 -32.07
CA GLY B 112 27.69 -0.12 -31.17
C GLY B 112 28.39 -1.32 -31.78
N ILE B 113 28.23 -1.58 -33.07
CA ILE B 113 28.85 -2.74 -33.71
C ILE B 113 29.37 -2.33 -35.08
N GLU B 114 30.13 -3.25 -35.69
CA GLU B 114 30.63 -3.08 -37.05
C GLU B 114 29.65 -3.74 -38.01
N ILE B 115 29.12 -2.95 -38.94
CA ILE B 115 28.17 -3.44 -39.92
C ILE B 115 28.66 -3.06 -41.30
N VAL B 116 28.55 -3.99 -42.24
CA VAL B 116 28.94 -3.77 -43.63
C VAL B 116 27.68 -3.75 -44.47
N LYS B 117 27.44 -2.63 -45.13
CA LYS B 117 26.30 -2.49 -46.03
C LYS B 117 26.81 -2.50 -47.47
N VAL B 118 26.22 -3.38 -48.28
CA VAL B 118 26.70 -3.65 -49.63
C VAL B 118 25.52 -3.76 -50.59
N LYS B 119 25.83 -3.78 -51.88
CA LYS B 119 24.86 -4.00 -52.93
C LYS B 119 25.42 -5.08 -53.86
N ALA B 120 24.60 -6.06 -54.22
CA ALA B 120 25.02 -7.18 -55.04
C ALA B 120 24.05 -7.40 -56.19
N ILE B 121 24.58 -7.49 -57.41
CA ILE B 121 23.76 -7.67 -58.60
C ILE B 121 23.91 -9.12 -59.04
N GLY B 122 22.83 -9.89 -58.95
CA GLY B 122 22.89 -11.29 -59.33
C GLY B 122 23.39 -11.46 -60.75
N ARG B 123 24.30 -12.42 -60.94
CA ARG B 123 24.96 -12.58 -62.24
C ARG B 123 24.63 -13.90 -62.92
N GLN B 124 24.84 -15.04 -62.27
CA GLN B 124 24.79 -16.33 -62.94
C GLN B 124 24.00 -17.34 -62.12
N ARG B 125 23.33 -18.25 -62.84
CA ARG B 125 22.67 -19.39 -62.22
C ARG B 125 23.66 -20.52 -62.00
N PHE B 126 23.30 -21.44 -61.10
CA PHE B 126 24.15 -22.60 -60.89
C PHE B 126 23.33 -23.71 -60.23
N LYS B 127 23.78 -24.94 -60.45
CA LYS B 127 23.24 -26.12 -59.80
C LYS B 127 24.26 -26.64 -58.80
N VAL B 128 23.81 -26.89 -57.57
CA VAL B 128 24.72 -27.24 -56.49
C VAL B 128 25.15 -28.69 -56.64
N LEU B 129 26.47 -28.91 -56.72
CA LEU B 129 27.01 -30.26 -56.68
C LEU B 129 27.20 -30.73 -55.24
N GLU B 130 27.81 -29.90 -54.41
CA GLU B 130 28.03 -30.25 -53.00
C GLU B 130 27.95 -28.99 -52.16
N LEU B 131 27.54 -29.17 -50.90
CA LEU B 131 27.59 -28.14 -49.88
C LEU B 131 28.53 -28.59 -48.78
N ARG B 132 29.49 -27.73 -48.42
CA ARG B 132 30.43 -28.01 -47.36
C ARG B 132 30.45 -26.85 -46.39
N THR B 133 30.88 -27.11 -45.17
CA THR B 133 30.88 -26.11 -44.12
C THR B 133 32.30 -25.90 -43.59
N GLN B 134 32.52 -24.73 -43.01
CA GLN B 134 33.78 -24.38 -42.39
C GLN B 134 33.53 -24.05 -40.92
N SER B 135 34.58 -24.21 -40.12
CA SER B 135 34.46 -23.93 -38.68
C SER B 135 34.02 -22.49 -38.45
N ASP B 136 34.30 -21.59 -39.40
CA ASP B 136 33.93 -20.19 -39.25
C ASP B 136 32.42 -19.97 -39.32
N GLY B 137 31.65 -20.99 -39.71
CA GLY B 137 30.20 -20.94 -39.72
C GLY B 137 29.58 -20.66 -41.08
N ILE B 138 30.36 -20.12 -42.02
CA ILE B 138 29.84 -19.90 -43.36
C ILE B 138 30.03 -21.17 -44.19
N GLN B 139 29.18 -21.32 -45.21
CA GLN B 139 29.17 -22.50 -46.06
C GLN B 139 29.75 -22.17 -47.43
N GLN B 140 30.30 -23.19 -48.06
CA GLN B 140 30.82 -23.11 -49.42
C GLN B 140 30.07 -24.12 -50.29
N ALA B 141 29.53 -23.64 -51.40
CA ALA B 141 28.83 -24.49 -52.35
C ALA B 141 29.72 -24.73 -53.55
N LYS B 142 30.07 -26.00 -53.79
CA LYS B 142 30.77 -26.41 -55.00
C LYS B 142 29.71 -26.70 -56.04
N VAL B 143 29.59 -25.82 -57.04
CA VAL B 143 28.46 -25.80 -57.95
C VAL B 143 28.97 -25.72 -59.39
N GLN B 144 28.06 -25.95 -60.32
CA GLN B 144 28.35 -25.89 -61.75
C GLN B 144 27.53 -24.76 -62.36
N ILE B 145 28.21 -23.86 -63.06
CA ILE B 145 27.54 -22.72 -63.69
C ILE B 145 26.59 -23.23 -64.76
N LEU B 146 25.30 -23.06 -64.52
CA LEU B 146 24.30 -23.48 -65.50
C LEU B 146 24.33 -22.56 -66.72
N PRO B 147 24.45 -23.09 -67.93
CA PRO B 147 24.44 -22.24 -69.13
C PRO B 147 23.01 -21.87 -69.51
N GLU B 148 22.90 -21.11 -70.60
CA GLU B 148 21.62 -20.71 -71.16
C GLU B 148 21.45 -21.31 -72.54
N CYS B 149 20.23 -21.75 -72.84
CA CYS B 149 19.94 -22.44 -74.10
C CYS B 149 19.43 -21.46 -75.14
N VAL B 150 20.34 -20.60 -75.60
CA VAL B 150 20.00 -19.68 -76.68
C VAL B 150 19.70 -20.47 -77.94
N LEU B 151 18.64 -20.08 -78.63
CA LEU B 151 18.16 -20.80 -79.80
C LEU B 151 18.05 -19.86 -81.00
N PRO B 152 18.20 -20.39 -82.21
CA PRO B 152 18.03 -19.56 -83.40
C PRO B 152 16.54 -19.42 -83.73
N SER B 153 16.26 -18.69 -84.81
CA SER B 153 14.89 -18.61 -85.29
C SER B 153 14.38 -20.02 -85.59
N THR B 154 13.16 -20.30 -85.11
CA THR B 154 12.62 -21.65 -85.27
C THR B 154 12.56 -22.06 -86.73
N MET B 155 12.49 -21.09 -87.64
CA MET B 155 12.51 -21.38 -89.07
C MET B 155 13.95 -21.54 -89.55
N TYR B 182 -0.07 -2.15 -85.51
CA TYR B 182 -0.11 -3.58 -85.76
C TYR B 182 0.29 -3.92 -87.19
N LYS B 183 0.23 -2.92 -88.07
CA LYS B 183 0.49 -3.17 -89.49
C LYS B 183 1.91 -3.66 -89.71
N TRP B 184 2.89 -3.02 -89.05
CA TRP B 184 4.26 -3.51 -89.14
C TRP B 184 4.34 -4.95 -88.68
N TRP B 185 3.70 -5.27 -87.55
CA TRP B 185 3.73 -6.63 -87.04
C TRP B 185 2.81 -7.56 -87.82
N GLN B 186 1.78 -7.03 -88.47
CA GLN B 186 1.02 -7.85 -89.41
C GLN B 186 1.92 -8.33 -90.55
N LYS B 187 2.69 -7.41 -91.15
CA LYS B 187 3.64 -7.80 -92.18
C LYS B 187 4.73 -8.71 -91.61
N TYR B 188 5.14 -8.48 -90.36
CA TYR B 188 6.10 -9.35 -89.71
C TYR B 188 5.59 -10.79 -89.67
N GLN B 189 4.36 -10.98 -89.18
CA GLN B 189 3.79 -12.32 -89.12
C GLN B 189 3.60 -12.90 -90.53
N LYS B 190 3.30 -12.05 -91.51
CA LYS B 190 3.22 -12.52 -92.88
C LYS B 190 4.55 -13.07 -93.36
N ARG B 191 5.64 -12.37 -93.04
CA ARG B 191 6.94 -12.69 -93.62
C ARG B 191 7.65 -13.82 -92.88
N LYS B 192 7.72 -13.74 -91.55
CA LYS B 192 8.62 -14.61 -90.81
C LYS B 192 8.13 -16.06 -90.76
N PHE B 193 6.83 -16.27 -90.91
CA PHE B 193 6.23 -17.59 -90.72
C PHE B 193 5.60 -18.15 -91.99
N HIS B 194 6.13 -17.75 -93.15
CA HIS B 194 5.70 -18.36 -94.41
C HIS B 194 6.14 -19.82 -94.49
N CYS B 195 7.42 -20.08 -94.21
CA CYS B 195 7.96 -21.43 -94.31
C CYS B 195 7.23 -22.42 -93.42
N ALA B 196 6.37 -21.95 -92.52
CA ALA B 196 5.56 -22.87 -91.72
C ALA B 196 4.68 -23.75 -92.59
N ASN B 197 4.42 -23.34 -93.84
CA ASN B 197 3.66 -24.20 -94.74
C ASN B 197 4.38 -25.51 -95.03
N LEU B 198 5.69 -25.55 -94.83
CA LEU B 198 6.49 -26.74 -95.12
C LEU B 198 6.59 -27.70 -93.93
N THR B 199 5.97 -27.36 -92.80
CA THR B 199 5.99 -28.22 -91.62
C THR B 199 4.56 -28.51 -91.19
N SER B 200 4.44 -29.40 -90.20
CA SER B 200 3.15 -29.94 -89.78
C SER B 200 2.44 -29.06 -88.75
N TRP B 201 2.78 -27.77 -88.69
CA TRP B 201 2.14 -26.84 -87.77
C TRP B 201 1.67 -25.62 -88.53
N PRO B 202 0.61 -24.96 -88.07
CA PRO B 202 0.05 -23.84 -88.82
C PRO B 202 0.94 -22.60 -88.74
N ARG B 203 0.60 -21.62 -89.57
CA ARG B 203 1.38 -20.38 -89.60
C ARG B 203 1.33 -19.66 -88.26
N TRP B 204 0.15 -19.60 -87.64
CA TRP B 204 0.00 -18.81 -86.42
C TRP B 204 0.71 -19.45 -85.23
N LEU B 205 0.82 -20.79 -85.21
CA LEU B 205 1.35 -21.46 -84.03
C LEU B 205 2.81 -21.10 -83.79
N TYR B 206 3.60 -20.94 -84.86
CA TYR B 206 4.98 -20.53 -84.71
C TYR B 206 5.11 -19.08 -84.25
N SER B 207 4.04 -18.30 -84.31
CA SER B 207 4.07 -16.94 -83.77
C SER B 207 4.05 -16.92 -82.25
N LEU B 208 3.75 -18.04 -81.60
CA LEU B 208 3.74 -18.15 -80.16
C LEU B 208 5.06 -18.61 -79.57
N TYR B 209 6.07 -18.89 -80.40
CA TYR B 209 7.36 -19.39 -79.94
C TYR B 209 8.50 -18.57 -80.51
N ASP B 210 8.28 -17.29 -80.74
CA ASP B 210 9.29 -16.38 -81.27
C ASP B 210 9.62 -15.34 -80.22
N ALA B 211 10.91 -14.99 -80.13
CA ALA B 211 11.33 -14.02 -79.12
C ALA B 211 10.65 -12.68 -79.33
N GLU B 212 10.58 -12.23 -80.58
CA GLU B 212 10.09 -10.87 -80.85
C GLU B 212 8.61 -10.73 -80.54
N THR B 213 7.78 -11.65 -81.02
CA THR B 213 6.34 -11.53 -80.80
C THR B 213 6.00 -11.65 -79.32
N LEU B 214 6.62 -12.62 -78.63
CA LEU B 214 6.36 -12.79 -77.21
C LEU B 214 6.84 -11.58 -76.42
N MET B 215 8.00 -11.03 -76.77
CA MET B 215 8.49 -9.83 -76.10
C MET B 215 7.56 -8.65 -76.34
N ASP B 216 7.02 -8.53 -77.55
CA ASP B 216 6.07 -7.47 -77.83
C ASP B 216 4.81 -7.61 -76.98
N ARG B 217 4.28 -8.83 -76.87
CA ARG B 217 3.09 -9.02 -76.06
C ARG B 217 3.38 -8.67 -74.60
N ILE B 218 4.53 -9.09 -74.08
CA ILE B 218 4.88 -8.80 -72.69
C ILE B 218 5.05 -7.30 -72.49
N LYS B 219 5.74 -6.63 -73.42
CA LYS B 219 5.94 -5.19 -73.29
C LYS B 219 4.62 -4.45 -73.36
N LYS B 220 3.72 -4.87 -74.27
CA LYS B 220 2.40 -4.27 -74.34
C LYS B 220 1.62 -4.46 -73.06
N GLN B 221 1.81 -5.59 -72.38
CA GLN B 221 1.16 -5.79 -71.08
C GLN B 221 1.80 -4.97 -69.98
N LEU B 222 3.10 -4.68 -70.08
CA LEU B 222 3.76 -3.87 -69.05
C LEU B 222 3.60 -2.37 -69.29
N ARG B 223 3.05 -1.97 -70.44
CA ARG B 223 2.84 -0.55 -70.70
C ARG B 223 2.01 0.10 -69.60
N GLU B 224 0.97 -0.61 -69.13
CA GLU B 224 0.11 -0.06 -68.09
C GLU B 224 0.88 0.21 -66.81
N TRP B 225 1.79 -0.70 -66.44
CA TRP B 225 2.54 -0.53 -65.20
C TRP B 225 3.53 0.62 -65.31
N ASP B 226 4.48 0.51 -66.25
CA ASP B 226 5.54 1.51 -66.37
C ASP B 226 4.99 2.82 -66.94
N LEU B 234 14.27 -1.25 -71.33
CA LEU B 234 14.33 -2.68 -71.06
C LEU B 234 15.32 -3.36 -72.01
N PRO B 235 15.90 -4.47 -71.58
CA PRO B 235 16.89 -5.15 -72.43
C PRO B 235 16.23 -5.88 -73.59
N SER B 236 16.90 -5.80 -74.74
CA SER B 236 16.35 -6.38 -75.97
C SER B 236 16.64 -7.88 -76.07
N ASN B 237 17.82 -8.30 -75.64
CA ASN B 237 18.15 -9.71 -75.72
C ASN B 237 17.16 -10.52 -74.88
N PRO B 238 16.56 -11.58 -75.44
CA PRO B 238 15.49 -12.26 -74.70
C PRO B 238 15.91 -12.80 -73.34
N ILE B 239 17.18 -13.17 -73.17
CA ILE B 239 17.64 -13.67 -71.87
C ILE B 239 17.47 -12.58 -70.81
N ASP B 240 17.98 -11.39 -71.09
CA ASP B 240 17.91 -10.30 -70.12
C ASP B 240 16.47 -9.84 -69.92
N PHE B 241 15.69 -9.78 -70.99
CA PHE B 241 14.29 -9.40 -70.86
C PHE B 241 13.54 -10.37 -69.95
N SER B 242 13.73 -11.67 -70.18
CA SER B 242 13.04 -12.66 -69.36
C SER B 242 13.50 -12.59 -67.91
N TYR B 243 14.80 -12.39 -67.68
CA TYR B 243 15.28 -12.29 -66.31
C TYR B 243 14.70 -11.07 -65.60
N ARG B 244 14.63 -9.93 -66.29
CA ARG B 244 14.08 -8.73 -65.65
C ARG B 244 12.58 -8.88 -65.39
N VAL B 245 11.87 -9.55 -66.30
CA VAL B 245 10.44 -9.75 -66.11
C VAL B 245 10.17 -10.72 -64.97
N ALA B 246 10.98 -11.78 -64.86
CA ALA B 246 10.72 -12.78 -63.84
C ALA B 246 10.93 -12.24 -62.43
N ALA B 247 11.85 -11.29 -62.26
CA ALA B 247 12.17 -10.78 -60.93
C ALA B 247 11.16 -9.75 -60.42
N CYS B 248 10.27 -9.26 -61.26
CA CYS B 248 9.30 -8.23 -60.87
C CYS B 248 7.90 -8.78 -60.67
N LEU B 249 7.73 -10.10 -60.59
CA LEU B 249 6.40 -10.64 -60.40
C LEU B 249 6.14 -10.96 -58.94
N PRO B 250 4.89 -10.89 -58.48
CA PRO B 250 4.57 -11.20 -57.09
C PRO B 250 4.38 -12.68 -56.79
N ILE B 251 4.74 -13.57 -57.71
CA ILE B 251 4.39 -14.98 -57.58
C ILE B 251 5.03 -15.58 -56.33
N ASP B 252 4.43 -16.67 -55.87
CA ASP B 252 4.96 -17.40 -54.73
C ASP B 252 6.32 -18.00 -55.09
N ASP B 253 6.93 -18.65 -54.09
CA ASP B 253 8.31 -19.07 -54.24
C ASP B 253 8.47 -20.12 -55.33
N VAL B 254 7.65 -21.17 -55.30
CA VAL B 254 7.88 -22.33 -56.15
C VAL B 254 7.87 -21.93 -57.63
N LEU B 255 6.99 -21.00 -58.00
CA LEU B 255 7.00 -20.49 -59.36
C LEU B 255 8.32 -19.82 -59.70
N ARG B 256 8.87 -19.07 -58.74
CA ARG B 256 10.16 -18.42 -58.98
C ARG B 256 11.27 -19.45 -59.14
N ILE B 257 11.23 -20.52 -58.33
CA ILE B 257 12.23 -21.58 -58.48
C ILE B 257 12.11 -22.20 -59.87
N GLN B 258 10.88 -22.46 -60.31
CA GLN B 258 10.64 -22.94 -61.66
C GLN B 258 11.31 -22.03 -62.67
N LEU B 259 10.89 -20.76 -62.70
CA LEU B 259 11.45 -19.82 -63.68
C LEU B 259 12.97 -19.78 -63.63
N LEU B 260 13.54 -19.89 -62.43
CA LEU B 260 14.99 -19.89 -62.31
C LEU B 260 15.60 -21.12 -62.98
N LYS B 261 14.99 -22.29 -62.81
CA LYS B 261 15.53 -23.49 -63.42
C LYS B 261 15.21 -23.60 -64.91
N ILE B 262 14.25 -22.81 -65.42
CA ILE B 262 13.97 -22.82 -66.85
C ILE B 262 15.21 -22.39 -67.60
N GLY B 263 15.63 -23.21 -68.57
CA GLY B 263 16.92 -23.02 -69.20
C GLY B 263 16.90 -22.29 -70.53
N SER B 264 15.72 -21.93 -71.02
CA SER B 264 15.58 -21.29 -72.32
C SER B 264 14.88 -19.95 -72.16
N ALA B 265 15.16 -19.04 -73.11
CA ALA B 265 14.57 -17.72 -73.05
C ALA B 265 13.09 -17.75 -73.43
N ILE B 266 12.76 -18.45 -74.52
CA ILE B 266 11.38 -18.46 -75.00
C ILE B 266 10.47 -19.11 -73.97
N GLN B 267 10.91 -20.22 -73.38
CA GLN B 267 10.08 -20.90 -72.39
C GLN B 267 9.86 -20.01 -71.16
N ARG B 268 10.91 -19.34 -70.70
CA ARG B 268 10.75 -18.45 -69.56
C ARG B 268 9.79 -17.31 -69.87
N LEU B 269 9.91 -16.73 -71.07
CA LEU B 269 9.00 -15.67 -71.48
C LEU B 269 7.56 -16.18 -71.52
N ARG B 270 7.35 -17.38 -72.07
CA ARG B 270 6.01 -17.94 -72.15
C ARG B 270 5.43 -18.14 -70.76
N CYS B 271 6.21 -18.71 -69.84
CA CYS B 271 5.72 -18.91 -68.48
C CYS B 271 5.40 -17.57 -67.82
N GLU B 272 6.25 -16.57 -68.02
CA GLU B 272 5.99 -15.26 -67.46
C GLU B 272 4.68 -14.70 -67.97
N LEU B 273 4.43 -14.81 -69.28
CA LEU B 273 3.19 -14.30 -69.85
C LEU B 273 1.99 -15.06 -69.32
N ASP B 274 2.09 -16.40 -69.25
CA ASP B 274 1.01 -17.19 -68.67
C ASP B 274 0.69 -16.70 -67.27
N ILE B 275 1.71 -16.35 -66.50
CA ILE B 275 1.49 -15.88 -65.14
C ILE B 275 0.84 -14.51 -65.14
N MET B 276 1.34 -13.60 -65.98
CA MET B 276 0.76 -12.25 -66.02
C MET B 276 -0.70 -12.29 -66.44
N ASN B 277 -1.10 -13.29 -67.23
CA ASN B 277 -2.49 -13.42 -67.64
C ASN B 277 -3.29 -14.38 -66.75
N LYS B 278 -2.65 -15.07 -65.81
CA LYS B 278 -3.35 -15.99 -64.92
C LYS B 278 -3.58 -15.38 -63.54
N CYS B 279 -2.51 -14.90 -62.91
CA CYS B 279 -2.62 -14.30 -61.58
C CYS B 279 -3.57 -13.11 -61.61
N THR B 280 -4.73 -13.25 -60.98
CA THR B 280 -5.76 -12.23 -61.03
C THR B 280 -5.81 -11.34 -59.79
N SER B 281 -5.50 -11.89 -58.62
CA SER B 281 -5.58 -11.12 -57.38
C SER B 281 -4.50 -11.58 -56.42
N LEU B 282 -4.21 -10.73 -55.44
CA LEU B 282 -3.22 -11.01 -54.41
C LEU B 282 -3.91 -10.90 -53.05
N CYS B 283 -3.77 -11.96 -52.25
CA CYS B 283 -4.49 -12.11 -50.99
C CYS B 283 -3.50 -12.38 -49.87
N CYS B 284 -3.98 -12.27 -48.63
CA CYS B 284 -3.15 -12.55 -47.47
C CYS B 284 -2.73 -14.01 -47.48
N LYS B 285 -1.43 -14.24 -47.24
CA LYS B 285 -0.91 -15.60 -47.27
C LYS B 285 -1.45 -16.43 -46.11
N GLN B 286 -1.46 -15.85 -44.91
CA GLN B 286 -1.97 -16.57 -43.75
C GLN B 286 -3.44 -16.91 -43.88
N CYS B 287 -4.26 -15.98 -44.39
CA CYS B 287 -5.70 -16.18 -44.52
C CYS B 287 -6.07 -17.04 -45.73
N GLN B 288 -5.39 -16.83 -46.86
CA GLN B 288 -5.69 -17.46 -48.15
C GLN B 288 -7.00 -16.97 -48.75
N GLU B 289 -7.75 -16.12 -48.05
CA GLU B 289 -9.01 -15.60 -48.55
C GLU B 289 -9.16 -14.10 -48.40
N THR B 290 -8.35 -13.45 -47.58
CA THR B 290 -8.41 -12.00 -47.41
C THR B 290 -7.75 -11.35 -48.63
N GLU B 291 -8.56 -10.76 -49.50
CA GLU B 291 -8.08 -10.15 -50.72
C GLU B 291 -7.43 -8.81 -50.41
N ILE B 292 -6.18 -8.65 -50.83
CA ILE B 292 -5.44 -7.42 -50.60
C ILE B 292 -5.50 -6.49 -51.81
N THR B 293 -5.33 -7.01 -53.02
CA THR B 293 -5.42 -6.15 -54.20
C THR B 293 -5.53 -7.04 -55.44
N THR B 294 -5.48 -6.39 -56.60
CA THR B 294 -5.55 -7.06 -57.90
C THR B 294 -4.30 -6.72 -58.72
N LYS B 295 -4.23 -7.29 -59.91
CA LYS B 295 -3.11 -7.01 -60.80
C LYS B 295 -3.27 -5.67 -61.52
N ASN B 296 -4.46 -5.09 -61.50
CA ASN B 296 -4.68 -3.81 -62.17
C ASN B 296 -4.09 -2.64 -61.41
N GLU B 297 -3.95 -2.74 -60.09
CA GLU B 297 -3.39 -1.68 -59.28
C GLU B 297 -1.87 -1.65 -59.30
N ILE B 298 -1.23 -2.74 -59.71
CA ILE B 298 0.23 -2.78 -59.71
C ILE B 298 0.77 -1.70 -60.64
N PHE B 299 1.79 -1.00 -60.19
CA PHE B 299 2.44 0.02 -61.00
C PHE B 299 3.92 0.08 -60.63
N SER B 300 4.72 0.58 -61.56
CA SER B 300 6.17 0.57 -61.44
C SER B 300 6.63 1.96 -60.99
N LEU B 301 6.92 2.08 -59.71
CA LEU B 301 7.43 3.32 -59.15
C LEU B 301 8.93 3.46 -59.28
N SER B 302 9.64 2.37 -59.58
CA SER B 302 11.07 2.39 -59.82
C SER B 302 11.36 1.81 -61.20
N LEU B 303 12.42 2.29 -61.83
CA LEU B 303 12.76 1.83 -63.17
C LEU B 303 13.14 0.35 -63.21
N CYS B 304 13.27 -0.30 -62.06
CA CYS B 304 13.54 -1.73 -62.02
C CYS B 304 12.28 -2.58 -62.18
N GLY B 305 11.10 -1.99 -62.00
CA GLY B 305 9.85 -2.71 -62.18
C GLY B 305 8.92 -2.56 -60.99
N PRO B 306 7.75 -3.19 -61.07
CA PRO B 306 6.79 -3.08 -59.96
C PRO B 306 7.30 -3.61 -58.65
N MET B 307 8.25 -4.54 -58.65
CA MET B 307 8.74 -5.16 -57.43
C MET B 307 10.25 -4.99 -57.34
N ALA B 308 10.74 -4.85 -56.11
CA ALA B 308 12.18 -4.75 -55.91
C ALA B 308 12.51 -5.11 -54.47
N ALA B 309 13.77 -5.49 -54.26
CA ALA B 309 14.26 -5.89 -52.94
C ALA B 309 14.87 -4.71 -52.23
N TYR B 310 14.47 -4.49 -50.98
CA TYR B 310 14.98 -3.39 -50.17
C TYR B 310 15.37 -3.93 -48.80
N VAL B 311 16.44 -3.40 -48.22
CA VAL B 311 16.86 -3.83 -46.90
C VAL B 311 16.44 -2.79 -45.86
N ASN B 312 15.90 -3.26 -44.74
CA ASN B 312 15.46 -2.37 -43.68
C ASN B 312 16.63 -2.11 -42.72
N PRO B 313 16.45 -1.28 -41.69
CA PRO B 313 17.60 -0.90 -40.85
C PRO B 313 18.30 -2.08 -40.20
N HIS B 314 17.59 -3.15 -39.88
CA HIS B 314 18.18 -4.30 -39.23
C HIS B 314 18.54 -5.41 -40.21
N GLY B 315 18.86 -5.06 -41.45
CA GLY B 315 19.38 -6.02 -42.40
C GLY B 315 18.41 -7.13 -42.75
N TYR B 316 17.15 -6.78 -42.98
CA TYR B 316 16.14 -7.72 -43.44
C TYR B 316 15.74 -7.31 -44.85
N VAL B 317 15.78 -8.26 -45.78
CA VAL B 317 15.48 -7.98 -47.18
C VAL B 317 14.00 -8.26 -47.41
N HIS B 318 13.25 -7.22 -47.76
CA HIS B 318 11.84 -7.31 -48.10
C HIS B 318 11.67 -7.07 -49.59
N GLU B 319 10.95 -7.96 -50.26
CA GLU B 319 10.62 -7.75 -51.66
C GLU B 319 9.28 -7.02 -51.75
N THR B 320 9.34 -5.73 -52.07
CA THR B 320 8.18 -4.84 -52.02
C THR B 320 7.61 -4.69 -53.41
N LEU B 321 6.29 -4.81 -53.52
CA LEU B 321 5.53 -4.54 -54.71
C LEU B 321 4.70 -3.28 -54.49
N THR B 322 4.82 -2.32 -55.41
CA THR B 322 4.09 -1.07 -55.28
C THR B 322 2.73 -1.20 -55.95
N VAL B 323 1.69 -0.68 -55.28
CA VAL B 323 0.32 -0.76 -55.78
C VAL B 323 -0.41 0.53 -55.44
N TYR B 324 -1.30 0.95 -56.34
CA TYR B 324 -2.06 2.18 -56.13
C TYR B 324 -3.06 2.01 -54.98
N LYS B 325 -3.81 0.91 -54.99
CA LYS B 325 -4.86 0.67 -54.02
C LYS B 325 -4.69 -0.70 -53.40
N ALA B 326 -4.85 -0.76 -52.08
CA ALA B 326 -4.87 -2.01 -51.34
C ALA B 326 -6.02 -1.95 -50.34
N CYS B 327 -6.53 -3.12 -49.98
CA CYS B 327 -7.72 -3.20 -49.15
C CYS B 327 -7.50 -4.25 -48.06
N ASN B 328 -8.36 -4.20 -47.04
CA ASN B 328 -8.36 -5.14 -45.93
C ASN B 328 -7.17 -4.94 -44.99
N LEU B 329 -6.61 -3.73 -44.97
CA LEU B 329 -5.40 -3.43 -44.19
C LEU B 329 -5.70 -2.31 -43.20
N ASN B 330 -5.26 -2.49 -41.96
CA ASN B 330 -5.28 -1.44 -40.96
C ASN B 330 -3.87 -0.91 -40.75
N LEU B 331 -3.77 0.41 -40.59
CA LEU B 331 -2.50 1.07 -40.38
C LEU B 331 -2.17 1.09 -38.89
N ILE B 332 -0.92 0.80 -38.56
CA ILE B 332 -0.44 0.72 -37.18
C ILE B 332 0.66 1.76 -37.01
N GLY B 333 0.64 2.44 -35.88
CA GLY B 333 1.70 3.37 -35.55
C GLY B 333 1.58 4.69 -36.29
N ARG B 334 2.70 5.40 -36.31
CA ARG B 334 2.83 6.73 -36.86
C ARG B 334 3.53 6.70 -38.22
N PRO B 335 3.26 7.67 -39.09
CA PRO B 335 4.07 7.81 -40.30
C PRO B 335 5.48 8.27 -39.99
N SER B 336 6.44 7.86 -40.81
CA SER B 336 7.82 8.27 -40.62
C SER B 336 8.54 8.27 -41.96
N THR B 337 9.60 9.06 -42.06
CA THR B 337 10.46 9.08 -43.23
C THR B 337 11.83 8.50 -42.93
N GLU B 338 12.00 7.87 -41.77
CA GLU B 338 13.29 7.27 -41.44
C GLU B 338 13.55 6.06 -42.33
N HIS B 339 14.74 6.01 -42.92
CA HIS B 339 15.16 4.91 -43.79
C HIS B 339 14.17 4.67 -44.92
N SER B 340 13.39 5.67 -45.29
CA SER B 340 12.35 5.48 -46.29
C SER B 340 12.97 4.98 -47.59
N TRP B 341 12.44 3.87 -48.10
CA TRP B 341 12.97 3.30 -49.32
C TRP B 341 12.66 4.17 -50.53
N PHE B 342 11.55 4.91 -50.48
CA PHE B 342 11.16 5.80 -51.57
C PHE B 342 11.28 7.24 -51.08
N PRO B 343 12.34 7.97 -51.47
CA PRO B 343 12.53 9.30 -50.91
C PRO B 343 11.35 10.22 -51.20
N GLY B 344 11.07 11.09 -50.24
CA GLY B 344 9.94 11.98 -50.32
C GLY B 344 8.62 11.39 -49.89
N TYR B 345 8.63 10.21 -49.28
CA TYR B 345 7.42 9.55 -48.81
C TYR B 345 7.62 9.06 -47.39
N ALA B 346 6.53 8.99 -46.64
CA ALA B 346 6.54 8.53 -45.26
C ALA B 346 5.73 7.24 -45.17
N TRP B 347 6.31 6.23 -44.53
CA TRP B 347 5.71 4.91 -44.48
C TRP B 347 4.87 4.73 -43.22
N THR B 348 3.98 3.74 -43.26
CA THR B 348 3.10 3.44 -42.15
C THR B 348 2.78 1.95 -42.19
N VAL B 349 3.19 1.22 -41.14
CA VAL B 349 2.96 -0.21 -41.11
C VAL B 349 1.50 -0.51 -41.40
N ALA B 350 1.25 -1.57 -42.15
CA ALA B 350 -0.10 -2.01 -42.48
C ALA B 350 -0.21 -3.51 -42.28
N GLN B 351 -1.29 -3.95 -41.66
CA GLN B 351 -1.47 -5.37 -41.40
C GLN B 351 -2.90 -5.80 -41.70
N CYS B 352 -3.04 -7.08 -42.05
CA CYS B 352 -4.34 -7.67 -42.33
C CYS B 352 -5.28 -7.48 -41.15
N LYS B 353 -6.51 -7.04 -41.44
CA LYS B 353 -7.48 -6.83 -40.38
C LYS B 353 -8.12 -8.12 -39.89
N ILE B 354 -8.03 -9.19 -40.66
CA ILE B 354 -8.58 -10.46 -40.20
C ILE B 354 -7.63 -11.20 -39.28
N CYS B 355 -6.31 -11.09 -39.50
CA CYS B 355 -5.33 -11.84 -38.73
C CYS B 355 -4.20 -10.99 -38.18
N ALA B 356 -4.19 -9.68 -38.45
CA ALA B 356 -3.15 -8.79 -37.91
C ALA B 356 -1.75 -9.28 -38.27
N SER B 357 -1.58 -9.69 -39.52
CA SER B 357 -0.29 -10.12 -40.03
C SER B 357 0.25 -9.03 -40.97
N HIS B 358 1.46 -8.58 -40.69
CA HIS B 358 2.03 -7.45 -41.42
C HIS B 358 2.08 -7.75 -42.91
N ILE B 359 1.51 -6.85 -43.72
CA ILE B 359 1.44 -7.02 -45.17
C ILE B 359 2.43 -6.09 -45.85
N GLY B 360 2.70 -4.94 -45.25
CA GLY B 360 3.57 -3.96 -45.86
C GLY B 360 3.46 -2.58 -45.25
N TRP B 361 3.53 -1.55 -46.09
CA TRP B 361 3.56 -0.17 -45.63
C TRP B 361 2.73 0.70 -46.56
N LYS B 362 2.27 1.82 -46.03
CA LYS B 362 1.52 2.82 -46.81
C LYS B 362 2.40 4.05 -46.94
N PHE B 363 2.79 4.37 -48.17
CA PHE B 363 3.68 5.49 -48.43
C PHE B 363 2.83 6.69 -48.83
N THR B 364 2.94 7.76 -48.05
CA THR B 364 2.17 8.99 -48.26
C THR B 364 3.14 10.14 -48.47
N ALA B 365 2.93 10.90 -49.55
CA ALA B 365 3.86 11.94 -49.92
C ALA B 365 4.01 12.96 -48.79
N THR B 366 5.26 13.36 -48.53
CA THR B 366 5.55 14.34 -47.49
C THR B 366 5.19 15.76 -47.91
N LYS B 367 5.20 16.05 -49.21
CA LYS B 367 4.85 17.36 -49.71
C LYS B 367 3.68 17.25 -50.68
N LYS B 368 2.91 18.33 -50.79
CA LYS B 368 1.84 18.40 -51.76
C LYS B 368 2.42 18.46 -53.17
N ASP B 369 1.55 18.58 -54.16
CA ASP B 369 1.95 18.67 -55.57
C ASP B 369 2.90 17.53 -55.95
N MET B 370 2.67 16.36 -55.36
CA MET B 370 3.40 15.15 -55.67
C MET B 370 2.47 14.12 -56.28
N SER B 371 3.02 13.27 -57.14
CA SER B 371 2.23 12.24 -57.79
C SER B 371 3.00 10.92 -57.82
N PRO B 372 2.41 9.83 -57.33
CA PRO B 372 1.10 9.71 -56.69
C PRO B 372 1.14 10.25 -55.27
N GLN B 373 0.03 10.79 -54.76
CA GLN B 373 0.03 11.27 -53.39
C GLN B 373 0.23 10.13 -52.40
N LYS B 374 -0.41 8.99 -52.64
CA LYS B 374 -0.35 7.87 -51.72
C LYS B 374 -0.30 6.57 -52.52
N PHE B 375 0.37 5.58 -51.96
CA PHE B 375 0.40 4.24 -52.55
C PHE B 375 0.78 3.26 -51.44
N TRP B 376 0.90 1.98 -51.81
CA TRP B 376 1.22 0.94 -50.86
C TRP B 376 2.39 0.11 -51.35
N GLY B 377 3.25 -0.30 -50.43
CA GLY B 377 4.29 -1.26 -50.73
C GLY B 377 4.05 -2.54 -49.97
N LEU B 378 3.70 -3.61 -50.67
CA LEU B 378 3.34 -4.88 -50.06
C LEU B 378 4.52 -5.84 -50.15
N THR B 379 4.92 -6.38 -49.01
CA THR B 379 6.01 -7.34 -48.99
C THR B 379 5.53 -8.65 -49.60
N ARG B 380 6.25 -9.13 -50.62
CA ARG B 380 5.84 -10.34 -51.30
C ARG B 380 5.77 -11.54 -50.37
N SER B 381 6.66 -11.58 -49.37
CA SER B 381 6.73 -12.73 -48.48
C SER B 381 5.43 -12.94 -47.72
N ALA B 382 4.59 -11.92 -47.62
CA ALA B 382 3.33 -11.99 -46.88
C ALA B 382 2.11 -12.10 -47.78
N LEU B 383 2.29 -12.21 -49.09
CA LEU B 383 1.19 -12.31 -50.04
C LEU B 383 1.05 -13.74 -50.57
N LEU B 384 -0.04 -13.95 -51.31
CA LEU B 384 -0.29 -15.19 -52.02
C LEU B 384 -1.19 -14.88 -53.21
N PRO B 385 -0.75 -15.14 -54.44
CA PRO B 385 -1.63 -14.92 -55.59
C PRO B 385 -2.76 -15.94 -55.62
N THR B 386 -3.85 -15.55 -56.28
CA THR B 386 -5.02 -16.41 -56.40
C THR B 386 -5.54 -16.42 -57.84
N ILE C 7 28.31 -7.35 -8.72
CA ILE C 7 28.74 -5.97 -8.53
C ILE C 7 28.13 -5.09 -9.61
N ILE C 8 27.62 -3.93 -9.21
CA ILE C 8 27.00 -2.99 -10.12
C ILE C 8 27.68 -1.65 -9.96
N ASN C 9 28.07 -1.03 -11.08
CA ASN C 9 28.58 0.33 -11.08
C ASN C 9 27.80 1.23 -12.03
N PHE C 10 26.83 0.71 -12.76
CA PHE C 10 26.00 1.52 -13.63
C PHE C 10 25.27 2.58 -12.81
N ASP C 11 25.31 3.83 -13.29
CA ASP C 11 24.69 4.94 -12.56
C ASP C 11 23.17 4.77 -12.58
N THR C 12 22.60 4.45 -11.43
CA THR C 12 21.19 4.07 -11.36
C THR C 12 20.24 5.23 -11.53
N SER C 13 20.73 6.47 -11.55
CA SER C 13 19.86 7.62 -11.83
C SER C 13 19.76 7.93 -13.31
N LEU C 14 20.57 7.28 -14.16
CA LEU C 14 20.48 7.52 -15.60
C LEU C 14 19.16 7.06 -16.18
N PRO C 15 18.67 5.84 -15.89
CA PRO C 15 17.39 5.44 -16.49
C PRO C 15 16.24 6.36 -16.12
N THR C 16 16.23 6.87 -14.89
CA THR C 16 15.11 7.68 -14.42
C THR C 16 15.00 8.97 -15.21
N SER C 17 16.10 9.46 -15.76
CA SER C 17 16.07 10.72 -16.51
C SER C 17 15.36 10.58 -17.85
N HIS C 18 15.26 9.36 -18.38
CA HIS C 18 14.71 9.13 -19.72
C HIS C 18 15.41 10.03 -20.73
N THR C 19 16.74 10.04 -20.66
CA THR C 19 17.54 10.86 -21.56
C THR C 19 17.36 10.44 -23.01
N TYR C 20 16.93 9.19 -23.26
CA TYR C 20 16.71 8.76 -24.63
C TYR C 20 15.67 9.63 -25.33
N LEU C 21 14.77 10.27 -24.58
CA LEU C 21 13.84 11.22 -25.18
C LEU C 21 14.57 12.47 -25.65
N GLY C 22 15.64 12.83 -24.97
CA GLY C 22 16.46 13.97 -25.34
C GLY C 22 16.70 14.90 -24.16
N ALA C 23 17.55 15.88 -24.41
CA ALA C 23 17.88 16.91 -23.43
C ALA C 23 17.22 18.23 -23.85
N ASP C 24 17.50 19.29 -23.10
CA ASP C 24 16.96 20.61 -23.38
C ASP C 24 15.43 20.64 -23.33
N MET C 25 14.83 19.66 -22.65
CA MET C 25 13.38 19.65 -22.50
C MET C 25 12.93 20.70 -21.51
N GLU C 26 11.79 21.33 -21.80
CA GLU C 26 11.22 22.29 -20.86
C GLU C 26 10.76 21.57 -19.61
N GLU C 27 10.98 22.21 -18.46
CA GLU C 27 10.63 21.64 -17.16
C GLU C 27 9.73 22.60 -16.40
N PHE C 28 8.90 22.03 -15.54
CA PHE C 28 7.91 22.78 -14.76
C PHE C 28 8.03 22.41 -13.30
N HIS C 29 7.67 23.36 -12.44
CA HIS C 29 7.59 23.14 -11.01
C HIS C 29 6.30 23.73 -10.46
N GLY C 30 5.85 23.17 -9.35
CA GLY C 30 4.58 23.57 -8.76
C GLY C 30 3.56 22.46 -8.83
N ARG C 31 3.38 21.73 -7.73
CA ARG C 31 2.46 20.61 -7.71
C ARG C 31 1.02 21.10 -7.66
N THR C 32 0.17 20.49 -8.47
CA THR C 32 -1.23 20.87 -8.60
C THR C 32 -2.08 19.74 -8.02
N LEU C 33 -2.70 19.98 -6.87
CA LEU C 33 -3.49 18.99 -6.18
C LEU C 33 -4.95 19.41 -6.14
N HIS C 34 -5.83 18.42 -6.09
CA HIS C 34 -7.27 18.61 -6.06
C HIS C 34 -7.83 18.07 -4.75
N ASP C 35 -8.79 18.81 -4.18
CA ASP C 35 -9.31 18.44 -2.87
C ASP C 35 -9.84 17.01 -2.89
N ASP C 36 -9.48 16.26 -1.84
CA ASP C 36 -9.36 14.80 -1.92
C ASP C 36 -10.70 14.07 -1.94
N ASP C 37 -11.82 14.77 -2.10
CA ASP C 37 -13.11 14.10 -2.19
C ASP C 37 -14.04 14.67 -3.25
N SER C 38 -13.61 15.72 -3.97
CA SER C 38 -14.48 16.41 -4.90
C SER C 38 -14.53 15.67 -6.24
N CYS C 39 -15.25 16.28 -7.19
CA CYS C 39 -15.40 15.74 -8.53
C CYS C 39 -14.86 16.74 -9.55
N GLN C 40 -14.30 16.21 -10.63
CA GLN C 40 -13.67 17.04 -11.64
C GLN C 40 -13.82 16.39 -13.01
N VAL C 41 -13.53 17.19 -14.04
CA VAL C 41 -13.49 16.76 -15.43
C VAL C 41 -12.04 16.78 -15.89
N ILE C 42 -11.58 15.67 -16.46
CA ILE C 42 -10.16 15.51 -16.79
C ILE C 42 -10.04 14.84 -18.15
N PRO C 43 -9.18 15.33 -19.05
CA PRO C 43 -8.99 14.62 -20.33
C PRO C 43 -8.39 13.25 -20.12
N VAL C 44 -8.80 12.31 -20.96
CA VAL C 44 -8.32 10.94 -20.93
C VAL C 44 -7.45 10.70 -22.15
N LEU C 45 -6.25 10.18 -21.94
CA LEU C 45 -5.36 9.85 -23.05
C LEU C 45 -5.82 8.53 -23.68
N PRO C 46 -6.15 8.50 -24.97
CA PRO C 46 -6.81 7.29 -25.52
C PRO C 46 -5.93 6.05 -25.51
N GLN C 47 -4.71 6.16 -26.03
CA GLN C 47 -3.91 4.98 -26.37
C GLN C 47 -3.05 4.48 -25.23
N VAL C 48 -3.15 5.06 -24.04
CA VAL C 48 -2.32 4.66 -22.89
C VAL C 48 -3.05 3.50 -22.22
N MET C 49 -2.78 2.28 -22.70
CA MET C 49 -3.29 1.07 -22.07
C MET C 49 -2.28 0.62 -21.01
N MET C 50 -2.36 1.26 -19.84
CA MET C 50 -1.44 0.98 -18.76
C MET C 50 -2.06 1.46 -17.45
N ILE C 51 -1.82 0.70 -16.38
CA ILE C 51 -2.25 1.07 -15.05
C ILE C 51 -1.15 1.91 -14.41
N LEU C 52 -1.45 3.18 -14.14
CA LEU C 52 -0.48 4.09 -13.56
C LEU C 52 -0.75 4.25 -12.06
N ILE C 53 0.30 4.11 -11.27
CA ILE C 53 0.21 4.20 -9.82
C ILE C 53 0.82 5.53 -9.39
N PRO C 54 0.33 6.19 -8.34
CA PRO C 54 0.88 7.50 -7.98
C PRO C 54 2.36 7.44 -7.69
N GLY C 55 3.07 8.50 -8.08
CA GLY C 55 4.50 8.57 -7.91
C GLY C 55 5.29 7.82 -8.95
N GLN C 56 4.67 7.42 -10.06
CA GLN C 56 5.29 6.60 -11.09
C GLN C 56 5.40 7.42 -12.37
N THR C 57 6.61 7.49 -12.92
CA THR C 57 6.85 8.25 -14.14
C THR C 57 6.21 7.55 -15.34
N LEU C 58 5.82 8.36 -16.32
CA LEU C 58 5.26 7.86 -17.57
C LEU C 58 5.74 8.75 -18.72
N PRO C 59 6.61 8.26 -19.58
CA PRO C 59 6.97 9.02 -20.78
C PRO C 59 6.03 8.71 -21.93
N LEU C 60 5.86 9.70 -22.80
CA LEU C 60 4.97 9.56 -23.95
C LEU C 60 5.51 10.36 -25.12
N GLN C 61 5.20 9.86 -26.32
CA GLN C 61 5.51 10.50 -27.59
C GLN C 61 4.21 10.49 -28.39
N LEU C 62 3.47 11.61 -28.33
CA LEU C 62 2.16 11.68 -28.94
C LEU C 62 2.26 12.32 -30.33
N PHE C 63 1.52 11.73 -31.27
CA PHE C 63 1.52 12.19 -32.66
C PHE C 63 0.13 12.39 -33.26
N HIS C 64 -0.91 11.78 -32.73
CA HIS C 64 -2.26 12.04 -33.23
C HIS C 64 -2.60 13.52 -33.03
N PRO C 65 -3.21 14.19 -34.00
CA PRO C 65 -3.54 15.61 -33.81
C PRO C 65 -4.43 15.85 -32.61
N GLN C 66 -5.31 14.89 -32.29
CA GLN C 66 -6.16 15.03 -31.12
C GLN C 66 -5.32 15.24 -29.86
N GLU C 67 -4.46 14.26 -29.55
CA GLU C 67 -3.68 14.33 -28.32
C GLU C 67 -2.66 15.46 -28.35
N VAL C 68 -2.10 15.76 -29.53
CA VAL C 68 -1.15 16.85 -29.64
C VAL C 68 -1.82 18.18 -29.28
N SER C 69 -3.00 18.42 -29.85
CA SER C 69 -3.74 19.63 -29.51
C SER C 69 -4.11 19.64 -28.03
N MET C 70 -4.55 18.49 -27.51
CA MET C 70 -4.84 18.40 -26.08
C MET C 70 -3.66 18.88 -25.25
N VAL C 71 -2.47 18.34 -25.51
CA VAL C 71 -1.33 18.60 -24.65
C VAL C 71 -0.88 20.04 -24.81
N ARG C 72 -0.95 20.57 -26.03
CA ARG C 72 -0.66 21.99 -26.23
C ARG C 72 -1.60 22.86 -25.40
N ASN C 73 -2.87 22.46 -25.31
CA ASN C 73 -3.80 23.18 -24.46
C ASN C 73 -3.49 23.00 -22.98
N LEU C 74 -3.10 21.78 -22.59
CA LEU C 74 -2.92 21.46 -21.19
C LEU C 74 -1.73 22.23 -20.60
N ILE C 75 -0.67 22.41 -21.38
CA ILE C 75 0.48 23.12 -20.84
C ILE C 75 0.09 24.55 -20.45
N GLN C 76 -0.94 25.11 -21.11
CA GLN C 76 -1.44 26.44 -20.75
C GLN C 76 -2.49 26.39 -19.66
N LYS C 77 -2.80 25.22 -19.12
CA LYS C 77 -3.80 25.05 -18.08
C LYS C 77 -3.25 24.03 -17.09
N ASP C 78 -4.12 23.48 -16.25
CA ASP C 78 -3.70 22.40 -15.36
C ASP C 78 -3.05 21.29 -16.18
N ARG C 79 -1.78 21.02 -15.90
CA ARG C 79 -1.02 20.08 -16.71
C ARG C 79 -1.33 18.65 -16.31
N THR C 80 -2.62 18.30 -16.29
CA THR C 80 -3.07 17.03 -15.73
C THR C 80 -4.02 16.34 -16.68
N PHE C 81 -3.84 15.03 -16.84
CA PHE C 81 -4.75 14.20 -17.59
C PHE C 81 -5.01 12.93 -16.79
N ALA C 82 -5.86 12.06 -17.30
CA ALA C 82 -6.27 10.85 -16.60
C ALA C 82 -5.80 9.61 -17.33
N VAL C 83 -5.48 8.57 -16.57
CA VAL C 83 -5.14 7.25 -17.08
C VAL C 83 -6.04 6.25 -16.39
N LEU C 84 -6.90 5.60 -17.16
CA LEU C 84 -7.90 4.69 -16.61
C LEU C 84 -7.29 3.30 -16.45
N ALA C 85 -7.49 2.70 -15.27
CA ALA C 85 -6.99 1.36 -14.97
C ALA C 85 -7.98 0.35 -15.52
N TYR C 86 -7.94 0.16 -16.84
CA TYR C 86 -8.81 -0.80 -17.48
C TYR C 86 -8.59 -2.19 -16.88
N SER C 87 -9.67 -2.85 -16.52
CA SER C 87 -9.62 -4.21 -15.99
C SER C 87 -9.82 -5.27 -17.05
N ASN C 88 -10.31 -4.90 -18.23
CA ASN C 88 -10.48 -5.83 -19.33
C ASN C 88 -10.05 -5.18 -20.63
N GLU C 93 -14.67 -0.23 -19.89
CA GLU C 93 -14.47 -1.10 -18.75
C GLU C 93 -13.49 -0.48 -17.75
N ALA C 94 -13.84 0.70 -17.23
CA ALA C 94 -12.98 1.42 -16.30
C ALA C 94 -13.78 1.80 -15.07
N GLN C 95 -13.21 1.55 -13.90
CA GLN C 95 -13.81 1.93 -12.64
C GLN C 95 -12.91 2.80 -11.77
N PHE C 96 -11.60 2.73 -11.94
CA PHE C 96 -10.65 3.53 -11.19
C PHE C 96 -9.52 3.94 -12.10
N GLY C 97 -8.82 5.00 -11.72
CA GLY C 97 -7.68 5.45 -12.49
C GLY C 97 -6.81 6.38 -11.68
N THR C 98 -5.82 6.96 -12.37
CA THR C 98 -4.87 7.86 -11.74
C THR C 98 -4.65 9.08 -12.61
N THR C 99 -4.49 10.24 -11.99
CA THR C 99 -4.20 11.46 -12.71
C THR C 99 -2.69 11.65 -12.84
N ALA C 100 -2.25 11.92 -14.06
CA ALA C 100 -0.84 12.17 -14.35
C ALA C 100 -0.63 13.65 -14.62
N GLU C 101 0.47 14.19 -14.10
CA GLU C 101 0.81 15.60 -14.23
C GLU C 101 2.06 15.75 -15.08
N ILE C 102 1.98 16.59 -16.10
CA ILE C 102 3.11 16.77 -17.02
C ILE C 102 4.18 17.60 -16.33
N TYR C 103 5.40 17.06 -16.27
CA TYR C 103 6.52 17.76 -15.66
C TYR C 103 7.70 17.95 -16.62
N ALA C 104 7.63 17.39 -17.83
CA ALA C 104 8.58 17.78 -18.86
C ALA C 104 7.88 17.68 -20.21
N TYR C 105 8.33 18.50 -21.15
CA TYR C 105 7.57 18.75 -22.38
C TYR C 105 8.50 19.26 -23.46
N ARG C 106 8.29 18.79 -24.70
CA ARG C 106 8.98 19.36 -25.84
C ARG C 106 8.30 18.90 -27.12
N GLU C 107 8.05 19.84 -28.02
CA GLU C 107 7.52 19.54 -29.35
C GLU C 107 8.64 19.56 -30.37
N GLU C 108 8.58 18.63 -31.32
CA GLU C 108 9.53 18.61 -32.42
C GLU C 108 8.78 18.27 -33.70
N GLN C 109 9.43 18.53 -34.84
CA GLN C 109 8.89 18.19 -36.15
C GLN C 109 9.71 17.09 -36.81
N ASP C 110 10.10 16.07 -36.04
CA ASP C 110 11.00 15.05 -36.53
C ASP C 110 10.31 14.16 -37.56
N PHE C 111 11.06 13.84 -38.61
CA PHE C 111 10.65 12.86 -39.61
C PHE C 111 9.25 13.14 -40.15
N GLY C 112 9.00 14.40 -40.45
CA GLY C 112 7.86 14.79 -41.26
C GLY C 112 6.55 14.97 -40.52
N ILE C 113 6.53 14.82 -39.20
CA ILE C 113 5.33 15.08 -38.42
C ILE C 113 5.71 15.83 -37.15
N GLU C 114 4.71 16.51 -36.58
CA GLU C 114 4.87 17.17 -35.29
C GLU C 114 4.53 16.18 -34.19
N ILE C 115 5.53 15.84 -33.38
CA ILE C 115 5.37 14.92 -32.26
C ILE C 115 5.70 15.68 -30.99
N VAL C 116 4.87 15.50 -29.96
CA VAL C 116 5.07 16.13 -28.66
C VAL C 116 5.47 15.04 -27.68
N LYS C 117 6.62 15.21 -27.04
CA LYS C 117 7.13 14.26 -26.06
C LYS C 117 6.99 14.86 -24.68
N VAL C 118 6.37 14.08 -23.78
CA VAL C 118 6.04 14.56 -22.44
C VAL C 118 6.42 13.50 -21.43
N LYS C 119 7.04 13.94 -20.32
CA LYS C 119 7.27 13.09 -19.17
C LYS C 119 6.32 13.55 -18.07
N ALA C 120 5.47 12.63 -17.61
CA ALA C 120 4.43 12.92 -16.64
C ALA C 120 4.60 12.00 -15.43
N ILE C 121 3.85 12.30 -14.37
CA ILE C 121 4.00 11.62 -13.08
C ILE C 121 2.62 11.45 -12.45
N GLY C 122 2.39 10.29 -11.85
CA GLY C 122 1.10 10.01 -11.23
C GLY C 122 1.00 10.69 -9.87
N ARG C 123 -0.13 11.37 -9.65
CA ARG C 123 -0.33 12.14 -8.44
C ARG C 123 -1.48 11.59 -7.58
N GLN C 124 -2.68 11.47 -8.13
CA GLN C 124 -3.86 11.13 -7.36
C GLN C 124 -4.62 9.99 -8.01
N ARG C 125 -5.28 9.19 -7.18
CA ARG C 125 -6.20 8.17 -7.66
C ARG C 125 -7.61 8.75 -7.76
N PHE C 126 -8.47 8.04 -8.47
CA PHE C 126 -9.86 8.47 -8.57
C PHE C 126 -10.72 7.27 -8.96
N LYS C 127 -12.01 7.40 -8.70
CA LYS C 127 -13.03 6.48 -9.19
C LYS C 127 -13.75 7.12 -10.37
N VAL C 128 -14.05 6.33 -11.38
CA VAL C 128 -14.62 6.84 -12.63
C VAL C 128 -16.13 6.91 -12.47
N LEU C 129 -16.69 8.12 -12.59
CA LEU C 129 -18.13 8.32 -12.52
C LEU C 129 -18.77 8.28 -13.89
N GLU C 130 -18.26 9.05 -14.85
CA GLU C 130 -18.78 8.97 -16.22
C GLU C 130 -17.69 9.35 -17.20
N LEU C 131 -17.83 8.84 -18.42
CA LEU C 131 -16.96 9.18 -19.54
C LEU C 131 -17.81 9.79 -20.66
N ARG C 132 -17.33 10.87 -21.26
CA ARG C 132 -18.06 11.58 -22.30
C ARG C 132 -17.15 11.77 -23.50
N THR C 133 -17.50 11.14 -24.62
CA THR C 133 -16.67 11.20 -25.82
C THR C 133 -16.94 12.52 -26.54
N GLN C 134 -16.01 13.45 -26.43
CA GLN C 134 -16.16 14.76 -27.05
C GLN C 134 -16.27 14.62 -28.57
N SER C 135 -16.59 15.73 -29.23
CA SER C 135 -16.69 15.74 -30.68
C SER C 135 -15.36 15.44 -31.35
N ASP C 136 -14.26 15.52 -30.60
CA ASP C 136 -12.93 15.30 -31.15
C ASP C 136 -12.57 13.82 -31.22
N GLY C 137 -13.47 12.93 -30.79
CA GLY C 137 -13.14 11.54 -30.59
C GLY C 137 -12.48 11.25 -29.27
N ILE C 138 -12.31 12.26 -28.42
CA ILE C 138 -11.60 12.16 -27.16
C ILE C 138 -12.61 12.00 -26.03
N GLN C 139 -12.17 11.40 -24.93
CA GLN C 139 -13.02 11.24 -23.76
C GLN C 139 -12.62 12.21 -22.66
N GLN C 140 -13.62 12.86 -22.08
CA GLN C 140 -13.47 13.60 -20.84
C GLN C 140 -14.09 12.79 -19.73
N ALA C 141 -13.34 12.57 -18.65
CA ALA C 141 -13.79 11.76 -17.53
C ALA C 141 -14.24 12.69 -16.41
N LYS C 142 -15.49 12.51 -15.97
CA LYS C 142 -15.97 13.11 -14.74
C LYS C 142 -15.75 12.07 -13.65
N VAL C 143 -14.83 12.39 -12.73
CA VAL C 143 -14.37 11.45 -11.71
C VAL C 143 -14.40 12.13 -10.35
N GLN C 144 -14.31 11.33 -9.30
CA GLN C 144 -14.25 11.82 -7.93
C GLN C 144 -12.92 11.41 -7.31
N ILE C 145 -12.17 12.41 -6.81
CA ILE C 145 -10.88 12.13 -6.21
C ILE C 145 -11.05 11.21 -5.01
N LEU C 146 -10.07 10.33 -4.80
CA LEU C 146 -10.02 9.48 -3.64
C LEU C 146 -8.96 9.98 -2.67
N PRO C 147 -9.24 10.02 -1.36
CA PRO C 147 -8.23 10.46 -0.39
C PRO C 147 -7.36 9.31 0.10
N GLU C 148 -6.19 9.68 0.60
CA GLU C 148 -5.29 8.74 1.25
C GLU C 148 -5.61 8.72 2.74
N CYS C 149 -6.22 7.62 3.19
CA CYS C 149 -6.67 7.50 4.59
C CYS C 149 -5.46 7.19 5.46
N VAL C 150 -4.89 8.24 6.04
CA VAL C 150 -3.73 8.12 6.92
C VAL C 150 -4.24 7.93 8.34
N LEU C 151 -3.94 6.78 8.94
CA LEU C 151 -4.41 6.45 10.27
C LEU C 151 -3.31 6.70 11.29
N PRO C 152 -3.68 7.02 12.53
CA PRO C 152 -2.68 7.26 13.57
C PRO C 152 -2.11 5.93 14.06
N SER C 153 -1.26 6.03 15.08
CA SER C 153 -0.76 4.82 15.73
C SER C 153 -1.91 4.09 16.39
N THR C 154 -1.87 2.75 16.36
CA THR C 154 -2.92 1.98 17.00
C THR C 154 -2.99 2.22 18.50
N MET C 155 -1.92 2.75 19.09
CA MET C 155 -1.83 2.94 20.53
C MET C 155 -2.20 4.34 20.98
N SER C 156 -2.36 5.29 20.06
CA SER C 156 -2.65 6.66 20.46
C SER C 156 -3.93 6.75 21.29
N ALA C 157 -4.92 5.90 21.00
CA ALA C 157 -6.17 5.94 21.73
C ALA C 157 -6.03 5.36 23.13
N VAL C 158 -5.25 4.29 23.26
CA VAL C 158 -5.13 3.55 24.52
C VAL C 158 -3.84 3.85 25.27
N GLN C 159 -3.01 4.75 24.74
CA GLN C 159 -1.73 5.03 25.35
C GLN C 159 -1.90 5.59 26.76
N LEU C 160 -1.01 5.18 27.66
CA LEU C 160 -0.98 5.73 29.01
C LEU C 160 -0.15 7.00 29.04
N GLU C 161 -0.65 8.01 29.74
CA GLU C 161 -0.01 9.32 29.71
C GLU C 161 1.35 9.31 30.39
N SER C 162 1.46 8.62 31.52
CA SER C 162 2.69 8.70 32.31
C SER C 162 3.91 8.22 31.53
N LEU C 163 3.73 7.27 30.60
CA LEU C 163 4.83 6.80 29.77
C LEU C 163 4.73 7.30 28.34
N ASN C 164 3.92 8.33 28.08
CA ASN C 164 4.00 9.01 26.80
C ASN C 164 5.38 9.59 26.55
N LYS C 165 6.16 9.80 27.61
CA LYS C 165 7.53 10.25 27.46
C LYS C 165 8.42 9.22 26.79
N CYS C 166 8.03 7.94 26.83
CA CYS C 166 8.84 6.86 26.28
C CYS C 166 8.51 6.55 24.83
N GLN C 167 7.80 7.45 24.14
CA GLN C 167 7.40 7.22 22.77
C GLN C 167 8.45 7.66 21.75
N ILE C 168 9.58 8.20 22.19
CA ILE C 168 10.66 8.64 21.31
C ILE C 168 11.84 7.72 21.52
N PHE C 169 12.27 7.04 20.45
CA PHE C 169 13.28 6.01 20.50
C PHE C 169 14.60 6.51 19.93
N PRO C 170 15.74 6.17 20.55
CA PRO C 170 17.02 6.35 19.86
C PRO C 170 17.20 5.27 18.82
N SER C 171 17.45 5.68 17.58
CA SER C 171 17.46 4.79 16.43
C SER C 171 18.87 4.62 15.88
N LYS C 172 19.29 3.37 15.75
CA LYS C 172 20.52 3.03 15.05
C LYS C 172 20.26 1.92 14.04
N SER C 181 20.63 -5.49 15.13
CA SER C 181 19.43 -4.68 14.89
C SER C 181 18.17 -5.44 15.30
N TYR C 182 18.24 -6.77 15.26
CA TYR C 182 17.09 -7.57 15.68
C TYR C 182 16.66 -7.22 17.10
N LYS C 183 17.61 -7.24 18.04
CA LYS C 183 17.29 -6.86 19.41
C LYS C 183 16.67 -5.48 19.47
N TRP C 184 17.08 -4.58 18.55
CA TRP C 184 16.48 -3.26 18.51
C TRP C 184 14.99 -3.33 18.19
N TRP C 185 14.62 -4.17 17.21
CA TRP C 185 13.20 -4.28 16.87
C TRP C 185 12.43 -5.01 17.95
N GLN C 186 13.07 -5.93 18.67
CA GLN C 186 12.37 -6.54 19.81
C GLN C 186 12.11 -5.52 20.89
N LYS C 187 13.10 -4.66 21.20
CA LYS C 187 12.87 -3.57 22.13
C LYS C 187 11.78 -2.64 21.61
N TYR C 188 11.76 -2.41 20.31
CA TYR C 188 10.76 -1.53 19.71
C TYR C 188 9.35 -2.07 19.92
N GLN C 189 9.16 -3.36 19.62
CA GLN C 189 7.86 -3.96 19.85
C GLN C 189 7.48 -3.93 21.32
N LYS C 190 8.45 -4.21 22.21
CA LYS C 190 8.13 -4.24 23.63
C LYS C 190 7.73 -2.86 24.15
N ARG C 191 8.39 -1.81 23.69
CA ARG C 191 8.20 -0.49 24.27
C ARG C 191 7.07 0.30 23.60
N LYS C 192 6.89 0.16 22.28
CA LYS C 192 5.84 0.91 21.61
C LYS C 192 4.46 0.37 21.95
N PHE C 193 4.30 -0.95 21.98
CA PHE C 193 3.02 -1.58 22.24
C PHE C 193 2.89 -2.08 23.68
N HIS C 194 3.48 -1.36 24.62
CA HIS C 194 3.31 -1.71 26.03
C HIS C 194 1.84 -1.64 26.43
N CYS C 195 1.19 -0.52 26.13
CA CYS C 195 -0.22 -0.33 26.43
C CYS C 195 -1.12 -1.27 25.63
N ALA C 196 -0.55 -2.14 24.80
CA ALA C 196 -1.32 -3.25 24.25
C ALA C 196 -1.81 -4.18 25.34
N ASN C 197 -1.23 -4.11 26.54
CA ASN C 197 -1.74 -4.89 27.66
C ASN C 197 -3.10 -4.41 28.13
N LEU C 198 -3.48 -3.18 27.83
CA LEU C 198 -4.80 -2.67 28.22
C LEU C 198 -5.91 -3.23 27.35
N THR C 199 -5.60 -3.58 26.11
CA THR C 199 -6.60 -4.03 25.16
C THR C 199 -6.75 -5.54 25.22
N SER C 200 -7.44 -6.12 24.25
CA SER C 200 -7.72 -7.54 24.20
C SER C 200 -6.83 -8.29 23.22
N TRP C 201 -5.79 -7.67 22.71
CA TRP C 201 -4.90 -8.27 21.73
C TRP C 201 -3.45 -8.13 22.17
N PRO C 202 -2.57 -8.99 21.69
CA PRO C 202 -1.17 -8.94 22.09
C PRO C 202 -0.35 -7.96 21.27
N ARG C 203 0.89 -7.77 21.69
CA ARG C 203 1.79 -6.85 21.00
C ARG C 203 2.09 -7.33 19.58
N TRP C 204 2.42 -8.60 19.42
CA TRP C 204 2.75 -9.11 18.10
C TRP C 204 1.58 -8.96 17.15
N LEU C 205 0.35 -8.96 17.66
CA LEU C 205 -0.81 -8.74 16.81
C LEU C 205 -0.83 -7.30 16.29
N TYR C 206 -0.53 -6.33 17.17
CA TYR C 206 -0.47 -4.94 16.73
C TYR C 206 0.69 -4.69 15.78
N SER C 207 1.76 -5.47 15.91
CA SER C 207 2.90 -5.31 15.00
C SER C 207 2.55 -5.64 13.57
N LEU C 208 1.50 -6.44 13.34
CA LEU C 208 1.07 -6.74 11.98
C LEU C 208 0.34 -5.58 11.32
N TYR C 209 0.04 -4.52 12.07
CA TYR C 209 -0.63 -3.34 11.53
C TYR C 209 0.20 -2.08 11.70
N ASP C 210 1.46 -2.21 12.09
CA ASP C 210 2.34 -1.06 12.27
C ASP C 210 3.04 -0.73 10.97
N ALA C 211 3.04 0.54 10.59
CA ALA C 211 3.64 0.92 9.32
C ALA C 211 5.13 0.66 9.31
N GLU C 212 5.81 0.96 10.41
CA GLU C 212 7.26 0.82 10.45
C GLU C 212 7.68 -0.64 10.32
N THR C 213 7.05 -1.53 11.09
CA THR C 213 7.42 -2.94 11.02
C THR C 213 7.10 -3.52 9.65
N LEU C 214 5.97 -3.14 9.07
CA LEU C 214 5.62 -3.62 7.74
C LEU C 214 6.63 -3.15 6.71
N MET C 215 7.03 -1.87 6.78
CA MET C 215 8.02 -1.36 5.85
C MET C 215 9.35 -2.06 6.00
N ASP C 216 9.78 -2.29 7.24
CA ASP C 216 11.05 -2.99 7.45
C ASP C 216 10.98 -4.42 6.94
N ARG C 217 9.86 -5.11 7.17
CA ARG C 217 9.71 -6.46 6.67
C ARG C 217 9.78 -6.47 5.14
N ILE C 218 9.11 -5.52 4.50
CA ILE C 218 9.17 -5.47 3.04
C ILE C 218 10.59 -5.20 2.57
N LYS C 219 11.29 -4.25 3.20
CA LYS C 219 12.66 -3.96 2.79
C LYS C 219 13.52 -5.21 2.88
N LYS C 220 13.43 -5.94 3.99
CA LYS C 220 14.23 -7.14 4.16
C LYS C 220 13.85 -8.19 3.13
N GLN C 221 12.55 -8.34 2.86
CA GLN C 221 12.09 -9.41 1.98
C GLN C 221 12.50 -9.13 0.54
N LEU C 222 12.51 -7.85 0.14
CA LEU C 222 13.12 -7.47 -1.14
C LEU C 222 14.61 -7.78 -1.14
N ARG C 223 15.34 -7.31 -0.13
CA ARG C 223 16.79 -7.49 -0.14
C ARG C 223 17.16 -8.96 -0.18
N GLU C 224 16.25 -9.84 0.22
CA GLU C 224 16.48 -11.26 0.04
C GLU C 224 16.59 -11.61 -1.44
N TRP C 225 15.72 -11.02 -2.29
CA TRP C 225 15.84 -11.27 -3.73
C TRP C 225 16.99 -10.46 -4.33
N ASP C 226 16.91 -9.13 -4.25
CA ASP C 226 17.95 -8.26 -4.77
C ASP C 226 19.03 -8.11 -3.70
N GLU C 227 20.19 -8.72 -3.95
CA GLU C 227 21.27 -8.66 -2.96
C GLU C 227 21.75 -7.23 -2.75
N ASN C 228 21.87 -6.46 -3.83
CA ASN C 228 22.44 -5.13 -3.74
C ASN C 228 21.44 -4.06 -3.33
N LEU C 229 20.18 -4.43 -3.08
CA LEU C 229 19.15 -3.45 -2.73
C LEU C 229 19.67 -2.49 -1.66
N LEU C 234 14.39 2.66 -1.30
CA LEU C 234 12.99 2.90 -1.00
C LEU C 234 12.83 4.12 -0.09
N PRO C 235 11.70 4.81 -0.20
CA PRO C 235 11.49 6.02 0.62
C PRO C 235 11.25 5.72 2.08
N SER C 236 10.94 6.75 2.87
CA SER C 236 10.72 6.59 4.30
C SER C 236 9.27 6.74 4.73
N ASN C 237 8.51 7.62 4.10
CA ASN C 237 7.11 7.68 4.53
C ASN C 237 6.38 6.42 4.06
N PRO C 238 5.41 5.92 4.84
CA PRO C 238 4.73 4.68 4.44
C PRO C 238 3.95 4.80 3.15
N ILE C 239 3.38 5.96 2.84
CA ILE C 239 2.54 6.09 1.65
C ILE C 239 3.38 5.92 0.39
N ASP C 240 4.46 6.70 0.29
CA ASP C 240 5.34 6.58 -0.87
C ASP C 240 5.95 5.20 -0.94
N PHE C 241 6.32 4.63 0.20
CA PHE C 241 6.88 3.29 0.22
C PHE C 241 5.90 2.28 -0.36
N SER C 242 4.64 2.34 0.07
CA SER C 242 3.64 1.40 -0.43
C SER C 242 3.42 1.59 -1.92
N TYR C 243 3.36 2.84 -2.38
CA TYR C 243 3.16 3.09 -3.81
C TYR C 243 4.31 2.54 -4.63
N ARG C 244 5.55 2.83 -4.20
CA ARG C 244 6.72 2.35 -4.92
C ARG C 244 6.76 0.83 -4.96
N VAL C 245 6.43 0.18 -3.84
CA VAL C 245 6.44 -1.28 -3.82
C VAL C 245 5.37 -1.83 -4.74
N ALA C 246 4.21 -1.18 -4.80
CA ALA C 246 3.16 -1.64 -5.71
C ALA C 246 3.57 -1.50 -7.16
N ALA C 247 4.22 -0.39 -7.51
CA ALA C 247 4.58 -0.14 -8.90
C ALA C 247 5.69 -1.06 -9.40
N CYS C 248 6.58 -1.51 -8.51
CA CYS C 248 7.78 -2.22 -8.93
C CYS C 248 7.73 -3.70 -8.60
N LEU C 249 6.54 -4.29 -8.60
CA LEU C 249 6.39 -5.72 -8.33
C LEU C 249 6.12 -6.48 -9.63
N PRO C 250 6.55 -7.74 -9.72
CA PRO C 250 6.26 -8.54 -10.92
C PRO C 250 4.87 -9.18 -10.85
N ILE C 251 3.85 -8.37 -11.09
CA ILE C 251 2.48 -8.76 -10.82
C ILE C 251 1.59 -8.40 -12.00
N ASP C 252 0.53 -9.17 -12.17
CA ASP C 252 -0.39 -9.00 -13.31
C ASP C 252 -1.31 -7.81 -13.06
N ASP C 253 -2.31 -7.65 -13.93
CA ASP C 253 -3.14 -6.44 -13.90
C ASP C 253 -4.17 -6.48 -12.79
N VAL C 254 -4.74 -7.65 -12.51
CA VAL C 254 -5.84 -7.72 -11.55
C VAL C 254 -5.36 -7.33 -10.16
N LEU C 255 -4.25 -7.91 -9.72
CA LEU C 255 -3.70 -7.55 -8.41
C LEU C 255 -3.19 -6.11 -8.40
N ARG C 256 -2.72 -5.62 -9.56
CA ARG C 256 -2.34 -4.21 -9.64
C ARG C 256 -3.52 -3.30 -9.34
N ILE C 257 -4.67 -3.58 -9.94
CA ILE C 257 -5.86 -2.77 -9.66
C ILE C 257 -6.30 -2.97 -8.22
N GLN C 258 -6.19 -4.20 -7.71
CA GLN C 258 -6.53 -4.45 -6.30
C GLN C 258 -5.72 -3.56 -5.38
N LEU C 259 -4.42 -3.48 -5.60
CA LEU C 259 -3.59 -2.58 -4.81
C LEU C 259 -3.95 -1.12 -5.05
N LEU C 260 -4.33 -0.77 -6.28
CA LEU C 260 -4.66 0.61 -6.56
C LEU C 260 -5.90 1.07 -5.81
N LYS C 261 -6.91 0.21 -5.73
CA LYS C 261 -8.16 0.61 -5.09
C LYS C 261 -8.08 0.54 -3.57
N ILE C 262 -7.07 -0.13 -3.00
CA ILE C 262 -6.86 -0.09 -1.55
C ILE C 262 -6.45 1.33 -1.16
N GLY C 263 -7.12 1.87 -0.15
CA GLY C 263 -7.01 3.27 0.19
C GLY C 263 -6.15 3.64 1.38
N SER C 264 -5.59 2.68 2.10
CA SER C 264 -4.79 2.95 3.29
C SER C 264 -3.38 2.39 3.11
N ALA C 265 -2.40 3.14 3.59
CA ALA C 265 -1.01 2.71 3.46
C ALA C 265 -0.77 1.39 4.20
N ILE C 266 -1.41 1.21 5.35
CA ILE C 266 -1.19 -0.01 6.12
C ILE C 266 -1.78 -1.22 5.40
N GLN C 267 -3.02 -1.09 4.92
CA GLN C 267 -3.63 -2.17 4.17
C GLN C 267 -2.85 -2.47 2.90
N ARG C 268 -2.39 -1.42 2.22
CA ARG C 268 -1.61 -1.60 1.00
C ARG C 268 -0.30 -2.34 1.30
N LEU C 269 0.38 -1.97 2.39
CA LEU C 269 1.60 -2.66 2.77
C LEU C 269 1.34 -4.13 3.08
N ARG C 270 0.27 -4.42 3.81
CA ARG C 270 -0.03 -5.80 4.15
C ARG C 270 -0.33 -6.62 2.90
N CYS C 271 -1.13 -6.07 1.99
CA CYS C 271 -1.44 -6.78 0.75
C CYS C 271 -0.19 -6.96 -0.09
N GLU C 272 0.68 -5.94 -0.14
CA GLU C 272 1.93 -6.07 -0.87
C GLU C 272 2.78 -7.19 -0.29
N LEU C 273 2.85 -7.28 1.03
CA LEU C 273 3.63 -8.35 1.65
C LEU C 273 3.07 -9.72 1.29
N ASP C 274 1.75 -9.87 1.36
CA ASP C 274 1.13 -11.13 0.98
C ASP C 274 1.43 -11.49 -0.47
N ILE C 275 1.16 -10.57 -1.39
CA ILE C 275 1.41 -10.81 -2.81
C ILE C 275 2.87 -11.12 -3.04
N MET C 276 3.75 -10.42 -2.32
CA MET C 276 5.18 -10.62 -2.46
C MET C 276 5.58 -12.04 -2.07
N ASN C 277 5.00 -12.53 -0.97
CA ASN C 277 5.27 -13.89 -0.54
C ASN C 277 4.79 -14.92 -1.57
N LYS C 278 3.59 -14.71 -2.12
CA LYS C 278 2.98 -15.77 -2.92
C LYS C 278 3.70 -16.01 -4.24
N CYS C 279 4.14 -14.94 -4.91
CA CYS C 279 4.66 -15.07 -6.27
C CYS C 279 5.90 -15.96 -6.29
N THR C 280 6.03 -16.75 -7.37
CA THR C 280 7.16 -17.69 -7.48
C THR C 280 7.90 -17.61 -8.81
N SER C 281 7.22 -17.44 -9.94
CA SER C 281 7.86 -17.57 -11.24
C SER C 281 7.08 -16.81 -12.29
N LEU C 282 7.73 -16.58 -13.44
CA LEU C 282 7.13 -15.88 -14.56
C LEU C 282 7.36 -16.68 -15.84
N CYS C 283 6.28 -16.88 -16.59
CA CYS C 283 6.27 -17.71 -17.79
C CYS C 283 5.82 -16.89 -18.99
N CYS C 284 5.99 -17.46 -20.18
CA CYS C 284 5.53 -16.81 -21.41
C CYS C 284 4.01 -16.86 -21.48
N LYS C 285 3.39 -15.72 -21.80
CA LYS C 285 1.94 -15.62 -21.71
C LYS C 285 1.23 -16.52 -22.73
N GLN C 286 1.75 -16.57 -23.97
CA GLN C 286 1.06 -17.34 -25.01
C GLN C 286 1.23 -18.85 -24.84
N CYS C 287 2.33 -19.30 -24.26
CA CYS C 287 2.51 -20.69 -23.86
C CYS C 287 2.88 -20.67 -22.38
N GLN C 288 1.94 -21.06 -21.53
CA GLN C 288 2.05 -20.80 -20.10
C GLN C 288 3.05 -21.72 -19.41
N GLU C 289 3.42 -22.85 -20.04
CA GLU C 289 4.32 -23.80 -19.43
C GLU C 289 5.79 -23.44 -19.63
N THR C 290 6.09 -22.37 -20.36
CA THR C 290 7.47 -21.98 -20.63
C THR C 290 7.91 -20.98 -19.57
N GLU C 291 8.75 -21.45 -18.64
CA GLU C 291 9.23 -20.59 -17.57
C GLU C 291 10.32 -19.68 -18.09
N ILE C 292 10.04 -18.38 -18.13
CA ILE C 292 11.04 -17.40 -18.54
C ILE C 292 11.99 -17.05 -17.41
N THR C 293 11.48 -16.88 -16.20
CA THR C 293 12.37 -16.49 -15.10
C THR C 293 11.70 -16.77 -13.77
N THR C 294 12.47 -16.55 -12.70
CA THR C 294 12.01 -16.73 -11.33
C THR C 294 12.28 -15.45 -10.55
N LYS C 295 11.55 -15.29 -9.45
CA LYS C 295 11.55 -14.03 -8.72
C LYS C 295 12.91 -13.67 -8.14
N ASN C 296 13.84 -14.62 -8.08
CA ASN C 296 15.15 -14.34 -7.50
C ASN C 296 16.10 -13.67 -8.49
N GLU C 297 15.78 -13.68 -9.78
CA GLU C 297 16.61 -12.98 -10.76
C GLU C 297 16.30 -11.49 -10.83
N ILE C 298 15.16 -11.07 -10.29
CA ILE C 298 14.78 -9.66 -10.36
C ILE C 298 15.82 -8.83 -9.61
N PHE C 299 16.40 -7.85 -10.30
CA PHE C 299 17.31 -6.91 -9.68
C PHE C 299 16.99 -5.51 -10.18
N SER C 300 17.28 -4.51 -9.35
CA SER C 300 16.93 -3.12 -9.63
C SER C 300 18.13 -2.42 -10.24
N LEU C 301 18.07 -2.18 -11.55
CA LEU C 301 19.13 -1.48 -12.25
C LEU C 301 18.94 0.04 -12.23
N SER C 302 17.77 0.53 -11.85
CA SER C 302 17.50 1.94 -11.70
C SER C 302 17.02 2.23 -10.29
N LEU C 303 17.23 3.47 -9.84
CA LEU C 303 16.85 3.84 -8.47
C LEU C 303 15.35 3.90 -8.27
N CYS C 304 14.55 3.80 -9.33
CA CYS C 304 13.10 3.78 -9.21
C CYS C 304 12.53 2.39 -9.02
N GLY C 305 13.35 1.34 -9.13
CA GLY C 305 12.92 0.00 -8.81
C GLY C 305 13.20 -1.01 -9.90
N PRO C 306 12.92 -2.29 -9.62
CA PRO C 306 13.17 -3.33 -10.63
C PRO C 306 12.42 -3.13 -11.94
N MET C 307 11.26 -2.48 -11.92
CA MET C 307 10.42 -2.36 -13.11
C MET C 307 10.07 -0.90 -13.34
N ALA C 308 10.03 -0.50 -14.60
CA ALA C 308 9.71 0.89 -14.92
C ALA C 308 9.14 0.98 -16.32
N ALA C 309 8.43 2.08 -16.58
CA ALA C 309 7.76 2.29 -17.86
C ALA C 309 8.63 3.16 -18.75
N TYR C 310 8.95 2.65 -19.94
CA TYR C 310 9.73 3.35 -20.96
C TYR C 310 8.90 3.45 -22.23
N VAL C 311 9.38 4.27 -23.16
CA VAL C 311 8.73 4.48 -24.45
C VAL C 311 9.72 4.14 -25.55
N ASN C 312 9.26 3.40 -26.56
CA ASN C 312 10.09 3.12 -27.73
C ASN C 312 9.92 4.24 -28.75
N PRO C 313 10.71 4.23 -29.82
CA PRO C 313 10.69 5.39 -30.74
C PRO C 313 9.34 5.69 -31.36
N HIS C 314 8.39 4.76 -31.32
CA HIS C 314 7.10 4.96 -31.99
C HIS C 314 5.94 5.22 -31.04
N GLY C 315 6.21 5.43 -29.75
CA GLY C 315 5.17 5.84 -28.83
C GLY C 315 4.39 4.71 -28.20
N TYR C 316 5.03 3.58 -27.95
CA TYR C 316 4.44 2.47 -27.22
C TYR C 316 5.16 2.33 -25.88
N VAL C 317 4.39 2.22 -24.81
CA VAL C 317 4.94 2.16 -23.47
C VAL C 317 5.13 0.70 -23.08
N HIS C 318 6.32 0.37 -22.60
CA HIS C 318 6.63 -0.97 -22.10
C HIS C 318 7.00 -0.87 -20.64
N GLU C 319 6.38 -1.70 -19.80
CA GLU C 319 6.78 -1.86 -18.41
C GLU C 319 7.88 -2.90 -18.35
N THR C 320 9.12 -2.45 -18.44
CA THR C 320 10.27 -3.34 -18.52
C THR C 320 10.71 -3.72 -17.11
N LEU C 321 10.92 -5.02 -16.90
CA LEU C 321 11.43 -5.58 -15.66
C LEU C 321 12.84 -6.08 -15.91
N THR C 322 13.80 -5.63 -15.10
CA THR C 322 15.18 -6.04 -15.24
C THR C 322 15.43 -7.31 -14.44
N VAL C 323 15.98 -8.33 -15.10
CA VAL C 323 16.38 -9.57 -14.43
C VAL C 323 17.79 -9.91 -14.86
N TYR C 324 18.44 -10.74 -14.04
CA TYR C 324 19.82 -11.13 -14.30
C TYR C 324 19.92 -12.29 -15.28
N LYS C 325 18.97 -13.22 -15.24
CA LYS C 325 19.04 -14.43 -16.04
C LYS C 325 17.65 -14.80 -16.54
N ALA C 326 17.53 -15.05 -17.83
CA ALA C 326 16.29 -15.47 -18.45
C ALA C 326 16.51 -16.76 -19.21
N CYS C 327 15.45 -17.53 -19.39
CA CYS C 327 15.54 -18.85 -19.99
C CYS C 327 14.50 -18.99 -21.09
N ASN C 328 14.78 -19.88 -22.04
CA ASN C 328 13.90 -20.15 -23.18
C ASN C 328 13.63 -18.88 -23.98
N LEU C 329 14.67 -18.06 -24.15
CA LEU C 329 14.59 -16.85 -24.98
C LEU C 329 15.59 -16.99 -26.12
N ASN C 330 15.13 -16.68 -27.32
CA ASN C 330 15.97 -16.63 -28.51
C ASN C 330 16.29 -15.18 -28.81
N LEU C 331 17.58 -14.89 -28.96
CA LEU C 331 18.04 -13.59 -29.42
C LEU C 331 17.79 -13.45 -30.91
N ILE C 332 17.48 -12.23 -31.34
CA ILE C 332 17.12 -11.96 -32.73
C ILE C 332 17.64 -10.58 -33.09
N GLY C 333 18.13 -10.47 -34.32
CA GLY C 333 18.56 -9.21 -34.88
C GLY C 333 19.94 -8.79 -34.39
N ARG C 334 20.37 -7.67 -34.90
CA ARG C 334 21.61 -7.07 -34.47
C ARG C 334 21.44 -6.37 -33.14
N PRO C 335 22.48 -6.33 -32.30
CA PRO C 335 22.48 -5.40 -31.18
C PRO C 335 22.48 -3.96 -31.67
N SER C 336 21.79 -3.10 -30.93
CA SER C 336 21.79 -1.68 -31.26
C SER C 336 21.75 -0.89 -29.97
N THR C 337 22.51 0.21 -29.94
CA THR C 337 22.48 1.17 -28.83
C THR C 337 21.58 2.35 -29.16
N GLU C 338 20.61 2.15 -30.05
CA GLU C 338 19.71 3.19 -30.49
C GLU C 338 18.55 3.34 -29.51
N HIS C 339 18.33 4.57 -29.06
CA HIS C 339 17.21 4.88 -28.17
C HIS C 339 17.24 4.01 -26.93
N SER C 340 18.43 3.57 -26.53
CA SER C 340 18.55 2.63 -25.43
C SER C 340 17.99 3.24 -24.15
N TRP C 341 17.17 2.47 -23.44
CA TRP C 341 16.58 2.89 -22.20
C TRP C 341 17.54 2.82 -21.02
N PHE C 342 18.67 2.13 -21.18
CA PHE C 342 19.67 1.97 -20.14
C PHE C 342 21.00 2.41 -20.74
N PRO C 343 21.33 3.69 -20.64
CA PRO C 343 22.49 4.22 -21.38
C PRO C 343 23.75 3.42 -21.08
N GLY C 344 24.51 3.14 -22.14
CA GLY C 344 25.68 2.29 -22.05
C GLY C 344 25.45 0.85 -22.42
N TYR C 345 24.23 0.49 -22.83
CA TYR C 345 23.89 -0.88 -23.17
C TYR C 345 23.21 -0.93 -24.53
N ALA C 346 23.30 -2.08 -25.17
CA ALA C 346 22.63 -2.35 -26.44
C ALA C 346 21.39 -3.19 -26.16
N TRP C 347 20.74 -3.68 -27.22
CA TRP C 347 19.60 -4.55 -27.05
C TRP C 347 19.47 -5.47 -28.25
N THR C 348 19.12 -6.73 -28.00
CA THR C 348 18.82 -7.72 -29.02
C THR C 348 17.41 -8.22 -28.72
N VAL C 349 16.58 -8.37 -29.76
CA VAL C 349 15.17 -8.66 -29.51
C VAL C 349 15.04 -10.10 -29.05
N ALA C 350 14.52 -10.31 -27.85
CA ALA C 350 14.39 -11.65 -27.29
C ALA C 350 12.94 -12.12 -27.38
N GLN C 351 12.75 -13.32 -27.91
CA GLN C 351 11.40 -13.85 -28.01
C GLN C 351 11.38 -15.32 -27.66
N CYS C 352 10.22 -15.79 -27.19
CA CYS C 352 10.08 -17.14 -26.70
C CYS C 352 10.47 -18.15 -27.78
N LYS C 353 11.25 -19.15 -27.40
CA LYS C 353 11.72 -20.15 -28.36
C LYS C 353 10.71 -21.24 -28.62
N ILE C 354 9.65 -21.34 -27.81
CA ILE C 354 8.63 -22.35 -28.06
C ILE C 354 7.59 -21.82 -29.05
N CYS C 355 7.19 -20.56 -28.92
CA CYS C 355 6.14 -19.99 -29.75
C CYS C 355 6.55 -18.70 -30.45
N ALA C 356 7.80 -18.26 -30.30
CA ALA C 356 8.33 -17.13 -31.08
C ALA C 356 7.52 -15.85 -30.86
N SER C 357 7.15 -15.59 -29.62
CA SER C 357 6.46 -14.36 -29.24
C SER C 357 7.43 -13.48 -28.45
N HIS C 358 7.47 -12.20 -28.79
CA HIS C 358 8.40 -11.26 -28.18
C HIS C 358 8.20 -11.20 -26.67
N ILE C 359 9.27 -11.44 -25.91
CA ILE C 359 9.22 -11.33 -24.46
C ILE C 359 9.96 -10.10 -23.95
N GLY C 360 10.99 -9.65 -24.64
CA GLY C 360 11.75 -8.51 -24.18
C GLY C 360 13.03 -8.37 -24.98
N TRP C 361 14.00 -7.69 -24.37
CA TRP C 361 15.29 -7.43 -25.00
C TRP C 361 16.40 -7.88 -24.07
N LYS C 362 17.56 -8.13 -24.67
CA LYS C 362 18.75 -8.59 -23.96
C LYS C 362 19.79 -7.49 -24.02
N PHE C 363 20.07 -6.87 -22.87
CA PHE C 363 20.95 -5.72 -22.80
C PHE C 363 22.36 -6.17 -22.45
N THR C 364 23.34 -5.66 -23.19
CA THR C 364 24.74 -6.01 -23.02
C THR C 364 25.58 -4.74 -22.96
N ALA C 365 26.67 -4.81 -22.21
CA ALA C 365 27.55 -3.66 -22.05
C ALA C 365 28.30 -3.38 -23.34
N THR C 366 28.47 -2.09 -23.66
CA THR C 366 29.26 -1.68 -24.80
C THR C 366 30.73 -1.44 -24.44
N LYS C 367 31.07 -1.50 -23.15
CA LYS C 367 32.42 -1.24 -22.68
C LYS C 367 32.85 -2.34 -21.73
N LYS C 368 34.16 -2.49 -21.58
CA LYS C 368 34.71 -3.31 -20.51
C LYS C 368 34.89 -2.45 -19.27
N ASP C 369 34.96 -3.12 -18.12
CA ASP C 369 35.00 -2.59 -16.76
C ASP C 369 33.61 -2.18 -16.27
N MET C 370 32.58 -2.28 -17.10
CA MET C 370 31.23 -2.02 -16.66
C MET C 370 30.64 -3.27 -15.99
N SER C 371 29.51 -3.08 -15.33
CA SER C 371 28.81 -4.22 -14.73
C SER C 371 27.41 -3.77 -14.35
N PRO C 372 26.39 -4.61 -14.58
CA PRO C 372 26.45 -5.95 -15.15
C PRO C 372 26.71 -5.93 -16.65
N GLN C 373 27.52 -6.86 -17.15
CA GLN C 373 27.76 -6.97 -18.58
C GLN C 373 26.56 -7.51 -19.34
N LYS C 374 25.52 -7.93 -18.63
CA LYS C 374 24.39 -8.60 -19.26
C LYS C 374 23.19 -8.50 -18.33
N PHE C 375 22.02 -8.24 -18.91
CA PHE C 375 20.78 -8.41 -18.18
C PHE C 375 19.65 -8.48 -19.21
N TRP C 376 18.44 -8.72 -18.71
CA TRP C 376 17.28 -8.90 -19.58
C TRP C 376 16.18 -7.93 -19.16
N GLY C 377 15.67 -7.17 -20.12
CA GLY C 377 14.51 -6.34 -19.89
C GLY C 377 13.28 -6.99 -20.46
N LEU C 378 12.42 -7.53 -19.61
CA LEU C 378 11.26 -8.28 -20.04
C LEU C 378 10.02 -7.40 -19.95
N THR C 379 9.26 -7.34 -21.04
CA THR C 379 8.04 -6.53 -21.04
C THR C 379 6.96 -7.25 -20.23
N ARG C 380 6.31 -6.52 -19.33
CA ARG C 380 5.40 -7.15 -18.38
C ARG C 380 4.23 -7.82 -19.09
N SER C 381 3.75 -7.21 -20.18
CA SER C 381 2.59 -7.75 -20.88
C SER C 381 2.89 -9.06 -21.61
N ALA C 382 4.15 -9.45 -21.72
CA ALA C 382 4.53 -10.72 -22.34
C ALA C 382 4.79 -11.82 -21.32
N LEU C 383 4.55 -11.57 -20.04
CA LEU C 383 4.83 -12.52 -18.99
C LEU C 383 3.56 -12.80 -18.19
N LEU C 384 3.57 -13.93 -17.51
CA LEU C 384 2.43 -14.39 -16.70
C LEU C 384 2.97 -14.95 -15.39
N PRO C 385 2.61 -14.39 -14.24
CA PRO C 385 3.04 -14.97 -12.97
C PRO C 385 2.41 -16.32 -12.71
N THR C 386 3.13 -17.15 -11.96
CA THR C 386 2.65 -18.48 -11.60
C THR C 386 3.40 -18.97 -10.36
ZN ZN D . -4.71 -12.21 -43.01
C10 A1IW1 E . 12.49 -2.06 -38.10
C11 A1IW1 E . 12.07 -2.39 -39.38
C12 A1IW1 E . 11.80 -1.38 -40.31
C13 A1IW1 E . 11.97 -0.05 -39.97
C14 A1IW1 E . 11.66 0.80 -41.16
C16 A1IW1 E . 11.01 0.13 -43.57
C17 A1IW1 E . 9.61 0.70 -43.77
C18 A1IW1 E . 9.42 1.04 -45.25
C19 A1IW1 E . 10.49 1.94 -45.77
C2 A1IW1 E . 11.80 -4.24 -31.09
C22 A1IW1 E . 12.07 1.04 -44.14
C24 A1IW1 E . 11.39 -1.47 -41.73
C26 A1IW1 E . 12.39 0.29 -38.70
C27 A1IW1 E . 12.65 -0.71 -37.77
C28 A1IW1 E . 13.00 -2.77 -35.75
C29 A1IW1 E . 11.55 -4.53 -34.64
C30 A1IW1 E . 11.10 -3.71 -33.45
C31 A1IW1 E . 10.44 -4.76 -30.78
C32 A1IW1 E . 9.61 -4.06 -29.91
C33 A1IW1 E . 8.34 -4.55 -29.61
C34 A1IW1 E . 7.90 -5.72 -30.17
C35 A1IW1 E . 8.71 -6.41 -31.04
C36 A1IW1 E . 9.98 -5.94 -31.35
C4 A1IW1 E . 13.40 -3.39 -32.75
C5 A1IW1 E . 13.91 -4.24 -33.90
C6 A1IW1 E . 12.96 -4.17 -35.10
C7 A1IW1 E . 13.44 -5.08 -36.25
C8 A1IW1 E . 12.82 -4.47 -37.49
N15 A1IW1 E . 11.32 -0.19 -42.19
N21 A1IW1 E . 11.68 1.94 -45.08
N3 A1IW1 E . 12.06 -3.82 -32.35
N9 A1IW1 E . 12.77 -3.04 -37.17
O1 A1IW1 E . 12.64 -4.21 -30.22
O20 A1IW1 E . 10.34 2.66 -46.75
O23 A1IW1 E . 13.24 0.97 -43.77
O25 A1IW1 E . 11.13 -2.46 -42.38
H11 A1IW1 E . 11.94 -3.32 -39.67
H14A A1IW1 E . 12.44 1.32 -41.46
H14B A1IW1 E . 10.88 1.38 -41.00
H16 A1IW1 E . 11.07 -0.71 -44.08
H17B A1IW1 E . 8.94 0.05 -43.48
H17A A1IW1 E . 9.49 1.51 -43.25
H18B A1IW1 E . 8.55 1.49 -45.38
H18A A1IW1 E . 9.42 0.23 -45.78
H26 A1IW1 E . 12.50 1.22 -38.44
H27 A1IW1 E . 12.95 -0.43 -36.88
H28A A1IW1 E . 13.86 -2.34 -35.59
H28B A1IW1 E . 12.29 -2.20 -35.42
H29A A1IW1 E . 10.90 -4.40 -35.36
H29B A1IW1 E . 11.50 -5.48 -34.41
H30A A1IW1 E . 11.07 -2.76 -33.70
H30B A1IW1 E . 10.18 -3.94 -33.21
H32 A1IW1 E . 9.92 -3.23 -29.50
H33 A1IW1 E . 7.77 -4.05 -28.99
H34 A1IW1 E . 7.00 -6.06 -29.97
H35 A1IW1 E . 8.39 -7.24 -31.45
H36 A1IW1 E . 10.54 -6.44 -31.96
H4A A1IW1 E . 14.00 -3.45 -31.97
H4B A1IW1 E . 13.37 -2.44 -33.00
H5B A1IW1 E . 14.06 -5.15 -33.59
H5A A1IW1 E . 14.80 -3.91 -34.16
H7A A1IW1 E . 13.08 -5.99 -36.13
H7B A1IW1 E . 14.41 -5.17 -36.33
H8B A1IW1 E . 13.38 -4.62 -38.27
H8A A1IW1 E . 11.93 -4.84 -37.65
H21 A1IW1 E . 12.24 2.59 -45.27
ZN ZN F . 6.00 -18.75 -25.61
C10 A1IW1 G . 10.61 -0.17 -32.88
C11 A1IW1 G . 10.50 -0.51 -31.52
C12 A1IW1 G . 11.61 -0.41 -30.69
C13 A1IW1 G . 12.83 0.03 -31.18
C14 A1IW1 G . 13.83 0.07 -30.07
C16 A1IW1 G . 13.55 -0.47 -27.56
C17 A1IW1 G . 14.46 -1.67 -27.31
C18 A1IW1 G . 15.00 -1.62 -25.88
C19 A1IW1 G . 15.68 -0.32 -25.60
C2 A1IW1 G . 8.10 -2.09 -39.57
C22 A1IW1 G . 14.21 0.84 -27.18
C24 A1IW1 G . 11.75 -0.68 -29.24
C26 A1IW1 G . 12.94 0.37 -32.52
C27 A1IW1 G . 11.85 0.26 -33.36
C28 A1IW1 G . 9.62 -0.14 -35.18
C29 A1IW1 G . 8.19 -2.07 -36.01
C30 A1IW1 G . 9.00 -2.42 -37.24
C31 A1IW1 G . 7.99 -3.57 -39.75
C32 A1IW1 G . 8.89 -4.27 -40.54
C33 A1IW1 G . 8.77 -5.63 -40.70
C34 A1IW1 G . 7.75 -6.32 -40.07
C35 A1IW1 G . 6.85 -5.64 -39.28
C36 A1IW1 G . 6.97 -4.28 -39.12
C4 A1IW1 G . 8.69 -0.18 -38.14
C5 A1IW1 G . 7.84 0.23 -36.94
C6 A1IW1 G . 8.24 -0.57 -35.69
C7 A1IW1 G . 7.32 -0.22 -34.49
C8 A1IW1 G . 8.17 -0.56 -33.28
N15 A1IW1 G . 13.04 -0.39 -28.92
N21 A1IW1 G . 15.31 0.74 -26.36
N3 A1IW1 G . 8.56 -1.61 -38.40
N9 A1IW1 G . 9.53 -0.27 -33.73
O1 A1IW1 G . 7.76 -1.36 -40.47
O20 A1IW1 G . 16.54 -0.20 -24.73
O23 A1IW1 G . 13.79 1.92 -27.57
O25 A1IW1 G . 10.91 -1.10 -28.47
H11 A1IW1 G . 9.66 -0.83 -31.14
H14A A1IW1 G . 14.16 0.98 -29.90
H14B A1IW1 G . 14.57 -0.55 -30.22
H16 A1IW1 G . 12.76 -0.57 -26.97
H17B A1IW1 G . 13.97 -2.50 -27.46
H17A A1IW1 G . 15.22 -1.67 -27.93
H18B A1IW1 G . 15.64 -2.35 -25.73
H18A A1IW1 G . 14.25 -1.73 -25.25
H26 A1IW1 G . 13.80 0.68 -32.88
H27 A1IW1 G . 11.97 0.51 -34.30
H28A A1IW1 G . 9.83 0.78 -35.46
H28B A1IW1 G . 10.33 -0.73 -35.52
H29A A1IW1 G . 8.55 -2.59 -35.25
H29B A1IW1 G . 7.27 -2.36 -36.13
H30A A1IW1 G . 9.94 -2.21 -37.10
H30B A1IW1 G . 8.98 -3.39 -37.39
H32 A1IW1 G . 9.61 -3.79 -40.98
H33 A1IW1 G . 9.41 -6.11 -41.25
H34 A1IW1 G . 7.67 -7.29 -40.19
H35 A1IW1 G . 6.12 -6.13 -38.84
H36 A1IW1 G . 6.31 -3.80 -38.56
H4A A1IW1 G . 8.42 0.32 -38.94
H4B A1IW1 G . 9.63 0.02 -37.97
H5B A1IW1 G . 6.89 0.13 -37.16
H5A A1IW1 G . 7.97 1.19 -36.77
H7A A1IW1 G . 6.53 -0.81 -34.49
H7B A1IW1 G . 7.00 0.71 -34.48
H8B A1IW1 G . 7.94 0.01 -32.52
H8A A1IW1 G . 8.04 -1.50 -33.02
H21 A1IW1 G . 15.83 1.46 -26.33
#